data_4AAZ
# 
_entry.id   4AAZ 
# 
_audit_conform.dict_name       mmcif_pdbx.dic 
_audit_conform.dict_version    5.398 
_audit_conform.dict_location   http://mmcif.pdb.org/dictionaries/ascii/mmcif_pdbx.dic 
# 
loop_
_database_2.database_id 
_database_2.database_code 
_database_2.pdbx_database_accession 
_database_2.pdbx_DOI 
PDB   4AAZ         pdb_00004aaz 10.2210/pdb4aaz/pdb 
PDBE  EBI-50220    ?            ?                   
WWPDB D_1290050220 ?            ?                   
# 
loop_
_pdbx_audit_revision_history.ordinal 
_pdbx_audit_revision_history.data_content_type 
_pdbx_audit_revision_history.major_revision 
_pdbx_audit_revision_history.minor_revision 
_pdbx_audit_revision_history.revision_date 
1 'Structure model' 1 0 2012-04-25 
2 'Structure model' 1 1 2012-06-20 
3 'Structure model' 1 2 2012-08-08 
4 'Structure model' 1 3 2024-11-06 
# 
_pdbx_audit_revision_details.ordinal             1 
_pdbx_audit_revision_details.revision_ordinal    1 
_pdbx_audit_revision_details.data_content_type   'Structure model' 
_pdbx_audit_revision_details.provider            repository 
_pdbx_audit_revision_details.type                'Initial release' 
_pdbx_audit_revision_details.description         ? 
_pdbx_audit_revision_details.details             ? 
# 
loop_
_pdbx_audit_revision_group.ordinal 
_pdbx_audit_revision_group.revision_ordinal 
_pdbx_audit_revision_group.data_content_type 
_pdbx_audit_revision_group.group 
1 2 'Structure model' Other                  
2 3 'Structure model' 'Derived calculations' 
3 4 'Structure model' 'Data collection'      
4 4 'Structure model' 'Database references'  
5 4 'Structure model' 'Derived calculations' 
6 4 'Structure model' Other                  
7 4 'Structure model' 'Structure summary'    
# 
loop_
_pdbx_audit_revision_category.ordinal 
_pdbx_audit_revision_category.revision_ordinal 
_pdbx_audit_revision_category.data_content_type 
_pdbx_audit_revision_category.category 
1 4 'Structure model' chem_comp_atom            
2 4 'Structure model' chem_comp_bond            
3 4 'Structure model' database_2                
4 4 'Structure model' pdbx_database_status      
5 4 'Structure model' pdbx_entry_details        
6 4 'Structure model' pdbx_modification_feature 
7 4 'Structure model' struct_site               
# 
loop_
_pdbx_audit_revision_item.ordinal 
_pdbx_audit_revision_item.revision_ordinal 
_pdbx_audit_revision_item.data_content_type 
_pdbx_audit_revision_item.item 
1 4 'Structure model' '_database_2.pdbx_DOI'                 
2 4 'Structure model' '_database_2.pdbx_database_accession'  
3 4 'Structure model' '_pdbx_database_status.status_code_sf' 
4 4 'Structure model' '_struct_site.pdbx_auth_asym_id'       
5 4 'Structure model' '_struct_site.pdbx_auth_comp_id'       
6 4 'Structure model' '_struct_site.pdbx_auth_seq_id'        
# 
_pdbx_database_status.status_code                     REL 
_pdbx_database_status.entry_id                        4AAZ 
_pdbx_database_status.deposit_site                    PDBE 
_pdbx_database_status.process_site                    PDBE 
_pdbx_database_status.SG_entry                        . 
_pdbx_database_status.recvd_initial_deposition_date   2011-12-06 
_pdbx_database_status.pdb_format_compatible           Y 
_pdbx_database_status.status_code_sf                  REL 
_pdbx_database_status.status_code_mr                  ? 
_pdbx_database_status.status_code_cs                  ? 
_pdbx_database_status.methods_development_category    ? 
_pdbx_database_status.status_code_nmr_data            ? 
# 
_pdbx_database_related.db_name        PDB 
_pdbx_database_related.db_id          4AB0 
_pdbx_database_related.content_type   unspecified 
_pdbx_database_related.details        'X-RAY CRYSTAL STRUCTURE OF NICOTIANA ALATA DEFENSIN NAD1' 
# 
loop_
_audit_author.name 
_audit_author.pdbx_ordinal 
'Lay, F.T.'     1 
'Mills, G.D.'   2 
'Hulett, M.D.'  3 
'Kvansakul, M.' 4 
# 
_citation.id                        primary 
_citation.title                     'Dimerization of Plant Defensin Nad1 Enhances its Antifungal Activity.' 
_citation.journal_abbrev            J.Biol.Chem. 
_citation.journal_volume            287 
_citation.page_first                19961 
_citation.page_last                 ? 
_citation.year                      2012 
_citation.journal_id_ASTM           JBCHA3 
_citation.country                   US 
_citation.journal_id_ISSN           0021-9258 
_citation.journal_id_CSD            0071 
_citation.book_publisher            ? 
_citation.pdbx_database_id_PubMed   22511788 
_citation.pdbx_database_id_DOI      10.1074/JBC.M111.331009 
# 
loop_
_citation_author.citation_id 
_citation_author.name 
_citation_author.ordinal 
_citation_author.identifier_ORCID 
primary 'Lay, F.T.'             1  ? 
primary 'Mills, G.D.'           2  ? 
primary 'Poon, I.K.'            3  ? 
primary 'Cowieson, N.P.'        4  ? 
primary 'Kirby, N.'             5  ? 
primary 'Baxter, A.A.'          6  ? 
primary 'Van Der Weerden, N.L.' 7  ? 
primary 'Dogovski, C.'          8  ? 
primary 'Perugini, M.A.'        9  ? 
primary 'Anderson, M.A.'        10 ? 
primary 'Kvansakul, M.'         11 ? 
primary 'Hulett, M.D.'          12 ? 
# 
loop_
_entity.id 
_entity.type 
_entity.src_method 
_entity.pdbx_description 
_entity.formula_weight 
_entity.pdbx_number_of_molecules 
_entity.pdbx_ec 
_entity.pdbx_mutation 
_entity.pdbx_fragment 
_entity.details 
1 polymer     nat 'FLOWER-SPECIFIC DEFENSIN' 5315.377 2   ? ? 'RESIDUES 26-72' ? 
2 non-polymer syn 1,2-ETHANEDIOL             62.068   5   ? ? ?                ? 
3 non-polymer syn 'PHOSPHATE ION'            94.971   1   ? ? ?                ? 
4 water       nat water                      18.015   124 ? ? ?                ? 
# 
_entity_name_com.entity_id   1 
_entity_name_com.name        NAD1 
# 
_entity_poly.entity_id                      1 
_entity_poly.type                           'polypeptide(L)' 
_entity_poly.nstd_linkage                   no 
_entity_poly.nstd_monomer                   no 
_entity_poly.pdbx_seq_one_letter_code       RECKTESNTFPGICITKPPCRKACISEKFTDGHCSKILRRCLCTKPC 
_entity_poly.pdbx_seq_one_letter_code_can   RECKTESNTFPGICITKPPCRKACISEKFTDGHCSKILRRCLCTKPC 
_entity_poly.pdbx_strand_id                 A,B 
_entity_poly.pdbx_target_identifier         ? 
# 
loop_
_pdbx_entity_nonpoly.entity_id 
_pdbx_entity_nonpoly.name 
_pdbx_entity_nonpoly.comp_id 
2 1,2-ETHANEDIOL  EDO 
3 'PHOSPHATE ION' PO4 
4 water           HOH 
# 
loop_
_entity_poly_seq.entity_id 
_entity_poly_seq.num 
_entity_poly_seq.mon_id 
_entity_poly_seq.hetero 
1 1  ARG n 
1 2  GLU n 
1 3  CYS n 
1 4  LYS n 
1 5  THR n 
1 6  GLU n 
1 7  SER n 
1 8  ASN n 
1 9  THR n 
1 10 PHE n 
1 11 PRO n 
1 12 GLY n 
1 13 ILE n 
1 14 CYS n 
1 15 ILE n 
1 16 THR n 
1 17 LYS n 
1 18 PRO n 
1 19 PRO n 
1 20 CYS n 
1 21 ARG n 
1 22 LYS n 
1 23 ALA n 
1 24 CYS n 
1 25 ILE n 
1 26 SER n 
1 27 GLU n 
1 28 LYS n 
1 29 PHE n 
1 30 THR n 
1 31 ASP n 
1 32 GLY n 
1 33 HIS n 
1 34 CYS n 
1 35 SER n 
1 36 LYS n 
1 37 ILE n 
1 38 LEU n 
1 39 ARG n 
1 40 ARG n 
1 41 CYS n 
1 42 LEU n 
1 43 CYS n 
1 44 THR n 
1 45 LYS n 
1 46 PRO n 
1 47 CYS n 
# 
_entity_src_nat.entity_id                  1 
_entity_src_nat.pdbx_src_id                1 
_entity_src_nat.pdbx_alt_source_flag       sample 
_entity_src_nat.pdbx_beg_seq_num           ? 
_entity_src_nat.pdbx_end_seq_num           ? 
_entity_src_nat.common_name                'PERSIAN TOBACCO' 
_entity_src_nat.pdbx_organism_scientific   'NICOTIANA ALATA' 
_entity_src_nat.pdbx_ncbi_taxonomy_id      4087 
_entity_src_nat.genus                      ? 
_entity_src_nat.species                    ? 
_entity_src_nat.strain                     ? 
_entity_src_nat.tissue                     ? 
_entity_src_nat.tissue_fraction            ? 
_entity_src_nat.pdbx_secretion             ? 
_entity_src_nat.pdbx_fragment              ? 
_entity_src_nat.pdbx_variant               ? 
_entity_src_nat.pdbx_cell_line             ? 
_entity_src_nat.pdbx_atcc                  ? 
_entity_src_nat.pdbx_cellular_location     ? 
_entity_src_nat.pdbx_organ                 ? 
_entity_src_nat.pdbx_organelle             ? 
_entity_src_nat.pdbx_cell                  ? 
_entity_src_nat.pdbx_plasmid_name          ? 
_entity_src_nat.pdbx_plasmid_details       ? 
_entity_src_nat.details                    ? 
# 
loop_
_chem_comp.id 
_chem_comp.type 
_chem_comp.mon_nstd_flag 
_chem_comp.name 
_chem_comp.pdbx_synonyms 
_chem_comp.formula 
_chem_comp.formula_weight 
ALA 'L-peptide linking' y ALANINE         ?                 'C3 H7 N O2'     89.093  
ARG 'L-peptide linking' y ARGININE        ?                 'C6 H15 N4 O2 1' 175.209 
ASN 'L-peptide linking' y ASPARAGINE      ?                 'C4 H8 N2 O3'    132.118 
ASP 'L-peptide linking' y 'ASPARTIC ACID' ?                 'C4 H7 N O4'     133.103 
CYS 'L-peptide linking' y CYSTEINE        ?                 'C3 H7 N O2 S'   121.158 
EDO non-polymer         . 1,2-ETHANEDIOL  'ETHYLENE GLYCOL' 'C2 H6 O2'       62.068  
GLU 'L-peptide linking' y 'GLUTAMIC ACID' ?                 'C5 H9 N O4'     147.129 
GLY 'peptide linking'   y GLYCINE         ?                 'C2 H5 N O2'     75.067  
HIS 'L-peptide linking' y HISTIDINE       ?                 'C6 H10 N3 O2 1' 156.162 
HOH non-polymer         . WATER           ?                 'H2 O'           18.015  
ILE 'L-peptide linking' y ISOLEUCINE      ?                 'C6 H13 N O2'    131.173 
LEU 'L-peptide linking' y LEUCINE         ?                 'C6 H13 N O2'    131.173 
LYS 'L-peptide linking' y LYSINE          ?                 'C6 H15 N2 O2 1' 147.195 
PHE 'L-peptide linking' y PHENYLALANINE   ?                 'C9 H11 N O2'    165.189 
PO4 non-polymer         . 'PHOSPHATE ION' ?                 'O4 P -3'        94.971  
PRO 'L-peptide linking' y PROLINE         ?                 'C5 H9 N O2'     115.130 
SER 'L-peptide linking' y SERINE          ?                 'C3 H7 N O3'     105.093 
THR 'L-peptide linking' y THREONINE       ?                 'C4 H9 N O3'     119.119 
# 
loop_
_pdbx_poly_seq_scheme.asym_id 
_pdbx_poly_seq_scheme.entity_id 
_pdbx_poly_seq_scheme.seq_id 
_pdbx_poly_seq_scheme.mon_id 
_pdbx_poly_seq_scheme.ndb_seq_num 
_pdbx_poly_seq_scheme.pdb_seq_num 
_pdbx_poly_seq_scheme.auth_seq_num 
_pdbx_poly_seq_scheme.pdb_mon_id 
_pdbx_poly_seq_scheme.auth_mon_id 
_pdbx_poly_seq_scheme.pdb_strand_id 
_pdbx_poly_seq_scheme.pdb_ins_code 
_pdbx_poly_seq_scheme.hetero 
A 1 1  ARG 1  1  1  ARG ARG A . n 
A 1 2  GLU 2  2  2  GLU GLU A . n 
A 1 3  CYS 3  3  3  CYS CYS A . n 
A 1 4  LYS 4  4  4  LYS LYS A . n 
A 1 5  THR 5  5  5  THR THR A . n 
A 1 6  GLU 6  6  6  GLU GLU A . n 
A 1 7  SER 7  7  7  SER SER A . n 
A 1 8  ASN 8  8  8  ASN ASN A . n 
A 1 9  THR 9  9  9  THR THR A . n 
A 1 10 PHE 10 10 10 PHE PHE A . n 
A 1 11 PRO 11 11 11 PRO PRO A . n 
A 1 12 GLY 12 12 12 GLY GLY A . n 
A 1 13 ILE 13 13 13 ILE ILE A . n 
A 1 14 CYS 14 14 14 CYS CYS A . n 
A 1 15 ILE 15 15 15 ILE ILE A . n 
A 1 16 THR 16 16 16 THR THR A . n 
A 1 17 LYS 17 17 17 LYS LYS A . n 
A 1 18 PRO 18 18 18 PRO PRO A . n 
A 1 19 PRO 19 19 19 PRO PRO A . n 
A 1 20 CYS 20 20 20 CYS CYS A . n 
A 1 21 ARG 21 21 21 ARG ARG A . n 
A 1 22 LYS 22 22 22 LYS LYS A . n 
A 1 23 ALA 23 23 23 ALA ALA A . n 
A 1 24 CYS 24 24 24 CYS CYS A . n 
A 1 25 ILE 25 25 25 ILE ILE A . n 
A 1 26 SER 26 26 26 SER SER A . n 
A 1 27 GLU 27 27 27 GLU GLU A . n 
A 1 28 LYS 28 28 28 LYS LYS A . n 
A 1 29 PHE 29 29 29 PHE PHE A . n 
A 1 30 THR 30 30 30 THR THR A . n 
A 1 31 ASP 31 31 31 ASP ASP A . n 
A 1 32 GLY 32 32 32 GLY GLY A . n 
A 1 33 HIS 33 33 33 HIS HIS A . n 
A 1 34 CYS 34 34 34 CYS CYS A . n 
A 1 35 SER 35 35 35 SER SER A . n 
A 1 36 LYS 36 36 36 LYS LYS A . n 
A 1 37 ILE 37 37 37 ILE ILE A . n 
A 1 38 LEU 38 38 38 LEU LEU A . n 
A 1 39 ARG 39 39 39 ARG ARG A . n 
A 1 40 ARG 40 40 40 ARG ARG A . n 
A 1 41 CYS 41 41 41 CYS CYS A . n 
A 1 42 LEU 42 42 42 LEU LEU A . n 
A 1 43 CYS 43 43 43 CYS CYS A . n 
A 1 44 THR 44 44 44 THR THR A . n 
A 1 45 LYS 45 45 45 LYS LYS A . n 
A 1 46 PRO 46 46 46 PRO PRO A . n 
A 1 47 CYS 47 47 47 CYS CYS A . n 
B 1 1  ARG 1  1  1  ARG ARG B . n 
B 1 2  GLU 2  2  2  GLU GLU B . n 
B 1 3  CYS 3  3  3  CYS CYS B . n 
B 1 4  LYS 4  4  4  LYS LYS B . n 
B 1 5  THR 5  5  5  THR THR B . n 
B 1 6  GLU 6  6  6  GLU GLU B . n 
B 1 7  SER 7  7  7  SER SER B . n 
B 1 8  ASN 8  8  8  ASN ASN B . n 
B 1 9  THR 9  9  9  THR THR B . n 
B 1 10 PHE 10 10 10 PHE PHE B . n 
B 1 11 PRO 11 11 11 PRO PRO B . n 
B 1 12 GLY 12 12 12 GLY GLY B . n 
B 1 13 ILE 13 13 13 ILE ILE B . n 
B 1 14 CYS 14 14 14 CYS CYS B . n 
B 1 15 ILE 15 15 15 ILE ILE B . n 
B 1 16 THR 16 16 16 THR THR B . n 
B 1 17 LYS 17 17 17 LYS LYS B . n 
B 1 18 PRO 18 18 18 PRO PRO B . n 
B 1 19 PRO 19 19 19 PRO PRO B . n 
B 1 20 CYS 20 20 20 CYS CYS B . n 
B 1 21 ARG 21 21 21 ARG ARG B . n 
B 1 22 LYS 22 22 22 LYS LYS B . n 
B 1 23 ALA 23 23 23 ALA ALA B . n 
B 1 24 CYS 24 24 24 CYS CYS B . n 
B 1 25 ILE 25 25 25 ILE ILE B . n 
B 1 26 SER 26 26 26 SER SER B . n 
B 1 27 GLU 27 27 27 GLU GLU B . n 
B 1 28 LYS 28 28 28 LYS LYS B . n 
B 1 29 PHE 29 29 29 PHE PHE B . n 
B 1 30 THR 30 30 30 THR THR B . n 
B 1 31 ASP 31 31 31 ASP ASP B . n 
B 1 32 GLY 32 32 32 GLY GLY B . n 
B 1 33 HIS 33 33 33 HIS HIS B . n 
B 1 34 CYS 34 34 34 CYS CYS B . n 
B 1 35 SER 35 35 35 SER SER B . n 
B 1 36 LYS 36 36 36 LYS LYS B . n 
B 1 37 ILE 37 37 37 ILE ILE B . n 
B 1 38 LEU 38 38 38 LEU LEU B . n 
B 1 39 ARG 39 39 39 ARG ARG B . n 
B 1 40 ARG 40 40 40 ARG ARG B . n 
B 1 41 CYS 41 41 41 CYS CYS B . n 
B 1 42 LEU 42 42 42 LEU LEU B . n 
B 1 43 CYS 43 43 43 CYS CYS B . n 
B 1 44 THR 44 44 44 THR THR B . n 
B 1 45 LYS 45 45 45 LYS LYS B . n 
B 1 46 PRO 46 46 46 PRO PRO B . n 
B 1 47 CYS 47 47 47 CYS CYS B . n 
# 
loop_
_pdbx_nonpoly_scheme.asym_id 
_pdbx_nonpoly_scheme.entity_id 
_pdbx_nonpoly_scheme.mon_id 
_pdbx_nonpoly_scheme.ndb_seq_num 
_pdbx_nonpoly_scheme.pdb_seq_num 
_pdbx_nonpoly_scheme.auth_seq_num 
_pdbx_nonpoly_scheme.pdb_mon_id 
_pdbx_nonpoly_scheme.auth_mon_id 
_pdbx_nonpoly_scheme.pdb_strand_id 
_pdbx_nonpoly_scheme.pdb_ins_code 
C 2 EDO 1  1048 1048 EDO EDO A . 
D 2 EDO 1  1049 1049 EDO EDO A . 
E 2 EDO 1  1050 1050 EDO EDO A . 
F 3 PO4 1  1051 1051 PO4 PO4 A . 
G 2 EDO 1  1048 1048 EDO EDO B . 
H 2 EDO 1  1049 1049 EDO EDO B . 
I 4 HOH 1  2001 2001 HOH HOH A . 
I 4 HOH 2  2002 2002 HOH HOH A . 
I 4 HOH 3  2003 2003 HOH HOH A . 
I 4 HOH 4  2004 2004 HOH HOH A . 
I 4 HOH 5  2005 2005 HOH HOH A . 
I 4 HOH 6  2006 2006 HOH HOH A . 
I 4 HOH 7  2007 2007 HOH HOH A . 
I 4 HOH 8  2008 2008 HOH HOH A . 
I 4 HOH 9  2009 2009 HOH HOH A . 
I 4 HOH 10 2010 2010 HOH HOH A . 
I 4 HOH 11 2011 2011 HOH HOH A . 
I 4 HOH 12 2012 2012 HOH HOH A . 
I 4 HOH 13 2013 2013 HOH HOH A . 
I 4 HOH 14 2014 2014 HOH HOH A . 
I 4 HOH 15 2015 2015 HOH HOH A . 
I 4 HOH 16 2016 2016 HOH HOH A . 
I 4 HOH 17 2017 2017 HOH HOH A . 
I 4 HOH 18 2018 2018 HOH HOH A . 
I 4 HOH 19 2019 2019 HOH HOH A . 
I 4 HOH 20 2020 2020 HOH HOH A . 
I 4 HOH 21 2021 2021 HOH HOH A . 
I 4 HOH 22 2022 2022 HOH HOH A . 
I 4 HOH 23 2023 2023 HOH HOH A . 
I 4 HOH 24 2024 2024 HOH HOH A . 
I 4 HOH 25 2025 2025 HOH HOH A . 
I 4 HOH 26 2026 2026 HOH HOH A . 
I 4 HOH 27 2027 2027 HOH HOH A . 
I 4 HOH 28 2028 2028 HOH HOH A . 
I 4 HOH 29 2029 2029 HOH HOH A . 
I 4 HOH 30 2030 2030 HOH HOH A . 
I 4 HOH 31 2031 2031 HOH HOH A . 
I 4 HOH 32 2032 2032 HOH HOH A . 
I 4 HOH 33 2033 2033 HOH HOH A . 
I 4 HOH 34 2034 2034 HOH HOH A . 
I 4 HOH 35 2035 2035 HOH HOH A . 
I 4 HOH 36 2036 2036 HOH HOH A . 
I 4 HOH 37 2037 2037 HOH HOH A . 
I 4 HOH 38 2038 2038 HOH HOH A . 
I 4 HOH 39 2039 2039 HOH HOH A . 
I 4 HOH 40 2040 2040 HOH HOH A . 
I 4 HOH 41 2041 2041 HOH HOH A . 
I 4 HOH 42 2042 2042 HOH HOH A . 
I 4 HOH 43 2043 2043 HOH HOH A . 
I 4 HOH 44 2044 2044 HOH HOH A . 
I 4 HOH 45 2045 2045 HOH HOH A . 
I 4 HOH 46 2046 2046 HOH HOH A . 
I 4 HOH 47 2047 2047 HOH HOH A . 
I 4 HOH 48 2048 2048 HOH HOH A . 
I 4 HOH 49 2049 2049 HOH HOH A . 
I 4 HOH 50 2050 2050 HOH HOH A . 
I 4 HOH 51 2051 2051 HOH HOH A . 
I 4 HOH 52 2052 2052 HOH HOH A . 
I 4 HOH 53 2053 2053 HOH HOH A . 
I 4 HOH 54 2054 2054 HOH HOH A . 
I 4 HOH 55 2055 2055 HOH HOH A . 
I 4 HOH 56 2056 2056 HOH HOH A . 
I 4 HOH 57 2057 2057 HOH HOH A . 
I 4 HOH 58 2058 2058 HOH HOH A . 
I 4 HOH 59 2059 2059 HOH HOH A . 
I 4 HOH 60 2060 2060 HOH HOH A . 
I 4 HOH 61 2061 2061 HOH HOH A . 
I 4 HOH 62 2062 2062 HOH HOH A . 
I 4 HOH 63 2063 2063 HOH HOH A . 
I 4 HOH 64 2064 2064 HOH HOH A . 
I 4 HOH 65 2065 2065 HOH HOH A . 
I 4 HOH 66 2066 2066 HOH HOH A . 
I 4 HOH 67 2067 2067 HOH HOH A . 
I 4 HOH 68 2068 2068 HOH HOH A . 
I 4 HOH 69 2069 2069 HOH HOH A . 
I 4 HOH 70 2070 2070 HOH HOH A . 
I 4 HOH 71 2071 2071 HOH HOH A . 
I 4 HOH 72 2072 2072 HOH HOH A . 
I 4 HOH 73 2073 2073 HOH HOH A . 
I 4 HOH 74 2074 2074 HOH HOH A . 
I 4 HOH 75 2075 2075 HOH HOH A . 
I 4 HOH 76 2076 2076 HOH HOH A . 
I 4 HOH 77 2077 2077 HOH HOH A . 
I 4 HOH 78 2078 2078 HOH HOH A . 
I 4 HOH 79 2079 2079 HOH HOH A . 
J 4 HOH 1  2001 2001 HOH HOH B . 
J 4 HOH 2  2002 2002 HOH HOH B . 
J 4 HOH 3  2003 2003 HOH HOH B . 
J 4 HOH 4  2004 2004 HOH HOH B . 
J 4 HOH 5  2005 2005 HOH HOH B . 
J 4 HOH 6  2006 2006 HOH HOH B . 
J 4 HOH 7  2007 2007 HOH HOH B . 
J 4 HOH 8  2008 2008 HOH HOH B . 
J 4 HOH 9  2009 2009 HOH HOH B . 
J 4 HOH 10 2010 2010 HOH HOH B . 
J 4 HOH 11 2011 2011 HOH HOH B . 
J 4 HOH 12 2012 2012 HOH HOH B . 
J 4 HOH 13 2013 2013 HOH HOH B . 
J 4 HOH 14 2014 2014 HOH HOH B . 
J 4 HOH 15 2015 2015 HOH HOH B . 
J 4 HOH 16 2016 2016 HOH HOH B . 
J 4 HOH 17 2017 2017 HOH HOH B . 
J 4 HOH 18 2018 2018 HOH HOH B . 
J 4 HOH 19 2019 2019 HOH HOH B . 
J 4 HOH 20 2020 2020 HOH HOH B . 
J 4 HOH 21 2021 2021 HOH HOH B . 
J 4 HOH 22 2022 2022 HOH HOH B . 
J 4 HOH 23 2023 2023 HOH HOH B . 
J 4 HOH 24 2024 2024 HOH HOH B . 
J 4 HOH 25 2025 2025 HOH HOH B . 
J 4 HOH 26 2026 2026 HOH HOH B . 
J 4 HOH 27 2027 2027 HOH HOH B . 
J 4 HOH 28 2028 2028 HOH HOH B . 
J 4 HOH 29 2029 2029 HOH HOH B . 
J 4 HOH 30 2030 2030 HOH HOH B . 
J 4 HOH 31 2031 2031 HOH HOH B . 
J 4 HOH 32 2032 2032 HOH HOH B . 
J 4 HOH 33 2033 2033 HOH HOH B . 
J 4 HOH 34 2034 2034 HOH HOH B . 
J 4 HOH 35 2035 2035 HOH HOH B . 
J 4 HOH 36 2036 2036 HOH HOH B . 
J 4 HOH 37 2037 2037 HOH HOH B . 
J 4 HOH 38 2038 2038 HOH HOH B . 
J 4 HOH 39 2039 2039 HOH HOH B . 
J 4 HOH 40 2040 2040 HOH HOH B . 
J 4 HOH 41 2041 2041 HOH HOH B . 
J 4 HOH 42 2042 2042 HOH HOH B . 
J 4 HOH 43 2043 2043 HOH HOH B . 
J 4 HOH 44 2044 2044 HOH HOH B . 
J 4 HOH 45 2045 2045 HOH HOH B . 
# 
loop_
_software.name 
_software.classification 
_software.version 
_software.citation_id 
_software.pdbx_ordinal 
PHENIX refinement       '(PHENIX.REFINE)' ? 1 
XDS    'data reduction' .                 ? 2 
SCALA  'data scaling'   .                 ? 3 
PHENIX phasing          .                 ? 4 
# 
_cell.entry_id           4AAZ 
_cell.length_a           32.697 
_cell.length_b           32.685 
_cell.length_c           41.977 
_cell.angle_alpha        90.00 
_cell.angle_beta         100.83 
_cell.angle_gamma        90.00 
_cell.Z_PDB              4 
_cell.pdbx_unique_axis   ? 
# 
_symmetry.entry_id                         4AAZ 
_symmetry.space_group_name_H-M             'P 1 21 1' 
_symmetry.pdbx_full_space_group_name_H-M   ? 
_symmetry.cell_setting                     ? 
_symmetry.Int_Tables_number                4 
# 
_exptl.entry_id          4AAZ 
_exptl.method            'X-RAY DIFFRACTION' 
_exptl.crystals_number   1 
# 
_exptl_crystal.id                    1 
_exptl_crystal.density_meas          ? 
_exptl_crystal.density_Matthews      2.07 
_exptl_crystal.density_percent_sol   40.65 
_exptl_crystal.description           NONE 
# 
_exptl_crystal_grow.crystal_id      1 
_exptl_crystal_grow.method          ? 
_exptl_crystal_grow.temp            ? 
_exptl_crystal_grow.temp_details    ? 
_exptl_crystal_grow.pH              9 
_exptl_crystal_grow.pdbx_pH_range   ? 
_exptl_crystal_grow.pdbx_details    '20% PEG 1500 AND 10% SUCCINATE-PHOSPHATE-GLYCINE BUFFER PH 9' 
# 
_diffrn.id                     1 
_diffrn.ambient_temp           100 
_diffrn.ambient_temp_details   ? 
_diffrn.crystal_id             1 
# 
_diffrn_detector.diffrn_id              1 
_diffrn_detector.detector               CCD 
_diffrn_detector.type                   'ADSC QUANTUM 315r' 
_diffrn_detector.pdbx_collection_date   2011-03-08 
_diffrn_detector.details                ? 
# 
_diffrn_radiation.diffrn_id                        1 
_diffrn_radiation.wavelength_id                    1 
_diffrn_radiation.pdbx_monochromatic_or_laue_m_l   M 
_diffrn_radiation.monochromator                    ? 
_diffrn_radiation.pdbx_diffrn_protocol             'SINGLE WAVELENGTH' 
_diffrn_radiation.pdbx_scattering_type             x-ray 
# 
_diffrn_radiation_wavelength.id           1 
_diffrn_radiation_wavelength.wavelength   0.95 
_diffrn_radiation_wavelength.wt           1.0 
# 
_diffrn_source.diffrn_id                   1 
_diffrn_source.source                      SYNCHROTRON 
_diffrn_source.type                        'AUSTRALIAN SYNCHROTRON BEAMLINE MX1' 
_diffrn_source.pdbx_synchrotron_site       'Australian Synchrotron' 
_diffrn_source.pdbx_synchrotron_beamline   MX1 
_diffrn_source.pdbx_wavelength             0.95 
_diffrn_source.pdbx_wavelength_list        ? 
# 
_reflns.pdbx_diffrn_id               1 
_reflns.pdbx_ordinal                 1 
_reflns.entry_id                     4AAZ 
_reflns.observed_criterion_sigma_I   2.0 
_reflns.observed_criterion_sigma_F   ? 
_reflns.d_resolution_low             41.23 
_reflns.d_resolution_high            1.40 
_reflns.number_obs                   17174 
_reflns.number_all                   ? 
_reflns.percent_possible_obs         98.6 
_reflns.pdbx_Rmerge_I_obs            0.09 
_reflns.pdbx_Rsym_value              ? 
_reflns.pdbx_netI_over_sigmaI        18.10 
_reflns.B_iso_Wilson_estimate        5.36 
_reflns.pdbx_redundancy              6.9 
# 
_reflns_shell.pdbx_diffrn_id         1 
_reflns_shell.pdbx_ordinal           1 
_reflns_shell.d_res_high             1.40 
_reflns_shell.d_res_low              1.47 
_reflns_shell.percent_possible_all   90.5 
_reflns_shell.Rmerge_I_obs           0.40 
_reflns_shell.pdbx_Rsym_value        ? 
_reflns_shell.meanI_over_sigI_obs    4.60 
_reflns_shell.pdbx_redundancy        4.8 
# 
_refine.pdbx_refine_id                           'X-RAY DIFFRACTION' 
_refine.entry_id                                 4AAZ 
_refine.pdbx_diffrn_id                           1 
_refine.pdbx_TLS_residual_ADP_flag               ? 
_refine.ls_number_reflns_obs                     17171 
_refine.ls_number_reflns_all                     ? 
_refine.pdbx_ls_sigma_I                          ? 
_refine.pdbx_ls_sigma_F                          1.37 
_refine.pdbx_data_cutoff_high_absF               ? 
_refine.pdbx_data_cutoff_low_absF                ? 
_refine.pdbx_data_cutoff_high_rms_absF           ? 
_refine.ls_d_res_low                             41.230 
_refine.ls_d_res_high                            1.400 
_refine.ls_percent_reflns_obs                    98.96 
_refine.ls_R_factor_obs                          0.1218 
_refine.ls_R_factor_all                          ? 
_refine.ls_R_factor_R_work                       0.1210 
_refine.ls_R_factor_R_free                       0.1371 
_refine.ls_R_factor_R_free_error                 ? 
_refine.ls_R_factor_R_free_error_details         ? 
_refine.ls_percent_reflns_R_free                 5.1 
_refine.ls_number_reflns_R_free                  869 
_refine.ls_number_parameters                     ? 
_refine.ls_number_restraints                     ? 
_refine.occupancy_min                            ? 
_refine.occupancy_max                            ? 
_refine.correlation_coeff_Fo_to_Fc               ? 
_refine.correlation_coeff_Fo_to_Fc_free          ? 
_refine.B_iso_mean                               8.9 
_refine.aniso_B[1][1]                            1.0920 
_refine.aniso_B[2][2]                            -0.4711 
_refine.aniso_B[3][3]                            -0.4175 
_refine.aniso_B[1][2]                            0.0000 
_refine.aniso_B[1][3]                            -1.0802 
_refine.aniso_B[2][3]                            0.0000 
_refine.solvent_model_details                    'FLAT BULK SOLVENT MODEL' 
_refine.solvent_model_param_ksol                 0.413 
_refine.solvent_model_param_bsol                 56.250 
_refine.pdbx_solvent_vdw_probe_radii             1.11 
_refine.pdbx_solvent_ion_probe_radii             ? 
_refine.pdbx_solvent_shrinkage_radii             0.90 
_refine.pdbx_ls_cross_valid_method               ? 
_refine.details                                  ? 
_refine.pdbx_starting_model                      NONE 
_refine.pdbx_method_to_determine_struct          SIRAS 
_refine.pdbx_isotropic_thermal_model             ? 
_refine.pdbx_stereochemistry_target_values       ML 
_refine.pdbx_stereochem_target_val_spec_case     ? 
_refine.pdbx_R_Free_selection_details            ? 
_refine.pdbx_overall_ESU_R                       ? 
_refine.pdbx_overall_ESU_R_Free                  ? 
_refine.overall_SU_ML                            0.31 
_refine.pdbx_overall_phase_error                 11.25 
_refine.overall_SU_B                             ? 
_refine.overall_SU_R_Cruickshank_DPI             ? 
_refine.pdbx_overall_SU_R_free_Cruickshank_DPI   ? 
_refine.pdbx_overall_SU_R_Blow_DPI               ? 
_refine.pdbx_overall_SU_R_free_Blow_DPI          ? 
# 
_refine_hist.pdbx_refine_id                   'X-RAY DIFFRACTION' 
_refine_hist.cycle_id                         LAST 
_refine_hist.pdbx_number_atoms_protein        728 
_refine_hist.pdbx_number_atoms_nucleic_acid   0 
_refine_hist.pdbx_number_atoms_ligand         25 
_refine_hist.number_atoms_solvent             124 
_refine_hist.number_atoms_total               877 
_refine_hist.d_res_high                       1.400 
_refine_hist.d_res_low                        41.230 
# 
loop_
_refine_ls_restr.type 
_refine_ls_restr.dev_ideal 
_refine_ls_restr.dev_ideal_target 
_refine_ls_restr.weight 
_refine_ls_restr.number 
_refine_ls_restr.pdbx_refine_id 
_refine_ls_restr.pdbx_restraint_function 
f_bond_d           0.011  ? ? 777  'X-RAY DIFFRACTION' ? 
f_angle_d          1.514  ? ? 1023 'X-RAY DIFFRACTION' ? 
f_dihedral_angle_d 12.971 ? ? 312  'X-RAY DIFFRACTION' ? 
f_chiral_restr     0.100  ? ? 114  'X-RAY DIFFRACTION' ? 
f_plane_restr      0.010  ? ? 129  'X-RAY DIFFRACTION' ? 
# 
loop_
_refine_ls_shell.pdbx_refine_id 
_refine_ls_shell.pdbx_total_number_of_bins_used 
_refine_ls_shell.d_res_high 
_refine_ls_shell.d_res_low 
_refine_ls_shell.number_reflns_R_work 
_refine_ls_shell.R_factor_R_work 
_refine_ls_shell.percent_reflns_obs 
_refine_ls_shell.R_factor_R_free 
_refine_ls_shell.R_factor_R_free_error 
_refine_ls_shell.percent_reflns_R_free 
_refine_ls_shell.number_reflns_R_free 
_refine_ls_shell.number_reflns_all 
_refine_ls_shell.R_factor_all 
'X-RAY DIFFRACTION' . 1.4000 1.4877  2540 0.1686 94.00  0.2034 . . 149 . . 
'X-RAY DIFFRACTION' . 1.4877 1.6026  2730 0.1152 100.00 0.1323 . . 126 . . 
'X-RAY DIFFRACTION' . 1.6026 1.7639  2719 0.1025 100.00 0.1330 . . 158 . . 
'X-RAY DIFFRACTION' . 1.7639 2.0191  2745 0.1022 100.00 0.1105 . . 148 . . 
'X-RAY DIFFRACTION' . 2.0191 2.5438  2748 0.1044 100.00 0.1175 . . 152 . . 
'X-RAY DIFFRACTION' . 2.5438 41.2475 2820 0.1381 100.00 0.1497 . . 136 . . 
# 
_struct.entry_id                  4AAZ 
_struct.title                     'X-ray structure of Nicotiana alata Defensin 1 NaD1' 
_struct.pdbx_model_details        ? 
_struct.pdbx_CASP_flag            ? 
_struct.pdbx_model_type_details   ? 
# 
_struct_keywords.entry_id        4AAZ 
_struct_keywords.pdbx_keywords   'ANTIMICROBIAL PROTEIN' 
_struct_keywords.text            'ANTIMICROBIAL PROTEIN, INNATE IMMUNITY' 
# 
loop_
_struct_asym.id 
_struct_asym.pdbx_blank_PDB_chainid_flag 
_struct_asym.pdbx_modified 
_struct_asym.entity_id 
_struct_asym.details 
A N N 1 ? 
B N N 1 ? 
C N N 2 ? 
D N N 2 ? 
E N N 2 ? 
F N N 3 ? 
G N N 2 ? 
H N N 2 ? 
I N N 4 ? 
J N N 4 ? 
# 
_struct_ref.id                         1 
_struct_ref.db_name                    UNP 
_struct_ref.db_code                    DEF_NICAL 
_struct_ref.entity_id                  1 
_struct_ref.pdbx_seq_one_letter_code   ? 
_struct_ref.pdbx_align_begin           ? 
_struct_ref.pdbx_db_accession          Q8GTM0 
_struct_ref.pdbx_db_isoform            ? 
# 
loop_
_struct_ref_seq.align_id 
_struct_ref_seq.ref_id 
_struct_ref_seq.pdbx_PDB_id_code 
_struct_ref_seq.pdbx_strand_id 
_struct_ref_seq.seq_align_beg 
_struct_ref_seq.pdbx_seq_align_beg_ins_code 
_struct_ref_seq.seq_align_end 
_struct_ref_seq.pdbx_seq_align_end_ins_code 
_struct_ref_seq.pdbx_db_accession 
_struct_ref_seq.db_align_beg 
_struct_ref_seq.pdbx_db_align_beg_ins_code 
_struct_ref_seq.db_align_end 
_struct_ref_seq.pdbx_db_align_end_ins_code 
_struct_ref_seq.pdbx_auth_seq_align_beg 
_struct_ref_seq.pdbx_auth_seq_align_end 
1 1 4AAZ A 1 ? 47 ? Q8GTM0 26 ? 72 ? 1 47 
2 1 4AAZ B 1 ? 47 ? Q8GTM0 26 ? 72 ? 1 47 
# 
loop_
_pdbx_struct_assembly.id 
_pdbx_struct_assembly.details 
_pdbx_struct_assembly.method_details 
_pdbx_struct_assembly.oligomeric_details 
_pdbx_struct_assembly.oligomeric_count 
1 author_and_software_defined_assembly PISA monomeric 1 
2 author_and_software_defined_assembly PISA monomeric 1 
# 
loop_
_pdbx_struct_assembly_gen.assembly_id 
_pdbx_struct_assembly_gen.oper_expression 
_pdbx_struct_assembly_gen.asym_id_list 
1 1 A,C,D,E,F,I 
2 1 B,G,H,J     
# 
_pdbx_struct_oper_list.id                   1 
_pdbx_struct_oper_list.type                 'identity operation' 
_pdbx_struct_oper_list.name                 1_555 
_pdbx_struct_oper_list.symmetry_operation   x,y,z 
_pdbx_struct_oper_list.matrix[1][1]         1.0000000000 
_pdbx_struct_oper_list.matrix[1][2]         0.0000000000 
_pdbx_struct_oper_list.matrix[1][3]         0.0000000000 
_pdbx_struct_oper_list.vector[1]            0.0000000000 
_pdbx_struct_oper_list.matrix[2][1]         0.0000000000 
_pdbx_struct_oper_list.matrix[2][2]         1.0000000000 
_pdbx_struct_oper_list.matrix[2][3]         0.0000000000 
_pdbx_struct_oper_list.vector[2]            0.0000000000 
_pdbx_struct_oper_list.matrix[3][1]         0.0000000000 
_pdbx_struct_oper_list.matrix[3][2]         0.0000000000 
_pdbx_struct_oper_list.matrix[3][3]         1.0000000000 
_pdbx_struct_oper_list.vector[3]            0.0000000000 
# 
_struct_biol.id   1 
# 
loop_
_struct_conf.conf_type_id 
_struct_conf.id 
_struct_conf.pdbx_PDB_helix_id 
_struct_conf.beg_label_comp_id 
_struct_conf.beg_label_asym_id 
_struct_conf.beg_label_seq_id 
_struct_conf.pdbx_beg_PDB_ins_code 
_struct_conf.end_label_comp_id 
_struct_conf.end_label_asym_id 
_struct_conf.end_label_seq_id 
_struct_conf.pdbx_end_PDB_ins_code 
_struct_conf.beg_auth_comp_id 
_struct_conf.beg_auth_asym_id 
_struct_conf.beg_auth_seq_id 
_struct_conf.end_auth_comp_id 
_struct_conf.end_auth_asym_id 
_struct_conf.end_auth_seq_id 
_struct_conf.pdbx_PDB_helix_class 
_struct_conf.details 
_struct_conf.pdbx_PDB_helix_length 
HELX_P HELX_P1 1 THR A 16 ? GLU A 27 ? THR A 16 GLU A 27 1 ? 12 
HELX_P HELX_P2 2 THR B 16 ? GLU B 27 ? THR B 16 GLU B 27 1 ? 12 
# 
_struct_conf_type.id          HELX_P 
_struct_conf_type.criteria    ? 
_struct_conf_type.reference   ? 
# 
loop_
_struct_conn.id 
_struct_conn.conn_type_id 
_struct_conn.pdbx_leaving_atom_flag 
_struct_conn.pdbx_PDB_id 
_struct_conn.ptnr1_label_asym_id 
_struct_conn.ptnr1_label_comp_id 
_struct_conn.ptnr1_label_seq_id 
_struct_conn.ptnr1_label_atom_id 
_struct_conn.pdbx_ptnr1_label_alt_id 
_struct_conn.pdbx_ptnr1_PDB_ins_code 
_struct_conn.pdbx_ptnr1_standard_comp_id 
_struct_conn.ptnr1_symmetry 
_struct_conn.ptnr2_label_asym_id 
_struct_conn.ptnr2_label_comp_id 
_struct_conn.ptnr2_label_seq_id 
_struct_conn.ptnr2_label_atom_id 
_struct_conn.pdbx_ptnr2_label_alt_id 
_struct_conn.pdbx_ptnr2_PDB_ins_code 
_struct_conn.ptnr1_auth_asym_id 
_struct_conn.ptnr1_auth_comp_id 
_struct_conn.ptnr1_auth_seq_id 
_struct_conn.ptnr2_auth_asym_id 
_struct_conn.ptnr2_auth_comp_id 
_struct_conn.ptnr2_auth_seq_id 
_struct_conn.ptnr2_symmetry 
_struct_conn.pdbx_ptnr3_label_atom_id 
_struct_conn.pdbx_ptnr3_label_seq_id 
_struct_conn.pdbx_ptnr3_label_comp_id 
_struct_conn.pdbx_ptnr3_label_asym_id 
_struct_conn.pdbx_ptnr3_label_alt_id 
_struct_conn.pdbx_ptnr3_PDB_ins_code 
_struct_conn.details 
_struct_conn.pdbx_dist_value 
_struct_conn.pdbx_value_order 
_struct_conn.pdbx_role 
disulf1 disulf ? ? A CYS 3  SG ? ? ? 1_555 A CYS 47 SG ? ? A CYS 3  A CYS 47 1_555 ? ? ? ? ? ? ? 2.048 ? ? 
disulf2 disulf ? ? A CYS 14 SG ? ? ? 1_555 A CYS 34 SG ? ? A CYS 14 A CYS 34 1_555 ? ? ? ? ? ? ? 2.059 ? ? 
disulf3 disulf ? ? A CYS 20 SG ? ? ? 1_555 A CYS 41 SG ? ? A CYS 20 A CYS 41 1_555 ? ? ? ? ? ? ? 2.042 ? ? 
disulf4 disulf ? ? A CYS 24 SG ? ? ? 1_555 A CYS 43 SG ? ? A CYS 24 A CYS 43 1_555 ? ? ? ? ? ? ? 2.045 ? ? 
disulf5 disulf ? ? B CYS 3  SG ? ? ? 1_555 B CYS 47 SG ? ? B CYS 3  B CYS 47 1_555 ? ? ? ? ? ? ? 2.021 ? ? 
disulf6 disulf ? ? B CYS 14 SG ? ? ? 1_555 B CYS 34 SG ? ? B CYS 14 B CYS 34 1_555 ? ? ? ? ? ? ? 2.069 ? ? 
disulf7 disulf ? ? B CYS 20 SG ? ? ? 1_555 B CYS 41 SG ? ? B CYS 20 B CYS 41 1_555 ? ? ? ? ? ? ? 2.037 ? ? 
disulf8 disulf ? ? B CYS 24 SG ? ? ? 1_555 B CYS 43 SG ? ? B CYS 24 B CYS 43 1_555 ? ? ? ? ? ? ? 2.074 ? ? 
# 
_struct_conn_type.id          disulf 
_struct_conn_type.criteria    ? 
_struct_conn_type.reference   ? 
# 
loop_
_pdbx_modification_feature.ordinal 
_pdbx_modification_feature.label_comp_id 
_pdbx_modification_feature.label_asym_id 
_pdbx_modification_feature.label_seq_id 
_pdbx_modification_feature.label_alt_id 
_pdbx_modification_feature.modified_residue_label_comp_id 
_pdbx_modification_feature.modified_residue_label_asym_id 
_pdbx_modification_feature.modified_residue_label_seq_id 
_pdbx_modification_feature.modified_residue_label_alt_id 
_pdbx_modification_feature.auth_comp_id 
_pdbx_modification_feature.auth_asym_id 
_pdbx_modification_feature.auth_seq_id 
_pdbx_modification_feature.PDB_ins_code 
_pdbx_modification_feature.symmetry 
_pdbx_modification_feature.modified_residue_auth_comp_id 
_pdbx_modification_feature.modified_residue_auth_asym_id 
_pdbx_modification_feature.modified_residue_auth_seq_id 
_pdbx_modification_feature.modified_residue_PDB_ins_code 
_pdbx_modification_feature.modified_residue_symmetry 
_pdbx_modification_feature.comp_id_linking_atom 
_pdbx_modification_feature.modified_residue_id_linking_atom 
_pdbx_modification_feature.modified_residue_id 
_pdbx_modification_feature.ref_pcm_id 
_pdbx_modification_feature.ref_comp_id 
_pdbx_modification_feature.type 
_pdbx_modification_feature.category 
1 CYS A 3  ? CYS A 47 ? CYS A 3  ? 1_555 CYS A 47 ? 1_555 SG SG . . . None 'Disulfide bridge' 
2 CYS A 14 ? CYS A 34 ? CYS A 14 ? 1_555 CYS A 34 ? 1_555 SG SG . . . None 'Disulfide bridge' 
3 CYS A 20 ? CYS A 41 ? CYS A 20 ? 1_555 CYS A 41 ? 1_555 SG SG . . . None 'Disulfide bridge' 
4 CYS A 24 ? CYS A 43 ? CYS A 24 ? 1_555 CYS A 43 ? 1_555 SG SG . . . None 'Disulfide bridge' 
5 CYS B 3  ? CYS B 47 ? CYS B 3  ? 1_555 CYS B 47 ? 1_555 SG SG . . . None 'Disulfide bridge' 
6 CYS B 14 ? CYS B 34 ? CYS B 14 ? 1_555 CYS B 34 ? 1_555 SG SG . . . None 'Disulfide bridge' 
7 CYS B 20 ? CYS B 41 ? CYS B 20 ? 1_555 CYS B 41 ? 1_555 SG SG . . . None 'Disulfide bridge' 
8 CYS B 24 ? CYS B 43 ? CYS B 24 ? 1_555 CYS B 43 ? 1_555 SG SG . . . None 'Disulfide bridge' 
# 
loop_
_struct_sheet.id 
_struct_sheet.type 
_struct_sheet.number_strands 
_struct_sheet.details 
AA ? 3 ? 
BA ? 3 ? 
# 
loop_
_struct_sheet_order.sheet_id 
_struct_sheet_order.range_id_1 
_struct_sheet_order.range_id_2 
_struct_sheet_order.offset 
_struct_sheet_order.sense 
AA 1 2 ? anti-parallel 
AA 2 3 ? anti-parallel 
BA 1 2 ? anti-parallel 
BA 2 3 ? anti-parallel 
# 
loop_
_struct_sheet_range.sheet_id 
_struct_sheet_range.id 
_struct_sheet_range.beg_label_comp_id 
_struct_sheet_range.beg_label_asym_id 
_struct_sheet_range.beg_label_seq_id 
_struct_sheet_range.pdbx_beg_PDB_ins_code 
_struct_sheet_range.end_label_comp_id 
_struct_sheet_range.end_label_asym_id 
_struct_sheet_range.end_label_seq_id 
_struct_sheet_range.pdbx_end_PDB_ins_code 
_struct_sheet_range.beg_auth_comp_id 
_struct_sheet_range.beg_auth_asym_id 
_struct_sheet_range.beg_auth_seq_id 
_struct_sheet_range.end_auth_comp_id 
_struct_sheet_range.end_auth_asym_id 
_struct_sheet_range.end_auth_seq_id 
AA 1 GLU A 2  ? GLU A 6  ? GLU A 2  GLU A 6  
AA 2 CYS A 41 ? PRO A 46 ? CYS A 41 PRO A 46 
AA 3 ASP A 31 ? CYS A 34 ? ASP A 31 CYS A 34 
BA 1 GLU B 2  ? GLU B 6  ? GLU B 2  GLU B 6  
BA 2 CYS B 41 ? PRO B 46 ? CYS B 41 PRO B 46 
BA 3 ASP B 31 ? CYS B 34 ? ASP B 31 CYS B 34 
# 
loop_
_pdbx_struct_sheet_hbond.sheet_id 
_pdbx_struct_sheet_hbond.range_id_1 
_pdbx_struct_sheet_hbond.range_id_2 
_pdbx_struct_sheet_hbond.range_1_label_atom_id 
_pdbx_struct_sheet_hbond.range_1_label_comp_id 
_pdbx_struct_sheet_hbond.range_1_label_asym_id 
_pdbx_struct_sheet_hbond.range_1_label_seq_id 
_pdbx_struct_sheet_hbond.range_1_PDB_ins_code 
_pdbx_struct_sheet_hbond.range_1_auth_atom_id 
_pdbx_struct_sheet_hbond.range_1_auth_comp_id 
_pdbx_struct_sheet_hbond.range_1_auth_asym_id 
_pdbx_struct_sheet_hbond.range_1_auth_seq_id 
_pdbx_struct_sheet_hbond.range_2_label_atom_id 
_pdbx_struct_sheet_hbond.range_2_label_comp_id 
_pdbx_struct_sheet_hbond.range_2_label_asym_id 
_pdbx_struct_sheet_hbond.range_2_label_seq_id 
_pdbx_struct_sheet_hbond.range_2_PDB_ins_code 
_pdbx_struct_sheet_hbond.range_2_auth_atom_id 
_pdbx_struct_sheet_hbond.range_2_auth_comp_id 
_pdbx_struct_sheet_hbond.range_2_auth_asym_id 
_pdbx_struct_sheet_hbond.range_2_auth_seq_id 
AA 1 2 N THR A 5  ? N THR A 5  O CYS A 43 ? O CYS A 43 
AA 2 3 N THR A 44 ? N THR A 44 O ASP A 31 ? O ASP A 31 
BA 1 2 N THR B 5  ? N THR B 5  O CYS B 43 ? O CYS B 43 
BA 2 3 N THR B 44 ? N THR B 44 O ASP B 31 ? O ASP B 31 
# 
loop_
_struct_site.id 
_struct_site.pdbx_evidence_code 
_struct_site.pdbx_auth_asym_id 
_struct_site.pdbx_auth_comp_id 
_struct_site.pdbx_auth_seq_id 
_struct_site.pdbx_auth_ins_code 
_struct_site.pdbx_num_residues 
_struct_site.details 
AC1 Software A EDO 1048 ? 3 'BINDING SITE FOR RESIDUE EDO A 1048' 
AC2 Software A EDO 1049 ? 4 'BINDING SITE FOR RESIDUE EDO A 1049' 
AC3 Software A EDO 1050 ? 4 'BINDING SITE FOR RESIDUE EDO A 1050' 
AC4 Software B EDO 1048 ? 1 'BINDING SITE FOR RESIDUE EDO B 1048' 
AC5 Software A PO4 1051 ? 9 'BINDING SITE FOR RESIDUE PO4 A 1051' 
AC6 Software B EDO 1049 ? 3 'BINDING SITE FOR RESIDUE EDO B 1049' 
# 
loop_
_struct_site_gen.id 
_struct_site_gen.site_id 
_struct_site_gen.pdbx_num_res 
_struct_site_gen.label_comp_id 
_struct_site_gen.label_asym_id 
_struct_site_gen.label_seq_id 
_struct_site_gen.pdbx_auth_ins_code 
_struct_site_gen.auth_comp_id 
_struct_site_gen.auth_asym_id 
_struct_site_gen.auth_seq_id 
_struct_site_gen.label_atom_id 
_struct_site_gen.label_alt_id 
_struct_site_gen.symmetry 
_struct_site_gen.details 
1  AC1 3 ARG A 21 ? ARG A 21   . ? 1_555 ? 
2  AC1 3 ASP A 31 ? ASP A 31   . ? 1_555 ? 
3  AC1 3 LYS B 28 ? LYS B 28   . ? 1_555 ? 
4  AC2 4 ILE A 37 ? ILE A 37   . ? 1_555 ? 
5  AC2 4 LEU A 38 ? LEU A 38   . ? 1_555 ? 
6  AC2 4 ARG A 39 ? ARG A 39   . ? 1_555 ? 
7  AC2 4 HOH I .  ? HOH A 2075 . ? 1_555 ? 
8  AC3 4 ARG A 1  ? ARG A 1    . ? 1_555 ? 
9  AC3 4 GLU A 2  ? GLU A 2    . ? 1_555 ? 
10 AC3 4 HOH I .  ? HOH A 2011 . ? 1_555 ? 
11 AC3 4 HOH I .  ? HOH A 2017 . ? 1_555 ? 
12 AC4 1 ARG B 40 ? ARG B 40   . ? 1_555 ? 
13 AC5 9 SER A 35 ? SER A 35   . ? 1_555 ? 
14 AC5 9 ILE A 37 ? ILE A 37   . ? 1_555 ? 
15 AC5 9 LEU A 38 ? LEU A 38   . ? 1_555 ? 
16 AC5 9 ARG A 40 ? ARG A 40   . ? 1_555 ? 
17 AC5 9 HOH I .  ? HOH A 2072 . ? 1_555 ? 
18 AC5 9 LYS B 36 ? LYS B 36   . ? 1_656 ? 
19 AC5 9 ILE B 37 ? ILE B 37   . ? 1_656 ? 
20 AC5 9 ARG B 39 ? ARG B 39   . ? 1_656 ? 
21 AC5 9 HOH J .  ? HOH B 2040 . ? 1_656 ? 
22 AC6 3 GLU B 27 ? GLU B 27   . ? 1_555 ? 
23 AC6 3 LYS B 28 ? LYS B 28   . ? 1_555 ? 
24 AC6 3 LYS B 45 ? LYS B 45   . ? 1_555 ? 
# 
_pdbx_entry_details.entry_id                   4AAZ 
_pdbx_entry_details.compound_details           ? 
_pdbx_entry_details.source_details             ? 
_pdbx_entry_details.nonpolymer_details         ? 
_pdbx_entry_details.sequence_details           ? 
_pdbx_entry_details.has_ligand_of_interest     ? 
_pdbx_entry_details.has_protein_modification   Y 
# 
loop_
_pdbx_validate_symm_contact.id 
_pdbx_validate_symm_contact.PDB_model_num 
_pdbx_validate_symm_contact.auth_atom_id_1 
_pdbx_validate_symm_contact.auth_asym_id_1 
_pdbx_validate_symm_contact.auth_comp_id_1 
_pdbx_validate_symm_contact.auth_seq_id_1 
_pdbx_validate_symm_contact.PDB_ins_code_1 
_pdbx_validate_symm_contact.label_alt_id_1 
_pdbx_validate_symm_contact.site_symmetry_1 
_pdbx_validate_symm_contact.auth_atom_id_2 
_pdbx_validate_symm_contact.auth_asym_id_2 
_pdbx_validate_symm_contact.auth_comp_id_2 
_pdbx_validate_symm_contact.auth_seq_id_2 
_pdbx_validate_symm_contact.PDB_ins_code_2 
_pdbx_validate_symm_contact.label_alt_id_2 
_pdbx_validate_symm_contact.site_symmetry_2 
_pdbx_validate_symm_contact.dist 
1 1 O   A HOH 2002 ? ? 1_555 O B HOH 2004 ? ? 2_555 1.88 
2 1 O   A HOH 2007 ? ? 1_555 O A HOH 2044 ? ? 2_655 1.98 
3 1 NH2 B ARG 1    ? ? 1_555 O A HOH 2041 ? ? 1_455 2.10 
4 1 NE  B ARG 1    ? ? 1_555 O A HOH 2041 ? ? 1_455 2.14 
# 
loop_
_pdbx_validate_torsion.id 
_pdbx_validate_torsion.PDB_model_num 
_pdbx_validate_torsion.auth_comp_id 
_pdbx_validate_torsion.auth_asym_id 
_pdbx_validate_torsion.auth_seq_id 
_pdbx_validate_torsion.PDB_ins_code 
_pdbx_validate_torsion.label_alt_id 
_pdbx_validate_torsion.phi 
_pdbx_validate_torsion.psi 
1 1 LYS B 28 ? ? 76.97 30.46  
2 1 ILE B 37 ? ? 74.92 -63.32 
# 
loop_
_pdbx_refine_tls.pdbx_refine_id 
_pdbx_refine_tls.id 
_pdbx_refine_tls.details 
_pdbx_refine_tls.method 
_pdbx_refine_tls.origin_x 
_pdbx_refine_tls.origin_y 
_pdbx_refine_tls.origin_z 
_pdbx_refine_tls.T[1][1] 
_pdbx_refine_tls.T[2][2] 
_pdbx_refine_tls.T[3][3] 
_pdbx_refine_tls.T[1][2] 
_pdbx_refine_tls.T[1][3] 
_pdbx_refine_tls.T[2][3] 
_pdbx_refine_tls.L[1][1] 
_pdbx_refine_tls.L[2][2] 
_pdbx_refine_tls.L[3][3] 
_pdbx_refine_tls.L[1][2] 
_pdbx_refine_tls.L[1][3] 
_pdbx_refine_tls.L[2][3] 
_pdbx_refine_tls.S[1][1] 
_pdbx_refine_tls.S[1][2] 
_pdbx_refine_tls.S[1][3] 
_pdbx_refine_tls.S[2][1] 
_pdbx_refine_tls.S[2][2] 
_pdbx_refine_tls.S[2][3] 
_pdbx_refine_tls.S[3][1] 
_pdbx_refine_tls.S[3][2] 
_pdbx_refine_tls.S[3][3] 
'X-RAY DIFFRACTION' 1  ? refined 15.2757  5.4643  -8.7063  0.0648 0.0602 0.0668 0.0000  0.0106  -0.0011 2.2899 10.2880 0.1613 3.5105  0.5648  1.1239  0.0440  0.0878  0.0328  0.0096  -0.0284 -0.2042 -0.1171 0.0366  -0.0166 
'X-RAY DIFFRACTION' 2  ? refined 9.4637   -8.0103 -5.0342  0.0309 0.0188 0.0290 0.0033  -0.0041 0.0004  1.6240 2.6386  1.5716 0.2460  -0.2507 -0.3662 -0.0110 -0.0375 -0.0508 -0.0872 0.0641  -0.0116 0.0673  0.0075  -0.0030 
'X-RAY DIFFRACTION' 3  ? refined 2.0129   -9.1975 -11.3795 0.0606 0.0311 0.0557 0.0088  -0.0141 -0.0159 2.1970 0.5871  2.6130 -0.5648 0.2993  0.3032  0.1830  0.1543  -0.2247 -0.2166 -0.1346 0.1061  0.2643  0.0116  -0.0186 
'X-RAY DIFFRACTION' 4  ? refined 0.5082   -1.6812 -6.9306  0.0420 0.0238 0.0307 0.0102  -0.0066 -0.0033 3.1013 0.9906  2.6005 0.2922  1.1863  -0.0040 -0.0068 0.0079  -0.0391 -0.1718 0.0032  0.0216  -0.0602 -0.1357 0.0067  
'X-RAY DIFFRACTION' 5  ? refined 5.5835   -2.4548 -0.2974  0.0272 0.0142 0.0189 -0.0007 0.0064  0.0052  4.2388 3.8943  5.5762 -2.2571 2.2960  -0.0763 0.0118  -0.1339 -0.1321 0.0958  0.1403  0.0818  0.1032  -0.0957 -0.1370 
'X-RAY DIFFRACTION' 6  ? refined 8.0908   1.8614  -4.3488  0.0346 0.0089 0.0096 -0.0019 -0.0011 0.0023  2.8894 2.8230  7.1213 0.3356  0.6405  1.8189  0.0394  -0.0405 0.0051  0.0347  -0.0326 -0.0081 -0.0344 0.0509  0.0490  
'X-RAY DIFFRACTION' 7  ? refined 6.8443   -6.5721 -17.9849 0.0789 0.0802 0.0310 0.0088  -0.0033 -0.0091 4.9854 1.9492  7.0984 -1.9940 -1.8067 1.6283  0.0594  0.4509  0.0020  -0.4400 -0.2834 0.1070  -0.0337 -0.0799 -0.0158 
'X-RAY DIFFRACTION' 8  ? refined 11.9630  0.8691  -7.6838  0.0445 0.0291 0.0252 0.0057  -0.0013 0.0080  1.4995 3.2244  0.3493 1.5562  0.0335  0.7963  0.0599  -0.0529 0.0247  0.0206  -0.0917 -0.0157 -0.0005 0.0486  0.0378  
'X-RAY DIFFRACTION' 9  ? refined 0.3720   5.9728  10.9327  0.0140 0.1351 0.2533 0.0012  -0.0870 -0.0176 2.1793 1.0751  1.7447 0.0068  1.5486  0.2819  -0.2201 -0.2464 0.2107  0.3495  0.0847  -0.7177 0.0369  0.4559  -0.2707 
'X-RAY DIFFRACTION' 10 ? refined -13.8528 5.9958  4.8407   0.0337 0.0273 0.0461 0.0121  -0.0009 0.0118  3.0935 4.1695  2.0094 1.1699  -0.6939 -1.7172 -0.0341 -0.0608 0.0623  0.0045  0.0865  0.1973  -0.0350 -0.1587 -0.0573 
'X-RAY DIFFRACTION' 11 ? refined -13.7189 -3.2355 8.2811   0.0386 0.0363 0.0452 0.0020  0.0012  0.0164  2.6026 3.1851  3.8293 -0.9482 -2.9852 2.0504  -0.0420 0.0001  0.0091  0.0463  0.0921  -0.0302 0.1212  0.0198  0.0048  
'X-RAY DIFFRACTION' 12 ? refined -7.8475  -0.8798 2.4199   0.0472 0.0277 0.0243 0.0193  -0.0007 0.0049  3.1760 6.2916  6.2918 1.3127  -3.6373 -1.9959 -0.0644 0.0707  -0.1317 -0.3421 -0.0282 0.0109  0.2727  -0.0973 0.1596  
'X-RAY DIFFRACTION' 13 ? refined -2.6272  3.8045  0.8049   0.0487 0.0408 0.0413 0.0124  0.0225  0.0180  2.1284 1.1582  1.3940 0.1834  0.6252  0.1275  0.0038  0.0371  0.1644  -0.1298 -0.0332 0.0346  -0.0157 0.0352  0.0285  
'X-RAY DIFFRACTION' 14 ? refined -7.7509  -0.4541 12.1057  0.0472 0.0308 0.0417 0.0408  0.0356  0.0094  0.4960 2.1642  7.5716 -0.0729 -1.9480 0.0037  -0.5263 -0.3113 -0.1270 0.1346  -0.0169 0.0217  0.3648  0.2363  0.2410  
'X-RAY DIFFRACTION' 15 ? refined -13.5589 4.9940  14.7815  0.0722 0.0381 0.0484 0.0036  0.0174  -0.0111 3.2715 3.2869  7.0159 -0.0656 -2.2816 -2.4127 0.0667  -0.1957 0.2333  0.2900  0.0352  0.0997  -0.4417 -0.0113 -0.1781 
'X-RAY DIFFRACTION' 16 ? refined 0.6351   3.5316  7.6215   0.0496 0.0636 0.0494 0.0132  0.0065  -0.0027 5.2047 2.8732  2.6519 -0.4725 0.2309  0.9771  -0.1370 0.0612  0.2441  0.0680  0.1791  -0.2933 -0.2245 0.4280  -0.0175 
# 
loop_
_pdbx_refine_tls_group.pdbx_refine_id 
_pdbx_refine_tls_group.id 
_pdbx_refine_tls_group.refine_tls_id 
_pdbx_refine_tls_group.beg_auth_asym_id 
_pdbx_refine_tls_group.beg_auth_seq_id 
_pdbx_refine_tls_group.beg_label_asym_id 
_pdbx_refine_tls_group.beg_label_seq_id 
_pdbx_refine_tls_group.end_auth_asym_id 
_pdbx_refine_tls_group.end_auth_seq_id 
_pdbx_refine_tls_group.end_label_asym_id 
_pdbx_refine_tls_group.end_label_seq_id 
_pdbx_refine_tls_group.selection 
_pdbx_refine_tls_group.selection_details 
'X-RAY DIFFRACTION' 1  1  ? ? ? ? ? ? ? ? ? '(CHAIN A AND RESID 1:5)'   
'X-RAY DIFFRACTION' 2  2  ? ? ? ? ? ? ? ? ? '(CHAIN A AND RESID 6:10)'  
'X-RAY DIFFRACTION' 3  3  ? ? ? ? ? ? ? ? ? '(CHAIN A AND RESID 11:16)' 
'X-RAY DIFFRACTION' 4  4  ? ? ? ? ? ? ? ? ? '(CHAIN A AND RESID 17:21)' 
'X-RAY DIFFRACTION' 5  5  ? ? ? ? ? ? ? ? ? '(CHAIN A AND RESID 22:27)' 
'X-RAY DIFFRACTION' 6  6  ? ? ? ? ? ? ? ? ? '(CHAIN A AND RESID 28:33)' 
'X-RAY DIFFRACTION' 7  7  ? ? ? ? ? ? ? ? ? '(CHAIN A AND RESID 34:39)' 
'X-RAY DIFFRACTION' 8  8  ? ? ? ? ? ? ? ? ? '(CHAIN A AND RESID 40:47)' 
'X-RAY DIFFRACTION' 9  9  ? ? ? ? ? ? ? ? ? '(CHAIN B AND RESID 1:6)'   
'X-RAY DIFFRACTION' 10 10 ? ? ? ? ? ? ? ? ? '(CHAIN B AND RESID 7:13)'  
'X-RAY DIFFRACTION' 11 11 ? ? ? ? ? ? ? ? ? '(CHAIN B AND RESID 14:19)' 
'X-RAY DIFFRACTION' 12 12 ? ? ? ? ? ? ? ? ? '(CHAIN B AND RESID 20:25)' 
'X-RAY DIFFRACTION' 13 13 ? ? ? ? ? ? ? ? ? '(CHAIN B AND RESID 26:30)' 
'X-RAY DIFFRACTION' 14 14 ? ? ? ? ? ? ? ? ? '(CHAIN B AND RESID 31:36)' 
'X-RAY DIFFRACTION' 15 15 ? ? ? ? ? ? ? ? ? '(CHAIN B AND RESID 37:41)' 
'X-RAY DIFFRACTION' 16 16 ? ? ? ? ? ? ? ? ? '(CHAIN B AND RESID 42:47)' 
# 
_pdbx_distant_solvent_atoms.id                                1 
_pdbx_distant_solvent_atoms.PDB_model_num                     1 
_pdbx_distant_solvent_atoms.auth_atom_id                      O 
_pdbx_distant_solvent_atoms.label_alt_id                      ? 
_pdbx_distant_solvent_atoms.auth_asym_id                      A 
_pdbx_distant_solvent_atoms.auth_comp_id                      HOH 
_pdbx_distant_solvent_atoms.auth_seq_id                       2029 
_pdbx_distant_solvent_atoms.PDB_ins_code                      ? 
_pdbx_distant_solvent_atoms.neighbor_macromolecule_distance   5.81 
_pdbx_distant_solvent_atoms.neighbor_ligand_distance          . 
# 
loop_
_chem_comp_atom.comp_id 
_chem_comp_atom.atom_id 
_chem_comp_atom.type_symbol 
_chem_comp_atom.pdbx_aromatic_flag 
_chem_comp_atom.pdbx_stereo_config 
_chem_comp_atom.pdbx_ordinal 
ALA N    N N N 1   
ALA CA   C N S 2   
ALA C    C N N 3   
ALA O    O N N 4   
ALA CB   C N N 5   
ALA OXT  O N N 6   
ALA H    H N N 7   
ALA H2   H N N 8   
ALA HA   H N N 9   
ALA HB1  H N N 10  
ALA HB2  H N N 11  
ALA HB3  H N N 12  
ALA HXT  H N N 13  
ARG N    N N N 14  
ARG CA   C N S 15  
ARG C    C N N 16  
ARG O    O N N 17  
ARG CB   C N N 18  
ARG CG   C N N 19  
ARG CD   C N N 20  
ARG NE   N N N 21  
ARG CZ   C N N 22  
ARG NH1  N N N 23  
ARG NH2  N N N 24  
ARG OXT  O N N 25  
ARG H    H N N 26  
ARG H2   H N N 27  
ARG HA   H N N 28  
ARG HB2  H N N 29  
ARG HB3  H N N 30  
ARG HG2  H N N 31  
ARG HG3  H N N 32  
ARG HD2  H N N 33  
ARG HD3  H N N 34  
ARG HE   H N N 35  
ARG HH11 H N N 36  
ARG HH12 H N N 37  
ARG HH21 H N N 38  
ARG HH22 H N N 39  
ARG HXT  H N N 40  
ASN N    N N N 41  
ASN CA   C N S 42  
ASN C    C N N 43  
ASN O    O N N 44  
ASN CB   C N N 45  
ASN CG   C N N 46  
ASN OD1  O N N 47  
ASN ND2  N N N 48  
ASN OXT  O N N 49  
ASN H    H N N 50  
ASN H2   H N N 51  
ASN HA   H N N 52  
ASN HB2  H N N 53  
ASN HB3  H N N 54  
ASN HD21 H N N 55  
ASN HD22 H N N 56  
ASN HXT  H N N 57  
ASP N    N N N 58  
ASP CA   C N S 59  
ASP C    C N N 60  
ASP O    O N N 61  
ASP CB   C N N 62  
ASP CG   C N N 63  
ASP OD1  O N N 64  
ASP OD2  O N N 65  
ASP OXT  O N N 66  
ASP H    H N N 67  
ASP H2   H N N 68  
ASP HA   H N N 69  
ASP HB2  H N N 70  
ASP HB3  H N N 71  
ASP HD2  H N N 72  
ASP HXT  H N N 73  
CYS N    N N N 74  
CYS CA   C N R 75  
CYS C    C N N 76  
CYS O    O N N 77  
CYS CB   C N N 78  
CYS SG   S N N 79  
CYS OXT  O N N 80  
CYS H    H N N 81  
CYS H2   H N N 82  
CYS HA   H N N 83  
CYS HB2  H N N 84  
CYS HB3  H N N 85  
CYS HG   H N N 86  
CYS HXT  H N N 87  
EDO C1   C N N 88  
EDO O1   O N N 89  
EDO C2   C N N 90  
EDO O2   O N N 91  
EDO H11  H N N 92  
EDO H12  H N N 93  
EDO HO1  H N N 94  
EDO H21  H N N 95  
EDO H22  H N N 96  
EDO HO2  H N N 97  
GLU N    N N N 98  
GLU CA   C N S 99  
GLU C    C N N 100 
GLU O    O N N 101 
GLU CB   C N N 102 
GLU CG   C N N 103 
GLU CD   C N N 104 
GLU OE1  O N N 105 
GLU OE2  O N N 106 
GLU OXT  O N N 107 
GLU H    H N N 108 
GLU H2   H N N 109 
GLU HA   H N N 110 
GLU HB2  H N N 111 
GLU HB3  H N N 112 
GLU HG2  H N N 113 
GLU HG3  H N N 114 
GLU HE2  H N N 115 
GLU HXT  H N N 116 
GLY N    N N N 117 
GLY CA   C N N 118 
GLY C    C N N 119 
GLY O    O N N 120 
GLY OXT  O N N 121 
GLY H    H N N 122 
GLY H2   H N N 123 
GLY HA2  H N N 124 
GLY HA3  H N N 125 
GLY HXT  H N N 126 
HIS N    N N N 127 
HIS CA   C N S 128 
HIS C    C N N 129 
HIS O    O N N 130 
HIS CB   C N N 131 
HIS CG   C Y N 132 
HIS ND1  N Y N 133 
HIS CD2  C Y N 134 
HIS CE1  C Y N 135 
HIS NE2  N Y N 136 
HIS OXT  O N N 137 
HIS H    H N N 138 
HIS H2   H N N 139 
HIS HA   H N N 140 
HIS HB2  H N N 141 
HIS HB3  H N N 142 
HIS HD1  H N N 143 
HIS HD2  H N N 144 
HIS HE1  H N N 145 
HIS HE2  H N N 146 
HIS HXT  H N N 147 
HOH O    O N N 148 
HOH H1   H N N 149 
HOH H2   H N N 150 
ILE N    N N N 151 
ILE CA   C N S 152 
ILE C    C N N 153 
ILE O    O N N 154 
ILE CB   C N S 155 
ILE CG1  C N N 156 
ILE CG2  C N N 157 
ILE CD1  C N N 158 
ILE OXT  O N N 159 
ILE H    H N N 160 
ILE H2   H N N 161 
ILE HA   H N N 162 
ILE HB   H N N 163 
ILE HG12 H N N 164 
ILE HG13 H N N 165 
ILE HG21 H N N 166 
ILE HG22 H N N 167 
ILE HG23 H N N 168 
ILE HD11 H N N 169 
ILE HD12 H N N 170 
ILE HD13 H N N 171 
ILE HXT  H N N 172 
LEU N    N N N 173 
LEU CA   C N S 174 
LEU C    C N N 175 
LEU O    O N N 176 
LEU CB   C N N 177 
LEU CG   C N N 178 
LEU CD1  C N N 179 
LEU CD2  C N N 180 
LEU OXT  O N N 181 
LEU H    H N N 182 
LEU H2   H N N 183 
LEU HA   H N N 184 
LEU HB2  H N N 185 
LEU HB3  H N N 186 
LEU HG   H N N 187 
LEU HD11 H N N 188 
LEU HD12 H N N 189 
LEU HD13 H N N 190 
LEU HD21 H N N 191 
LEU HD22 H N N 192 
LEU HD23 H N N 193 
LEU HXT  H N N 194 
LYS N    N N N 195 
LYS CA   C N S 196 
LYS C    C N N 197 
LYS O    O N N 198 
LYS CB   C N N 199 
LYS CG   C N N 200 
LYS CD   C N N 201 
LYS CE   C N N 202 
LYS NZ   N N N 203 
LYS OXT  O N N 204 
LYS H    H N N 205 
LYS H2   H N N 206 
LYS HA   H N N 207 
LYS HB2  H N N 208 
LYS HB3  H N N 209 
LYS HG2  H N N 210 
LYS HG3  H N N 211 
LYS HD2  H N N 212 
LYS HD3  H N N 213 
LYS HE2  H N N 214 
LYS HE3  H N N 215 
LYS HZ1  H N N 216 
LYS HZ2  H N N 217 
LYS HZ3  H N N 218 
LYS HXT  H N N 219 
PHE N    N N N 220 
PHE CA   C N S 221 
PHE C    C N N 222 
PHE O    O N N 223 
PHE CB   C N N 224 
PHE CG   C Y N 225 
PHE CD1  C Y N 226 
PHE CD2  C Y N 227 
PHE CE1  C Y N 228 
PHE CE2  C Y N 229 
PHE CZ   C Y N 230 
PHE OXT  O N N 231 
PHE H    H N N 232 
PHE H2   H N N 233 
PHE HA   H N N 234 
PHE HB2  H N N 235 
PHE HB3  H N N 236 
PHE HD1  H N N 237 
PHE HD2  H N N 238 
PHE HE1  H N N 239 
PHE HE2  H N N 240 
PHE HZ   H N N 241 
PHE HXT  H N N 242 
PO4 P    P N N 243 
PO4 O1   O N N 244 
PO4 O2   O N N 245 
PO4 O3   O N N 246 
PO4 O4   O N N 247 
PRO N    N N N 248 
PRO CA   C N S 249 
PRO C    C N N 250 
PRO O    O N N 251 
PRO CB   C N N 252 
PRO CG   C N N 253 
PRO CD   C N N 254 
PRO OXT  O N N 255 
PRO H    H N N 256 
PRO HA   H N N 257 
PRO HB2  H N N 258 
PRO HB3  H N N 259 
PRO HG2  H N N 260 
PRO HG3  H N N 261 
PRO HD2  H N N 262 
PRO HD3  H N N 263 
PRO HXT  H N N 264 
SER N    N N N 265 
SER CA   C N S 266 
SER C    C N N 267 
SER O    O N N 268 
SER CB   C N N 269 
SER OG   O N N 270 
SER OXT  O N N 271 
SER H    H N N 272 
SER H2   H N N 273 
SER HA   H N N 274 
SER HB2  H N N 275 
SER HB3  H N N 276 
SER HG   H N N 277 
SER HXT  H N N 278 
THR N    N N N 279 
THR CA   C N S 280 
THR C    C N N 281 
THR O    O N N 282 
THR CB   C N R 283 
THR OG1  O N N 284 
THR CG2  C N N 285 
THR OXT  O N N 286 
THR H    H N N 287 
THR H2   H N N 288 
THR HA   H N N 289 
THR HB   H N N 290 
THR HG1  H N N 291 
THR HG21 H N N 292 
THR HG22 H N N 293 
THR HG23 H N N 294 
THR HXT  H N N 295 
# 
loop_
_chem_comp_bond.comp_id 
_chem_comp_bond.atom_id_1 
_chem_comp_bond.atom_id_2 
_chem_comp_bond.value_order 
_chem_comp_bond.pdbx_aromatic_flag 
_chem_comp_bond.pdbx_stereo_config 
_chem_comp_bond.pdbx_ordinal 
ALA N   CA   sing N N 1   
ALA N   H    sing N N 2   
ALA N   H2   sing N N 3   
ALA CA  C    sing N N 4   
ALA CA  CB   sing N N 5   
ALA CA  HA   sing N N 6   
ALA C   O    doub N N 7   
ALA C   OXT  sing N N 8   
ALA CB  HB1  sing N N 9   
ALA CB  HB2  sing N N 10  
ALA CB  HB3  sing N N 11  
ALA OXT HXT  sing N N 12  
ARG N   CA   sing N N 13  
ARG N   H    sing N N 14  
ARG N   H2   sing N N 15  
ARG CA  C    sing N N 16  
ARG CA  CB   sing N N 17  
ARG CA  HA   sing N N 18  
ARG C   O    doub N N 19  
ARG C   OXT  sing N N 20  
ARG CB  CG   sing N N 21  
ARG CB  HB2  sing N N 22  
ARG CB  HB3  sing N N 23  
ARG CG  CD   sing N N 24  
ARG CG  HG2  sing N N 25  
ARG CG  HG3  sing N N 26  
ARG CD  NE   sing N N 27  
ARG CD  HD2  sing N N 28  
ARG CD  HD3  sing N N 29  
ARG NE  CZ   sing N N 30  
ARG NE  HE   sing N N 31  
ARG CZ  NH1  sing N N 32  
ARG CZ  NH2  doub N N 33  
ARG NH1 HH11 sing N N 34  
ARG NH1 HH12 sing N N 35  
ARG NH2 HH21 sing N N 36  
ARG NH2 HH22 sing N N 37  
ARG OXT HXT  sing N N 38  
ASN N   CA   sing N N 39  
ASN N   H    sing N N 40  
ASN N   H2   sing N N 41  
ASN CA  C    sing N N 42  
ASN CA  CB   sing N N 43  
ASN CA  HA   sing N N 44  
ASN C   O    doub N N 45  
ASN C   OXT  sing N N 46  
ASN CB  CG   sing N N 47  
ASN CB  HB2  sing N N 48  
ASN CB  HB3  sing N N 49  
ASN CG  OD1  doub N N 50  
ASN CG  ND2  sing N N 51  
ASN ND2 HD21 sing N N 52  
ASN ND2 HD22 sing N N 53  
ASN OXT HXT  sing N N 54  
ASP N   CA   sing N N 55  
ASP N   H    sing N N 56  
ASP N   H2   sing N N 57  
ASP CA  C    sing N N 58  
ASP CA  CB   sing N N 59  
ASP CA  HA   sing N N 60  
ASP C   O    doub N N 61  
ASP C   OXT  sing N N 62  
ASP CB  CG   sing N N 63  
ASP CB  HB2  sing N N 64  
ASP CB  HB3  sing N N 65  
ASP CG  OD1  doub N N 66  
ASP CG  OD2  sing N N 67  
ASP OD2 HD2  sing N N 68  
ASP OXT HXT  sing N N 69  
CYS N   CA   sing N N 70  
CYS N   H    sing N N 71  
CYS N   H2   sing N N 72  
CYS CA  C    sing N N 73  
CYS CA  CB   sing N N 74  
CYS CA  HA   sing N N 75  
CYS C   O    doub N N 76  
CYS C   OXT  sing N N 77  
CYS CB  SG   sing N N 78  
CYS CB  HB2  sing N N 79  
CYS CB  HB3  sing N N 80  
CYS SG  HG   sing N N 81  
CYS OXT HXT  sing N N 82  
EDO C1  O1   sing N N 83  
EDO C1  C2   sing N N 84  
EDO C1  H11  sing N N 85  
EDO C1  H12  sing N N 86  
EDO O1  HO1  sing N N 87  
EDO C2  O2   sing N N 88  
EDO C2  H21  sing N N 89  
EDO C2  H22  sing N N 90  
EDO O2  HO2  sing N N 91  
GLU N   CA   sing N N 92  
GLU N   H    sing N N 93  
GLU N   H2   sing N N 94  
GLU CA  C    sing N N 95  
GLU CA  CB   sing N N 96  
GLU CA  HA   sing N N 97  
GLU C   O    doub N N 98  
GLU C   OXT  sing N N 99  
GLU CB  CG   sing N N 100 
GLU CB  HB2  sing N N 101 
GLU CB  HB3  sing N N 102 
GLU CG  CD   sing N N 103 
GLU CG  HG2  sing N N 104 
GLU CG  HG3  sing N N 105 
GLU CD  OE1  doub N N 106 
GLU CD  OE2  sing N N 107 
GLU OE2 HE2  sing N N 108 
GLU OXT HXT  sing N N 109 
GLY N   CA   sing N N 110 
GLY N   H    sing N N 111 
GLY N   H2   sing N N 112 
GLY CA  C    sing N N 113 
GLY CA  HA2  sing N N 114 
GLY CA  HA3  sing N N 115 
GLY C   O    doub N N 116 
GLY C   OXT  sing N N 117 
GLY OXT HXT  sing N N 118 
HIS N   CA   sing N N 119 
HIS N   H    sing N N 120 
HIS N   H2   sing N N 121 
HIS CA  C    sing N N 122 
HIS CA  CB   sing N N 123 
HIS CA  HA   sing N N 124 
HIS C   O    doub N N 125 
HIS C   OXT  sing N N 126 
HIS CB  CG   sing N N 127 
HIS CB  HB2  sing N N 128 
HIS CB  HB3  sing N N 129 
HIS CG  ND1  sing Y N 130 
HIS CG  CD2  doub Y N 131 
HIS ND1 CE1  doub Y N 132 
HIS ND1 HD1  sing N N 133 
HIS CD2 NE2  sing Y N 134 
HIS CD2 HD2  sing N N 135 
HIS CE1 NE2  sing Y N 136 
HIS CE1 HE1  sing N N 137 
HIS NE2 HE2  sing N N 138 
HIS OXT HXT  sing N N 139 
HOH O   H1   sing N N 140 
HOH O   H2   sing N N 141 
ILE N   CA   sing N N 142 
ILE N   H    sing N N 143 
ILE N   H2   sing N N 144 
ILE CA  C    sing N N 145 
ILE CA  CB   sing N N 146 
ILE CA  HA   sing N N 147 
ILE C   O    doub N N 148 
ILE C   OXT  sing N N 149 
ILE CB  CG1  sing N N 150 
ILE CB  CG2  sing N N 151 
ILE CB  HB   sing N N 152 
ILE CG1 CD1  sing N N 153 
ILE CG1 HG12 sing N N 154 
ILE CG1 HG13 sing N N 155 
ILE CG2 HG21 sing N N 156 
ILE CG2 HG22 sing N N 157 
ILE CG2 HG23 sing N N 158 
ILE CD1 HD11 sing N N 159 
ILE CD1 HD12 sing N N 160 
ILE CD1 HD13 sing N N 161 
ILE OXT HXT  sing N N 162 
LEU N   CA   sing N N 163 
LEU N   H    sing N N 164 
LEU N   H2   sing N N 165 
LEU CA  C    sing N N 166 
LEU CA  CB   sing N N 167 
LEU CA  HA   sing N N 168 
LEU C   O    doub N N 169 
LEU C   OXT  sing N N 170 
LEU CB  CG   sing N N 171 
LEU CB  HB2  sing N N 172 
LEU CB  HB3  sing N N 173 
LEU CG  CD1  sing N N 174 
LEU CG  CD2  sing N N 175 
LEU CG  HG   sing N N 176 
LEU CD1 HD11 sing N N 177 
LEU CD1 HD12 sing N N 178 
LEU CD1 HD13 sing N N 179 
LEU CD2 HD21 sing N N 180 
LEU CD2 HD22 sing N N 181 
LEU CD2 HD23 sing N N 182 
LEU OXT HXT  sing N N 183 
LYS N   CA   sing N N 184 
LYS N   H    sing N N 185 
LYS N   H2   sing N N 186 
LYS CA  C    sing N N 187 
LYS CA  CB   sing N N 188 
LYS CA  HA   sing N N 189 
LYS C   O    doub N N 190 
LYS C   OXT  sing N N 191 
LYS CB  CG   sing N N 192 
LYS CB  HB2  sing N N 193 
LYS CB  HB3  sing N N 194 
LYS CG  CD   sing N N 195 
LYS CG  HG2  sing N N 196 
LYS CG  HG3  sing N N 197 
LYS CD  CE   sing N N 198 
LYS CD  HD2  sing N N 199 
LYS CD  HD3  sing N N 200 
LYS CE  NZ   sing N N 201 
LYS CE  HE2  sing N N 202 
LYS CE  HE3  sing N N 203 
LYS NZ  HZ1  sing N N 204 
LYS NZ  HZ2  sing N N 205 
LYS NZ  HZ3  sing N N 206 
LYS OXT HXT  sing N N 207 
PHE N   CA   sing N N 208 
PHE N   H    sing N N 209 
PHE N   H2   sing N N 210 
PHE CA  C    sing N N 211 
PHE CA  CB   sing N N 212 
PHE CA  HA   sing N N 213 
PHE C   O    doub N N 214 
PHE C   OXT  sing N N 215 
PHE CB  CG   sing N N 216 
PHE CB  HB2  sing N N 217 
PHE CB  HB3  sing N N 218 
PHE CG  CD1  doub Y N 219 
PHE CG  CD2  sing Y N 220 
PHE CD1 CE1  sing Y N 221 
PHE CD1 HD1  sing N N 222 
PHE CD2 CE2  doub Y N 223 
PHE CD2 HD2  sing N N 224 
PHE CE1 CZ   doub Y N 225 
PHE CE1 HE1  sing N N 226 
PHE CE2 CZ   sing Y N 227 
PHE CE2 HE2  sing N N 228 
PHE CZ  HZ   sing N N 229 
PHE OXT HXT  sing N N 230 
PO4 P   O1   doub N N 231 
PO4 P   O2   sing N N 232 
PO4 P   O3   sing N N 233 
PO4 P   O4   sing N N 234 
PRO N   CA   sing N N 235 
PRO N   CD   sing N N 236 
PRO N   H    sing N N 237 
PRO CA  C    sing N N 238 
PRO CA  CB   sing N N 239 
PRO CA  HA   sing N N 240 
PRO C   O    doub N N 241 
PRO C   OXT  sing N N 242 
PRO CB  CG   sing N N 243 
PRO CB  HB2  sing N N 244 
PRO CB  HB3  sing N N 245 
PRO CG  CD   sing N N 246 
PRO CG  HG2  sing N N 247 
PRO CG  HG3  sing N N 248 
PRO CD  HD2  sing N N 249 
PRO CD  HD3  sing N N 250 
PRO OXT HXT  sing N N 251 
SER N   CA   sing N N 252 
SER N   H    sing N N 253 
SER N   H2   sing N N 254 
SER CA  C    sing N N 255 
SER CA  CB   sing N N 256 
SER CA  HA   sing N N 257 
SER C   O    doub N N 258 
SER C   OXT  sing N N 259 
SER CB  OG   sing N N 260 
SER CB  HB2  sing N N 261 
SER CB  HB3  sing N N 262 
SER OG  HG   sing N N 263 
SER OXT HXT  sing N N 264 
THR N   CA   sing N N 265 
THR N   H    sing N N 266 
THR N   H2   sing N N 267 
THR CA  C    sing N N 268 
THR CA  CB   sing N N 269 
THR CA  HA   sing N N 270 
THR C   O    doub N N 271 
THR C   OXT  sing N N 272 
THR CB  OG1  sing N N 273 
THR CB  CG2  sing N N 274 
THR CB  HB   sing N N 275 
THR OG1 HG1  sing N N 276 
THR CG2 HG21 sing N N 277 
THR CG2 HG22 sing N N 278 
THR CG2 HG23 sing N N 279 
THR OXT HXT  sing N N 280 
# 
_atom_sites.entry_id                    4AAZ 
_atom_sites.fract_transf_matrix[1][1]   -0.00345426 
_atom_sites.fract_transf_matrix[1][2]   -0.01600404 
_atom_sites.fract_transf_matrix[1][3]   -0.02648686 
_atom_sites.fract_transf_matrix[2][1]   -0.01241509 
_atom_sites.fract_transf_matrix[2][2]   0.02462044 
_atom_sites.fract_transf_matrix[2][3]   -0.01325720 
_atom_sites.fract_transf_matrix[3][1]   0.02110686 
_atom_sites.fract_transf_matrix[3][2]   0.00473539 
_atom_sites.fract_transf_matrix[3][3]   -0.01097186 
_atom_sites.fract_transf_vector[1]      0.217638 
_atom_sites.fract_transf_vector[2]      0.217878 
_atom_sites.fract_transf_vector[3]      -0.199611 
# 
loop_
_atom_type.symbol 
C 
N 
O 
P 
S 
# 
loop_
_atom_site.group_PDB 
_atom_site.id 
_atom_site.type_symbol 
_atom_site.label_atom_id 
_atom_site.label_alt_id 
_atom_site.label_comp_id 
_atom_site.label_asym_id 
_atom_site.label_entity_id 
_atom_site.label_seq_id 
_atom_site.pdbx_PDB_ins_code 
_atom_site.Cartn_x 
_atom_site.Cartn_y 
_atom_site.Cartn_z 
_atom_site.occupancy 
_atom_site.B_iso_or_equiv 
_atom_site.pdbx_formal_charge 
_atom_site.auth_seq_id 
_atom_site.auth_comp_id 
_atom_site.auth_asym_id 
_atom_site.auth_atom_id 
_atom_site.pdbx_PDB_model_num 
ATOM   1   N N   . ARG A 1 1  ? 15.183  12.591  -8.926  1.00 11.10 ? 1    ARG A N   1 
ATOM   2   C CA  . ARG A 1 1  ? 15.933  11.386  -9.339  1.00 7.91  ? 1    ARG A CA  1 
ATOM   3   C C   . ARG A 1 1  ? 15.442  10.218  -8.519  1.00 7.83  ? 1    ARG A C   1 
ATOM   4   O O   . ARG A 1 1  ? 15.468  10.277  -7.298  1.00 8.20  ? 1    ARG A O   1 
ATOM   5   C CB  . ARG A 1 1  ? 17.426  11.622  -9.113  1.00 11.45 ? 1    ARG A CB  1 
ATOM   6   C CG  . ARG A 1 1  ? 18.332  10.451  -9.489  1.00 11.12 ? 1    ARG A CG  1 
ATOM   7   C CD  . ARG A 1 1  ? 19.816  10.809  -9.224  1.00 12.41 ? 1    ARG A CD  1 
ATOM   8   N NE  . ARG A 1 1  ? 19.880  11.426  -7.912  1.00 13.91 ? 1    ARG A NE  1 
ATOM   9   C CZ  . ARG A 1 1  ? 20.237  12.666  -7.664  1.00 8.38  ? 1    ARG A CZ  1 
ATOM   10  N NH1 . ARG A 1 1  ? 20.676  13.483  -8.631  1.00 11.10 ? 1    ARG A NH1 1 
ATOM   11  N NH2 . ARG A 1 1  ? 20.136  13.110  -6.431  1.00 12.86 ? 1    ARG A NH2 1 
ATOM   12  N N   . GLU A 1 2  ? 14.931  9.197   -9.202  1.00 6.97  ? 2    GLU A N   1 
ATOM   13  C CA  . GLU A 1 2  ? 14.471  7.990   -8.532  1.00 6.77  ? 2    GLU A CA  1 
ATOM   14  C C   . GLU A 1 2  ? 15.147  6.807   -9.158  1.00 9.63  ? 2    GLU A C   1 
ATOM   15  O O   . GLU A 1 2  ? 15.580  6.856   -10.325 1.00 12.47 ? 2    GLU A O   1 
ATOM   16  C CB  . GLU A 1 2  ? 12.938  7.851   -8.555  1.00 8.78  ? 2    GLU A CB  1 
ATOM   17  C CG  . GLU A 1 2  ? 12.263  9.060   -7.943  1.00 9.29  ? 2    GLU A CG  1 
ATOM   18  C CD  . GLU A 1 2  ? 10.960  8.791   -7.274  1.00 19.28 ? 2    GLU A CD  1 
ATOM   19  O OE1 . GLU A 1 2  ? 10.318  7.776   -7.601  1.00 23.71 ? 2    GLU A OE1 1 
ATOM   20  O OE2 . GLU A 1 2  ? 10.581  9.629   -6.423  1.00 19.20 ? 2    GLU A OE2 1 
ATOM   21  N N   . CYS A 1 3  ? 15.290  5.772   -8.350  1.00 5.36  ? 3    CYS A N   1 
ATOM   22  C CA  . CYS A 1 3  ? 15.923  4.535   -8.759  1.00 5.25  ? 3    CYS A CA  1 
ATOM   23  C C   . CYS A 1 3  ? 14.958  3.370   -8.672  1.00 4.75  ? 3    CYS A C   1 
ATOM   24  O O   . CYS A 1 3  ? 14.143  3.327   -7.760  1.00 6.18  ? 3    CYS A O   1 
ATOM   25  C CB  . CYS A 1 3  ? 17.111  4.231   -7.847  1.00 6.42  ? 3    CYS A CB  1 
ATOM   26  S SG  . CYS A 1 3  ? 18.615  5.232   -8.142  1.00 10.37 ? 3    CYS A SG  1 
ATOM   27  N N   . LYS A 1 4  ? 15.100  2.423   -9.598  1.00 5.81  ? 4    LYS A N   1 
ATOM   28  C CA  . LYS A 1 4  ? 14.246  1.240   -9.669  1.00 4.96  ? 4    LYS A CA  1 
ATOM   29  C C   . LYS A 1 4  ? 14.959  0.033   -9.075  1.00 4.99  ? 4    LYS A C   1 
ATOM   30  O O   . LYS A 1 4  ? 16.132  -0.244  -9.385  1.00 6.59  ? 4    LYS A O   1 
ATOM   31  C CB  . LYS A 1 4  ? 13.903  0.942   -11.143 1.00 5.62  ? 4    LYS A CB  1 
ATOM   32  C CG  . LYS A 1 4  ? 13.053  2.023   -11.765 1.00 6.12  ? 4    LYS A CG  1 
ATOM   33  C CD  . LYS A 1 4  ? 12.892  1.894   -13.271 1.00 9.25  ? 4    LYS A CD  1 
ATOM   34  C CE  . LYS A 1 4  ? 12.067  3.034   -13.890 1.00 7.83  ? 4    LYS A CE  1 
ATOM   35  N NZ  . LYS A 1 4  ? 11.933  2.895   -15.373 1.00 14.81 ? 4    LYS A NZ  1 
ATOM   36  N N   . THR A 1 5  ? 14.260  -0.668  -8.199  1.00 4.51  ? 5    THR A N   1 
ATOM   37  C CA  . THR A 1 5  ? 14.748  -1.895  -7.573  1.00 4.99  ? 5    THR A CA  1 
ATOM   38  C C   . THR A 1 5  ? 13.599  -2.901  -7.607  1.00 4.60  ? 5    THR A C   1 
ATOM   39  O O   . THR A 1 5  ? 12.510  -2.573  -7.140  1.00 4.39  ? 5    THR A O   1 
ATOM   40  C CB  . THR A 1 5  ? 15.145  -1.647  -6.117  1.00 5.81  ? 5    THR A CB  1 
ATOM   41  O OG1 . THR A 1 5  ? 16.153  -0.629  -6.064  1.00 8.14  ? 5    THR A OG1 1 
ATOM   42  C CG2 . THR A 1 5  ? 15.661  -2.913  -5.485  1.00 7.53  ? 5    THR A CG2 1 
ATOM   43  N N   . GLU A 1 6  ? 13.810  -4.100  -8.148  1.00 3.28  ? 6    GLU A N   1 
ATOM   44  C CA  . GLU A 1 6  ? 12.755  -5.105  -8.151  1.00 3.17  ? 6    GLU A CA  1 
ATOM   45  C C   . GLU A 1 6  ? 12.287  -5.396  -6.746  1.00 4.21  ? 6    GLU A C   1 
ATOM   46  O O   . GLU A 1 6  ? 13.095  -5.556  -5.816  1.00 4.17  ? 6    GLU A O   1 
ATOM   47  C CB  . GLU A 1 6  ? 13.207  -6.383  -8.842  1.00 3.65  ? 6    GLU A CB  1 
ATOM   48  C CG  . GLU A 1 6  ? 12.083  -7.379  -9.043  1.00 3.46  ? 6    GLU A CG  1 
ATOM   49  C CD  . GLU A 1 6  ? 12.387  -8.517  -9.992  1.00 3.90  ? 6    GLU A CD  1 
ATOM   50  O OE1 . GLU A 1 6  ? 13.570  -8.683  -10.421 1.00 5.76  ? 6    GLU A OE1 1 
ATOM   51  O OE2 . GLU A 1 6  ? 11.443  -9.279  -10.316 1.00 3.88  ? 6    GLU A OE2 1 
ATOM   52  N N   . SER A 1 7  ? 10.984  -5.467  -6.551  1.00 3.34  ? 7    SER A N   1 
ATOM   53  C CA  . SER A 1 7  ? 10.418  -5.860  -5.272  1.00 2.18  ? 7    SER A CA  1 
ATOM   54  C C   . SER A 1 7  ? 10.915  -7.193  -4.790  1.00 2.26  ? 7    SER A C   1 
ATOM   55  O O   . SER A 1 7  ? 10.943  -8.175  -5.538  1.00 4.17  ? 7    SER A O   1 
ATOM   56  C CB  . SER A 1 7  ? 8.893   -5.928  -5.408  1.00 3.41  ? 7    SER A CB  1 
ATOM   57  O OG  . SER A 1 7  ? 8.254   -6.471  -4.235  1.00 3.73  ? 7    SER A OG  1 
ATOM   58  N N   . ASN A 1 8  ? 11.257  -7.262  -3.502  1.00 3.45  ? 8    ASN A N   1 
ATOM   59  C CA  . ASN A 1 8  ? 11.695  -8.533  -2.929  1.00 2.72  ? 8    ASN A CA  1 
ATOM   60  C C   . ASN A 1 8  ? 10.580  -9.391  -2.373  1.00 4.29  ? 8    ASN A C   1 
ATOM   61  O O   . ASN A 1 8  ? 10.783  -10.567 -2.123  1.00 5.09  ? 8    ASN A O   1 
ATOM   62  C CB  . ASN A 1 8  ? 12.735  -8.261  -1.862  1.00 4.06  ? 8    ASN A CB  1 
ATOM   63  C CG  . ASN A 1 8  ? 14.014  -7.683  -2.451  1.00 4.99  ? 8    ASN A CG  1 
ATOM   64  O OD1 . ASN A 1 8  ? 14.522  -8.200  -3.433  1.00 4.08  ? 8    ASN A OD1 1 
ATOM   65  N ND2 . ASN A 1 8  ? 14.541  -6.610  -1.856  1.00 6.14  ? 8    ASN A ND2 1 
ATOM   66  N N   . THR A 1 9  ? 9.420   -8.793  -2.145  1.00 3.60  ? 9    THR A N   1 
ATOM   67  C CA  . THR A 1 9  ? 8.290   -9.482  -1.534  1.00 2.52  ? 9    THR A CA  1 
ATOM   68  C C   . THR A 1 9  ? 7.075   -9.688  -2.422  1.00 4.09  ? 9    THR A C   1 
ATOM   69  O O   . THR A 1 9  ? 6.165   -10.410 -2.055  1.00 4.75  ? 9    THR A O   1 
ATOM   70  C CB  . THR A 1 9  ? 7.819   -8.773  -0.230  1.00 4.85  ? 9    THR A CB  1 
ATOM   71  O OG1 . THR A 1 9  ? 7.104   -7.554  -0.514  1.00 6.06  ? 9    THR A OG1 1 
ATOM   72  C CG2 . THR A 1 9  ? 8.971   -8.511  0.690   1.00 5.03  ? 9    THR A CG2 1 
ATOM   73  N N   . PHE A 1 10 ? 7.005   -9.028  -3.571  1.00 2.60  ? 10   PHE A N   1 
ATOM   74  C CA  . PHE A 1 10 ? 5.839   -9.209  -4.443  1.00 2.84  ? 10   PHE A CA  1 
ATOM   75  C C   . PHE A 1 10 ? 5.863   -10.585 -5.093  1.00 4.50  ? 10   PHE A C   1 
ATOM   76  O O   . PHE A 1 10 ? 6.862   -10.945 -5.714  1.00 4.29  ? 10   PHE A O   1 
ATOM   77  C CB  . PHE A 1 10 ? 5.833   -8.150  -5.549  1.00 3.63  ? 10   PHE A CB  1 
ATOM   78  C CG  . PHE A 1 10 ? 4.722   -8.296  -6.539  1.00 3.30  ? 10   PHE A CG  1 
ATOM   79  C CD1 . PHE A 1 10 ? 3.447   -7.837  -6.257  1.00 5.51  ? 10   PHE A CD1 1 
ATOM   80  C CD2 . PHE A 1 10 ? 4.955   -8.869  -7.769  1.00 4.30  ? 10   PHE A CD2 1 
ATOM   81  C CE1 . PHE A 1 10 ? 2.433   -7.971  -7.172  1.00 6.30  ? 10   PHE A CE1 1 
ATOM   82  C CE2 . PHE A 1 10 ? 3.960   -9.000  -8.684  1.00 5.50  ? 10   PHE A CE2 1 
ATOM   83  C CZ  . PHE A 1 10 ? 2.686   -8.547  -8.402  1.00 6.25  ? 10   PHE A CZ  1 
ATOM   84  N N   . PRO A 1 11 ? 4.763   -11.338 -5.020  1.00 4.46  ? 11   PRO A N   1 
ATOM   85  C CA  . PRO A 1 11 ? 4.767   -12.681 -5.620  1.00 5.40  ? 11   PRO A CA  1 
ATOM   86  C C   . PRO A 1 11 ? 4.282   -12.723 -7.066  1.00 4.78  ? 11   PRO A C   1 
ATOM   87  O O   . PRO A 1 11 ? 3.244   -12.123 -7.381  1.00 5.17  ? 11   PRO A O   1 
ATOM   88  C CB  . PRO A 1 11 ? 3.762   -13.475 -4.754  1.00 6.82  ? 11   PRO A CB  1 
ATOM   89  C CG  . PRO A 1 11 ? 3.301   -12.548 -3.699  1.00 15.89 ? 11   PRO A CG  1 
ATOM   90  C CD  . PRO A 1 11 ? 3.626   -11.137 -4.129  1.00 5.47  ? 11   PRO A CD  1 
ATOM   91  N N   . GLY A 1 12 ? 5.004   -13.408 -7.939  1.00 5.43  ? 12   GLY A N   1 
ATOM   92  C CA  . GLY A 1 12 ? 4.507   -13.676 -9.267  1.00 5.91  ? 12   GLY A CA  1 
ATOM   93  C C   . GLY A 1 12 ? 4.736   -12.567 -10.285 1.00 5.36  ? 12   GLY A C   1 
ATOM   94  O O   . GLY A 1 12 ? 5.459   -11.617 -10.040 1.00 5.19  ? 12   GLY A O   1 
ATOM   95  N N   . ILE A 1 13 ? 4.099   -12.691 -11.441 1.00 5.83  ? 13   ILE A N   1 
ATOM   96  C CA  . ILE A 1 13 ? 4.255   -11.668 -12.466 1.00 5.99  ? 13   ILE A CA  1 
ATOM   97  C C   . ILE A 1 13 ? 3.383   -10.456 -12.173 1.00 6.41  ? 13   ILE A C   1 
ATOM   98  O O   . ILE A 1 13 ? 2.313   -10.536 -11.557 1.00 6.59  ? 13   ILE A O   1 
ATOM   99  C CB  . ILE A 1 13 ? 4.014   -12.144 -13.896 1.00 10.68 ? 13   ILE A CB  1 
ATOM   100 C CG1 . ILE A 1 13 ? 2.600   -12.620 -14.074 1.00 15.52 ? 13   ILE A CG1 1 
ATOM   101 C CG2 . ILE A 1 13 ? 5.039   -13.202 -14.297 1.00 11.51 ? 13   ILE A CG2 1 
ATOM   102 C CD1 . ILE A 1 13 ? 2.233   -12.822 -15.568 1.00 18.33 ? 13   ILE A CD1 1 
ATOM   103 N N   . CYS A 1 14 ? 3.897   -9.307  -12.574 1.00 4.53  ? 14   CYS A N   1 
ATOM   104 C CA  . CYS A 1 14 ? 3.268   -8.023  -12.315 1.00 3.70  ? 14   CYS A CA  1 
ATOM   105 C C   . CYS A 1 14 ? 2.370   -7.689  -13.498 1.00 4.48  ? 14   CYS A C   1 
ATOM   106 O O   . CYS A 1 14 ? 2.857   -7.456  -14.617 1.00 6.02  ? 14   CYS A O   1 
ATOM   107 C CB  . CYS A 1 14 ? 4.345   -6.965  -12.131 1.00 4.23  ? 14   CYS A CB  1 
ATOM   108 S SG  . CYS A 1 14 ? 3.747   -5.447  -11.354 1.00 5.15  ? 14   CYS A SG  1 
ATOM   109 N N   . ILE A 1 15 ? 1.065   -7.661  -13.252 1.00 4.56  ? 15   ILE A N   1 
ATOM   110 C CA  . ILE A 1 15 ? 0.086   -7.300  -14.283 1.00 6.35  ? 15   ILE A CA  1 
ATOM   111 C C   . ILE A 1 15 ? -0.651  -6.033  -13.898 1.00 6.20  ? 15   ILE A C   1 
ATOM   112 O O   . ILE A 1 15 ? -0.779  -5.128  -14.717 1.00 8.27  ? 15   ILE A O   1 
ATOM   113 C CB  . ILE A 1 15 ? -0.928  -8.441  -14.552 1.00 9.22  ? 15   ILE A CB  1 
ATOM   114 C CG1 . ILE A 1 15 ? -0.188  -9.682  -15.075 1.00 10.28 ? 15   ILE A CG1 1 
ATOM   115 C CG2 . ILE A 1 15 ? -2.012  -8.001  -15.519 1.00 11.20 ? 15   ILE A CG2 1 
ATOM   116 C CD1 . ILE A 1 15 ? 0.537   -9.485  -16.410 1.00 13.13 ? 15   ILE A CD1 1 
ATOM   117 N N   . THR A 1 16 ? -1.132  -5.930  -12.664 1.00 4.08  ? 16   THR A N   1 
ATOM   118 C CA  . THR A 1 16 ? -1.795  -4.707  -12.220 1.00 4.33  ? 16   THR A CA  1 
ATOM   119 C C   . THR A 1 16 ? -1.007  -4.040  -11.103 1.00 5.91  ? 16   THR A C   1 
ATOM   120 O O   . THR A 1 16 ? -0.335  -4.690  -10.290 1.00 4.71  ? 16   THR A O   1 
ATOM   121 C CB  . THR A 1 16 ? -3.239  -4.938  -11.754 1.00 5.94  ? 16   THR A CB  1 
ATOM   122 O OG1 . THR A 1 16 ? -3.232  -5.720  -10.555 1.00 9.52  ? 16   THR A OG1 1 
ATOM   123 C CG2 . THR A 1 16 ? -4.055  -5.592  -12.830 1.00 7.91  ? 16   THR A CG2 1 
ATOM   124 N N   . LYS A 1 17 ? -1.085  -2.718  -11.083 1.00 3.99  ? 17   LYS A N   1 
ATOM   125 C CA  . LYS A 1 17 ? -0.317  -1.902  -10.155 1.00 3.49  ? 17   LYS A CA  1 
ATOM   126 C C   . LYS A 1 17 ? -0.619  -2.117  -8.661  1.00 4.68  ? 17   LYS A C   1 
ATOM   127 O O   . LYS A 1 17 ? 0.317   -2.190  -7.855  1.00 4.38  ? 17   LYS A O   1 
ATOM   128 C CB  . LYS A 1 17 ? -0.495  -0.423  -10.465 1.00 5.53  ? 17   LYS A CB  1 
ATOM   129 C CG  . LYS A 1 17 ? 0.416   0.487   -9.634  1.00 4.49  ? 17   LYS A CG  1 
ATOM   130 C CD  . LYS A 1 17 ? 0.147   1.951   -9.911  1.00 5.28  ? 17   LYS A CD  1 
ATOM   131 C CE  . LYS A 1 17 ? 1.140   2.857   -9.248  1.00 6.32  ? 17   LYS A CE  1 
ATOM   132 N NZ  . LYS A 1 17 ? 2.494   2.733   -9.861  1.00 6.11  ? 17   LYS A NZ  1 
ATOM   133 N N   . PRO A 1 18 ? -1.903  -2.175  -8.262  1.00 3.53  ? 18   PRO A N   1 
ATOM   134 C CA  . PRO A 1 18 ? -2.146  -2.081  -6.802  1.00 4.35  ? 18   PRO A CA  1 
ATOM   135 C C   . PRO A 1 18 ? -1.352  -3.038  -5.897  1.00 4.10  ? 18   PRO A C   1 
ATOM   136 O O   . PRO A 1 18 ? -0.782  -2.569  -4.907  1.00 4.49  ? 18   PRO A O   1 
ATOM   137 C CB  . PRO A 1 18 ? -3.662  -2.304  -6.691  1.00 6.65  ? 18   PRO A CB  1 
ATOM   138 C CG  . PRO A 1 18 ? -4.166  -1.678  -7.970  1.00 5.58  ? 18   PRO A CG  1 
ATOM   139 C CD  . PRO A 1 18 ? -3.159  -2.087  -9.024  1.00 4.90  ? 18   PRO A CD  1 
ATOM   140 N N   . PRO A 1 19 ? -1.290  -4.345  -6.190  1.00 3.67  ? 19   PRO A N   1 
ATOM   141 C CA  . PRO A 1 19 ? -0.547  -5.214  -5.273  1.00 4.58  ? 19   PRO A CA  1 
ATOM   142 C C   . PRO A 1 19 ? 0.960   -4.982  -5.318  1.00 4.71  ? 19   PRO A C   1 
ATOM   143 O O   . PRO A 1 19 ? 1.670   -5.267  -4.350  1.00 4.44  ? 19   PRO A O   1 
ATOM   144 C CB  . PRO A 1 19 ? -0.904  -6.614  -5.758  1.00 6.04  ? 19   PRO A CB  1 
ATOM   145 C CG  . PRO A 1 19 ? -1.229  -6.446  -7.189  1.00 5.58  ? 19   PRO A CG  1 
ATOM   146 C CD  . PRO A 1 19 ? -1.955  -5.113  -7.253  1.00 4.58  ? 19   PRO A CD  1 
ATOM   147 N N   . CYS A 1 20 ? 1.468   -4.509  -6.457  1.00 3.12  ? 20   CYS A N   1 
ATOM   148 C CA  . CYS A 1 20 ? 2.886   -4.217  -6.609  1.00 3.00  ? 20   CYS A CA  1 
ATOM   149 C C   . CYS A 1 20 ? 3.257   -2.942  -5.838  1.00 2.22  ? 20   CYS A C   1 
ATOM   150 O O   . CYS A 1 20 ? 4.223   -2.911  -5.073  1.00 4.07  ? 20   CYS A O   1 
ATOM   151 C CB  . CYS A 1 20 ? 3.217   -4.072  -8.098  1.00 3.10  ? 20   CYS A CB  1 
ATOM   152 S SG  . CYS A 1 20 ? 4.892   -3.445  -8.425  1.00 4.07  ? 20   CYS A SG  1 
ATOM   153 N N   . ARG A 1 21 ? 2.486   -1.877  -6.023  1.00 2.20  ? 21   ARG A N   1 
ATOM   154 C CA  . ARG A 1 21 ? 2.676   -0.688  -5.212  1.00 2.15  ? 21   ARG A CA  1 
ATOM   155 C C   . ARG A 1 21 ? 2.601   -1.010  -3.722  1.00 2.69  ? 21   ARG A C   1 
ATOM   156 O O   . ARG A 1 21 ? 3.420   -0.533  -2.931  1.00 2.66  ? 21   ARG A O   1 
ATOM   157 C CB  . ARG A 1 21 ? 1.640   0.380   -5.590  1.00 2.59  ? 21   ARG A CB  1 
ATOM   158 C CG  . ARG A 1 21 ? 1.649   1.587   -4.641  1.00 3.66  ? 21   ARG A CG  1 
ATOM   159 C CD  . ARG A 1 21 ? 0.855   2.793   -5.091  1.00 4.36  ? 21   ARG A CD  1 
ATOM   160 N NE  . ARG A 1 21 ? -0.481  2.409   -5.501  1.00 4.98  ? 21   ARG A NE  1 
ATOM   161 C CZ  . ARG A 1 21 ? -1.221  3.046   -6.404  1.00 4.27  ? 21   ARG A CZ  1 
ATOM   162 N NH1 . ARG A 1 21 ? -0.789  4.171   -6.977  1.00 6.19  ? 21   ARG A NH1 1 
ATOM   163 N NH2 . ARG A 1 21 ? -2.394  2.541   -6.758  1.00 6.49  ? 21   ARG A NH2 1 
ATOM   164 N N   . LYS A 1 22 ? 1.640   -1.833  -3.334  1.00 2.93  ? 22   LYS A N   1 
ATOM   165 C CA  . LYS A 1 22 ? 1.499   -2.171  -1.924  1.00 3.01  ? 22   LYS A CA  1 
ATOM   166 C C   . LYS A 1 22 ? 2.756   -2.870  -1.420  1.00 3.41  ? 22   LYS A C   1 
ATOM   167 O O   . LYS A 1 22 ? 3.273   -2.529  -0.362  1.00 3.71  ? 22   LYS A O   1 
ATOM   168 C CB  . LYS A 1 22 ? 0.251   -3.029  -1.710  1.00 4.43  ? 22   LYS A CB  1 
ATOM   169 C CG  . LYS A 1 22 ? -0.014  -3.428  -0.250  1.00 7.63  ? 22   LYS A CG  1 
ATOM   170 C CD  . LYS A 1 22 ? -1.246  -4.309  -0.155  1.00 14.61 ? 22   LYS A CD  1 
ATOM   171 C CE  . LYS A 1 22 ? -0.906  -5.759  -0.125  1.00 33.19 ? 22   LYS A CE  1 
ATOM   172 N NZ  . LYS A 1 22 ? -0.364  -6.122  1.222   1.00 34.04 ? 22   LYS A NZ  1 
ATOM   173 N N   . ALA A 1 23 ? 3.248   -3.858  -2.156  1.00 3.34  ? 23   ALA A N   1 
ATOM   174 C CA  . ALA A 1 23 ? 4.470   -4.549  -1.758  1.00 2.52  ? 23   ALA A CA  1 
ATOM   175 C C   . ALA A 1 23 ? 5.630   -3.596  -1.631  1.00 2.37  ? 23   ALA A C   1 
ATOM   176 O O   . ALA A 1 23 ? 6.380   -3.624  -0.670  1.00 3.53  ? 23   ALA A O   1 
ATOM   177 C CB  . ALA A 1 23 ? 4.778   -5.653  -2.780  1.00 3.17  ? 23   ALA A CB  1 
ATOM   178 N N   . CYS A 1 24 ? 5.801   -2.732  -2.622  1.00 2.83  ? 24   CYS A N   1 
ATOM   179 C CA  . CYS A 1 24 ? 6.905   -1.788  -2.612  1.00 2.17  ? 24   CYS A CA  1 
ATOM   180 C C   . CYS A 1 24 ? 6.847   -0.833  -1.438  1.00 1.80  ? 24   CYS A C   1 
ATOM   181 O O   . CYS A 1 24 ? 7.865   -0.540  -0.807  1.00 2.83  ? 24   CYS A O   1 
ATOM   182 C CB  . CYS A 1 24 ? 6.940   -1.051  -3.939  1.00 3.76  ? 24   CYS A CB  1 
ATOM   183 S SG  . CYS A 1 24 ? 7.460   -2.129  -5.327  1.00 3.43  ? 24   CYS A SG  1 
ATOM   184 N N   . ILE A 1 25 ? 5.650   -0.329  -1.149  1.00 2.74  ? 25   ILE A N   1 
ATOM   185 C CA  . ILE A 1 25 ? 5.495   0.568   0.001   1.00 3.97  ? 25   ILE A CA  1 
ATOM   186 C C   . ILE A 1 25 ? 5.792   -0.200  1.296   1.00 3.46  ? 25   ILE A C   1 
ATOM   187 O O   . ILE A 1 25 ? 6.395   0.340   2.225   1.00 3.83  ? 25   ILE A O   1 
ATOM   188 C CB  . ILE A 1 25 ? 4.109   1.269   -0.030  1.00 3.00  ? 25   ILE A CB  1 
ATOM   189 C CG1 . ILE A 1 25 ? 4.097   2.216   -1.217  1.00 4.22  ? 25   ILE A CG1 1 
ATOM   190 C CG2 . ILE A 1 25 ? 3.843   2.029   1.250   1.00 5.29  ? 25   ILE A CG2 1 
ATOM   191 C CD1 . ILE A 1 25 ? 2.756   2.897   -1.489  1.00 6.32  ? 25   ILE A CD1 1 
ATOM   192 N N   . SER A 1 26 ? 5.390   -1.468  1.372   1.00 3.65  ? 26   SER A N   1 
ATOM   193 C CA  A SER A 1 26 ? 5.692   -2.335  2.517   0.51 2.65  ? 26   SER A CA  1 
ATOM   194 C CA  B SER A 1 26 ? 5.684   -2.283  2.545   0.49 3.06  ? 26   SER A CA  1 
ATOM   195 C C   . SER A 1 26 ? 7.186   -2.463  2.732   1.00 5.39  ? 26   SER A C   1 
ATOM   196 O O   . SER A 1 26 ? 7.640   -2.677  3.854   1.00 5.66  ? 26   SER A O   1 
ATOM   197 C CB  A SER A 1 26 ? 5.123   -3.748  2.334   0.51 6.49  ? 26   SER A CB  1 
ATOM   198 C CB  B SER A 1 26 ? 4.952   -3.638  2.506   0.49 3.28  ? 26   SER A CB  1 
ATOM   199 O OG  A SER A 1 26 ? 3.714   -3.791  2.408   0.51 12.81 ? 26   SER A OG  1 
ATOM   200 O OG  B SER A 1 26 ? 5.628   -4.624  1.735   0.49 4.40  ? 26   SER A OG  1 
ATOM   201 N N   . GLU A 1 27 ? 7.953   -2.344  1.634   1.00 3.21  ? 27   GLU A N   1 
ATOM   202 C CA  . GLU A 1 27 ? 9.404   -2.466  1.632   1.00 2.92  ? 27   GLU A CA  1 
ATOM   203 C C   . GLU A 1 27 ? 10.109  -1.114  1.755   1.00 4.80  ? 27   GLU A C   1 
ATOM   204 O O   . GLU A 1 27 ? 11.309  -1.028  1.616   1.00 5.65  ? 27   GLU A O   1 
ATOM   205 C CB  . GLU A 1 27 ? 9.863   -3.157  0.352   1.00 3.44  ? 27   GLU A CB  1 
ATOM   206 C CG  . GLU A 1 27 ? 9.445   -4.601  0.252   1.00 4.55  ? 27   GLU A CG  1 
ATOM   207 C CD  . GLU A 1 27 ? 9.761   -5.231  -1.090  1.00 5.03  ? 27   GLU A CD  1 
ATOM   208 O OE1 . GLU A 1 27 ? 10.910  -5.124  -1.567  1.00 4.69  ? 27   GLU A OE1 1 
ATOM   209 O OE2 . GLU A 1 27 ? 8.858   -5.869  -1.692  1.00 5.44  ? 27   GLU A OE2 1 
ATOM   210 N N   . LYS A 1 28 ? 9.334   -0.069  2.043   1.00 4.42  ? 28   LYS A N   1 
ATOM   211 C CA  . LYS A 1 28 ? 9.853   1.283   2.282   1.00 4.75  ? 28   LYS A CA  1 
ATOM   212 C C   . LYS A 1 28 ? 10.318  2.001   1.027   1.00 4.75  ? 28   LYS A C   1 
ATOM   213 O O   . LYS A 1 28 ? 11.114  2.930   1.091   1.00 7.09  ? 28   LYS A O   1 
ATOM   214 C CB  . LYS A 1 28 ? 10.900  1.315   3.398   1.00 6.95  ? 28   LYS A CB  1 
ATOM   215 C CG  . LYS A 1 28 ? 10.365  0.823   4.731   1.00 10.18 ? 28   LYS A CG  1 
ATOM   216 C CD  . LYS A 1 28 ? 11.445  0.859   5.828   1.00 13.28 ? 28   LYS A CD  1 
ATOM   217 C CE  . LYS A 1 28 ? 11.218  -0.225  6.876   1.00 31.10 ? 28   LYS A CE  1 
ATOM   218 N NZ  . LYS A 1 28 ? 11.403  -1.616  6.317   1.00 46.52 ? 28   LYS A NZ  1 
ATOM   219 N N   . PHE A 1 29 ? 9.779   1.603   -0.117  1.00 3.20  ? 29   PHE A N   1 
ATOM   220 C CA  . PHE A 1 29 ? 9.861   2.401   -1.315  1.00 2.54  ? 29   PHE A CA  1 
ATOM   221 C C   . PHE A 1 29 ? 8.642   3.304   -1.356  1.00 4.10  ? 29   PHE A C   1 
ATOM   222 O O   . PHE A 1 29 ? 7.735   3.187   -0.540  1.00 5.96  ? 29   PHE A O   1 
ATOM   223 C CB  . PHE A 1 29 ? 9.936   1.496   -2.544  1.00 3.47  ? 29   PHE A CB  1 
ATOM   224 C CG  . PHE A 1 29 ? 11.181  0.646   -2.614  1.00 3.26  ? 29   PHE A CG  1 
ATOM   225 C CD1 . PHE A 1 29 ? 11.198  -0.613  -2.035  1.00 4.34  ? 29   PHE A CD1 1 
ATOM   226 C CD2 . PHE A 1 29 ? 12.313  1.103   -3.277  1.00 4.89  ? 29   PHE A CD2 1 
ATOM   227 C CE1 . PHE A 1 29 ? 12.310  -1.398  -2.094  1.00 6.68  ? 29   PHE A CE1 1 
ATOM   228 C CE2 . PHE A 1 29 ? 13.448  0.319   -3.356  1.00 6.20  ? 29   PHE A CE2 1 
ATOM   229 C CZ  . PHE A 1 29 ? 13.456  -0.932  -2.755  1.00 8.30  ? 29   PHE A CZ  1 
ATOM   230 N N   . THR A 1 30 ? 8.593   4.214   -2.321  1.00 2.96  ? 30   THR A N   1 
ATOM   231 C CA  . THR A 1 30 ? 7.488   5.143   -2.394  1.00 3.97  ? 30   THR A CA  1 
ATOM   232 C C   . THR A 1 30 ? 6.457   4.770   -3.465  1.00 4.18  ? 30   THR A C   1 
ATOM   233 O O   . THR A 1 30 ? 5.354   5.309   -3.456  1.00 4.67  ? 30   THR A O   1 
ATOM   234 C CB  . THR A 1 30 ? 7.948   6.597   -2.566  1.00 5.62  ? 30   THR A CB  1 
ATOM   235 O OG1 . THR A 1 30 ? 8.783   6.707   -3.705  1.00 6.53  ? 30   THR A OG1 1 
ATOM   236 C CG2 . THR A 1 30 ? 8.755   7.061   -1.360  1.00 7.39  ? 30   THR A CG2 1 
ATOM   237 N N   . ASP A 1 31 ? 6.800   3.870   -4.381  1.00 3.31  ? 31   ASP A N   1 
ATOM   238 C CA  . ASP A 1 31 ? 5.850   3.388   -5.380  1.00 2.55  ? 31   ASP A CA  1 
ATOM   239 C C   . ASP A 1 31 ? 6.342   2.058   -5.929  1.00 3.15  ? 31   ASP A C   1 
ATOM   240 O O   . ASP A 1 31 ? 7.503   1.667   -5.723  1.00 3.05  ? 31   ASP A O   1 
ATOM   241 C CB  . ASP A 1 31 ? 5.686   4.397   -6.530  1.00 3.39  ? 31   ASP A CB  1 
ATOM   242 C CG  . ASP A 1 31 ? 4.570   4.024   -7.500  1.00 5.03  ? 31   ASP A CG  1 
ATOM   243 O OD1 . ASP A 1 31 ? 3.474   3.667   -7.020  1.00 5.40  ? 31   ASP A OD1 1 
ATOM   244 O OD2 . ASP A 1 31 ? 4.762   4.103   -8.742  1.00 5.37  ? 31   ASP A OD2 1 
ATOM   245 N N   . GLY A 1 32 ? 5.452   1.369   -6.637  1.00 2.45  ? 32   GLY A N   1 
ATOM   246 C CA  . GLY A 1 32 ? 5.816   0.234   -7.450  1.00 2.86  ? 32   GLY A CA  1 
ATOM   247 C C   . GLY A 1 32 ? 5.014   0.246   -8.727  1.00 2.34  ? 32   GLY A C   1 
ATOM   248 O O   . GLY A 1 32 ? 3.862   0.645   -8.725  1.00 3.95  ? 32   GLY A O   1 
ATOM   249 N N   . HIS A 1 33 ? 5.620   -0.204  -9.825  1.00 2.52  ? 33   HIS A N   1 
ATOM   250 C CA  . HIS A 1 33 ? 4.945   -0.346  -11.098 1.00 3.26  ? 33   HIS A CA  1 
ATOM   251 C C   . HIS A 1 33 ? 5.380   -1.634  -11.776 1.00 4.12  ? 33   HIS A C   1 
ATOM   252 O O   . HIS A 1 33 ? 6.403   -2.242  -11.401 1.00 3.59  ? 33   HIS A O   1 
ATOM   253 C CB  . HIS A 1 33 ? 5.245   0.849   -12.003 1.00 3.62  ? 33   HIS A CB  1 
ATOM   254 C CG  . HIS A 1 33 ? 6.671   0.896   -12.450 1.00 3.61  ? 33   HIS A CG  1 
ATOM   255 N ND1 . HIS A 1 33 ? 7.681   1.348   -11.630 1.00 3.18  ? 33   HIS A ND1 1 
ATOM   256 C CD2 . HIS A 1 33 ? 7.261   0.518   -13.606 1.00 4.34  ? 33   HIS A CD2 1 
ATOM   257 C CE1 . HIS A 1 33 ? 8.836   1.240   -12.261 1.00 3.73  ? 33   HIS A CE1 1 
ATOM   258 N NE2 . HIS A 1 33 ? 8.611   0.744   -13.462 1.00 5.04  ? 33   HIS A NE2 1 
ATOM   259 N N   . CYS A 1 34 ? 4.628   -2.052  -12.785 1.00 3.85  ? 34   CYS A N   1 
ATOM   260 C CA  . CYS A 1 34 ? 4.957   -3.258  -13.541 1.00 3.39  ? 34   CYS A CA  1 
ATOM   261 C C   . CYS A 1 34 ? 5.799   -2.932  -14.752 1.00 4.46  ? 34   CYS A C   1 
ATOM   262 O O   . CYS A 1 34 ? 5.542   -1.969  -15.460 1.00 5.62  ? 34   CYS A O   1 
ATOM   263 C CB  . CYS A 1 34 ? 3.698   -3.967  -14.018 1.00 4.27  ? 34   CYS A CB  1 
ATOM   264 S SG  . CYS A 1 34 ? 2.562   -4.478  -12.731 1.00 6.09  ? 34   CYS A SG  1 
ATOM   265 N N   . SER A 1 35 ? 6.809   -3.763  -15.017 1.00 4.72  ? 35   SER A N   1 
ATOM   266 C CA  . SER A 1 35 ? 7.549   -3.649  -16.280 1.00 5.44  ? 35   SER A CA  1 
ATOM   267 C C   . SER A 1 35 ? 6.763   -4.341  -17.393 1.00 5.52  ? 35   SER A C   1 
ATOM   268 O O   . SER A 1 35 ? 5.836   -5.103  -17.132 1.00 7.65  ? 35   SER A O   1 
ATOM   269 C CB  . SER A 1 35 ? 8.959   -4.202  -16.139 1.00 8.71  ? 35   SER A CB  1 
ATOM   270 O OG  . SER A 1 35 ? 8.964   -5.609  -16.073 1.00 5.84  ? 35   SER A OG  1 
ATOM   271 N N   . LYS A 1 36 ? 7.093   -4.015  -18.638 1.00 12.29 ? 36   LYS A N   1 
ATOM   272 C CA  . LYS A 1 36 ? 6.283   -4.489  -19.759 1.00 13.27 ? 36   LYS A CA  1 
ATOM   273 C C   . LYS A 1 36 ? 6.670   -5.855  -20.278 1.00 9.24  ? 36   LYS A C   1 
ATOM   274 O O   . LYS A 1 36 ? 5.809   -6.608  -20.740 1.00 10.96 ? 36   LYS A O   1 
ATOM   275 C CB  . LYS A 1 36 ? 6.300   -3.487  -20.917 1.00 17.47 ? 36   LYS A CB  1 
ATOM   276 C CG  . LYS A 1 36 ? 5.446   -2.257  -20.639 1.00 21.36 ? 36   LYS A CG  1 
ATOM   277 C CD  . LYS A 1 36 ? 5.152   -1.463  -21.900 1.00 26.99 ? 36   LYS A CD  1 
ATOM   278 C CE  . LYS A 1 36 ? 6.416   -0.827  -22.472 1.00 38.40 ? 36   LYS A CE  1 
ATOM   279 N NZ  . LYS A 1 36 ? 6.738   0.470   -21.810 1.00 39.36 ? 36   LYS A NZ  1 
ATOM   280 N N   . ILE A 1 37 ? 7.956   -6.201  -20.226 1.00 8.28  ? 37   ILE A N   1 
ATOM   281 C CA  . ILE A 1 37 ? 8.412   -7.374  -20.940 1.00 8.08  ? 37   ILE A CA  1 
ATOM   282 C C   . ILE A 1 37 ? 8.645   -8.558  -20.010 1.00 7.07  ? 37   ILE A C   1 
ATOM   283 O O   . ILE A 1 37 ? 7.977   -9.575  -20.143 1.00 9.28  ? 37   ILE A O   1 
ATOM   284 C CB  . ILE A 1 37 ? 9.650   -7.049  -21.825 1.00 8.66  ? 37   ILE A CB  1 
ATOM   285 C CG1 . ILE A 1 37 ? 9.286   -5.944  -22.831 1.00 10.13 ? 37   ILE A CG1 1 
ATOM   286 C CG2 . ILE A 1 37 ? 10.165  -8.299  -22.503 1.00 9.48  ? 37   ILE A CG2 1 
ATOM   287 C CD1 . ILE A 1 37 ? 8.078   -6.295  -23.716 1.00 11.69 ? 37   ILE A CD1 1 
ATOM   288 N N   . LEU A 1 38 ? 9.542   -8.421  -19.032 1.00 6.01  ? 38   LEU A N   1 
ATOM   289 C CA  . LEU A 1 38 ? 9.715   -9.462  -18.039 1.00 6.20  ? 38   LEU A CA  1 
ATOM   290 C C   . LEU A 1 38 ? 8.586   -9.417  -16.991 1.00 5.81  ? 38   LEU A C   1 
ATOM   291 O O   . LEU A 1 38 ? 8.424   -10.347 -16.202 1.00 6.47  ? 38   LEU A O   1 
ATOM   292 C CB  . LEU A 1 38 ? 11.089  -9.382  -17.362 1.00 6.87  ? 38   LEU A CB  1 
ATOM   293 C CG  . LEU A 1 38 ? 12.272  -9.797  -18.251 1.00 8.85  ? 38   LEU A CG  1 
ATOM   294 C CD1 . LEU A 1 38 ? 13.610  -9.311  -17.656 1.00 10.90 ? 38   LEU A CD1 1 
ATOM   295 C CD2 . LEU A 1 38 ? 12.299  -11.310 -18.485 1.00 10.59 ? 38   LEU A CD2 1 
ATOM   296 N N   . ARG A 1 39 ? 7.795   -8.341  -16.985 1.00 4.69  ? 39   ARG A N   1 
ATOM   297 C CA  . ARG A 1 39 ? 6.592   -8.229  -16.130 1.00 5.37  ? 39   ARG A CA  1 
ATOM   298 C C   . ARG A 1 39 ? 6.975   -8.409  -14.658 1.00 4.43  ? 39   ARG A C   1 
ATOM   299 O O   . ARG A 1 39 ? 6.419   -9.220  -13.927 1.00 5.09  ? 39   ARG A O   1 
ATOM   300 C CB  . ARG A 1 39 ? 5.487   -9.165  -16.603 1.00 6.40  ? 39   ARG A CB  1 
ATOM   301 C CG  . ARG A 1 39 ? 5.201   -8.908  -18.078 1.00 9.96  ? 39   ARG A CG  1 
ATOM   302 C CD  . ARG A 1 39 ? 3.844   -9.342  -18.500 1.00 18.41 ? 39   ARG A CD  1 
ATOM   303 N NE  . ARG A 1 39 ? 3.798   -10.784 -18.630 1.00 18.86 ? 39   ARG A NE  1 
ATOM   304 C CZ  . ARG A 1 39 ? 2.732   -11.450 -19.060 1.00 19.28 ? 39   ARG A CZ  1 
ATOM   305 N NH1 . ARG A 1 39 ? 1.647   -10.782 -19.415 1.00 18.02 ? 39   ARG A NH1 1 
ATOM   306 N NH2 . ARG A 1 39 ? 2.763   -12.774 -19.138 1.00 20.45 ? 39   ARG A NH2 1 
ATOM   307 N N   . ARG A 1 40 ? 7.942   -7.607  -14.257 1.00 3.63  ? 40   ARG A N   1 
ATOM   308 C CA  . ARG A 1 40 ? 8.422   -7.557  -12.892 1.00 4.13  ? 40   ARG A CA  1 
ATOM   309 C C   . ARG A 1 40 ? 7.783   -6.391  -12.131 1.00 2.74  ? 40   ARG A C   1 
ATOM   310 O O   . ARG A 1 40 ? 7.444   -5.361  -12.721 1.00 4.36  ? 40   ARG A O   1 
ATOM   311 C CB  . ARG A 1 40 ? 9.938   -7.379  -12.910 1.00 6.56  ? 40   ARG A CB  1 
ATOM   312 C CG  . ARG A 1 40 ? 10.650  -8.483  -13.696 1.00 4.74  ? 40   ARG A CG  1 
ATOM   313 C CD  . ARG A 1 40 ? 12.147  -8.396  -13.587 1.00 7.75  ? 40   ARG A CD  1 
ATOM   314 N NE  . ARG A 1 40 ? 12.662  -7.243  -14.300 1.00 5.91  ? 40   ARG A NE  1 
ATOM   315 C CZ  . ARG A 1 40 ? 13.748  -6.578  -13.960 1.00 7.29  ? 40   ARG A CZ  1 
ATOM   316 N NH1 . ARG A 1 40 ? 14.433  -6.897  -12.865 1.00 10.30 ? 40   ARG A NH1 1 
ATOM   317 N NH2 . ARG A 1 40 ? 14.175  -5.595  -14.732 1.00 9.32  ? 40   ARG A NH2 1 
ATOM   318 N N   . CYS A 1 41 ? 7.633   -6.550  -10.815 1.00 2.60  ? 41   CYS A N   1 
ATOM   319 C CA  . CYS A 1 41 ? 7.255   -5.433  -9.963  1.00 2.60  ? 41   CYS A CA  1 
ATOM   320 C C   . CYS A 1 41 ? 8.503   -4.651  -9.600  1.00 2.46  ? 41   CYS A C   1 
ATOM   321 O O   . CYS A 1 41 ? 9.378   -5.179  -8.877  1.00 3.83  ? 41   CYS A O   1 
ATOM   322 C CB  . CYS A 1 41 ? 6.567   -5.977  -8.727  1.00 3.87  ? 41   CYS A CB  1 
ATOM   323 S SG  . CYS A 1 41 ? 6.170   -4.729  -7.484  1.00 3.30  ? 41   CYS A SG  1 
ATOM   324 N N   . LEU A 1 42 ? 8.607   -3.438  -10.138 1.00 2.49  ? 42   LEU A N   1 
ATOM   325 C CA  . LEU A 1 42 ? 9.750   -2.579  -9.885  1.00 2.83  ? 42   LEU A CA  1 
ATOM   326 C C   . LEU A 1 42 ? 9.355   -1.488  -8.925  1.00 2.60  ? 42   LEU A C   1 
ATOM   327 O O   . LEU A 1 42 ? 8.435   -0.699  -9.192  1.00 3.65  ? 42   LEU A O   1 
ATOM   328 C CB  . LEU A 1 42 ? 10.288  -1.984  -11.185 1.00 3.88  ? 42   LEU A CB  1 
ATOM   329 C CG  . LEU A 1 42 ? 10.708  -3.005  -12.243 1.00 2.83  ? 42   LEU A CG  1 
ATOM   330 C CD1 . LEU A 1 42 ? 11.180  -2.265  -13.528 1.00 7.29  ? 42   LEU A CD1 1 
ATOM   331 C CD2 . LEU A 1 42 ? 11.790  -3.914  -11.714 1.00 5.19  ? 42   LEU A CD2 1 
ATOM   332 N N   . CYS A 1 43 ? 10.053  -1.448  -7.799  1.00 2.82  ? 43   CYS A N   1 
ATOM   333 C CA  . CYS A 1 43 ? 9.854   -0.404  -6.810  1.00 2.63  ? 43   CYS A CA  1 
ATOM   334 C C   . CYS A 1 43 ? 10.700  0.815   -7.141  1.00 3.78  ? 43   CYS A C   1 
ATOM   335 O O   . CYS A 1 43 ? 11.804  0.685   -7.713  1.00 4.73  ? 43   CYS A O   1 
ATOM   336 C CB  . CYS A 1 43 ? 10.237  -0.886  -5.406  1.00 4.33  ? 43   CYS A CB  1 
ATOM   337 S SG  . CYS A 1 43 ? 9.435   -2.423  -4.885  1.00 4.10  ? 43   CYS A SG  1 
ATOM   338 N N   . THR A 1 44 ? 10.219  1.991   -6.765  1.00 3.03  ? 44   THR A N   1 
ATOM   339 C CA  . THR A 1 44 ? 10.980  3.211   -6.952  1.00 3.10  ? 44   THR A CA  1 
ATOM   340 C C   . THR A 1 44 ? 11.038  4.018   -5.663  1.00 4.41  ? 44   THR A C   1 
ATOM   341 O O   . THR A 1 44 ? 10.093  4.000   -4.859  1.00 4.33  ? 44   THR A O   1 
ATOM   342 C CB  . THR A 1 44 ? 10.406  4.091   -8.074  1.00 3.47  ? 44   THR A CB  1 
ATOM   343 O OG1 . THR A 1 44 ? 8.999   4.275   -7.889  1.00 4.93  ? 44   THR A OG1 1 
ATOM   344 C CG2 . THR A 1 44 ? 10.639  3.455   -9.409  1.00 5.94  ? 44   THR A CG2 1 
ATOM   345 N N   . LYS A 1 45 ? 12.153  4.714   -5.457  1.00 3.27  ? 45   LYS A N   1 
ATOM   346 C CA  . LYS A 1 45 ? 12.253  5.703   -4.383  1.00 3.47  ? 45   LYS A CA  1 
ATOM   347 C C   . LYS A 1 45 ? 13.345  6.680   -4.772  1.00 3.94  ? 45   LYS A C   1 
ATOM   348 O O   . LYS A 1 45 ? 14.160  6.362   -5.643  1.00 4.61  ? 45   LYS A O   1 
ATOM   349 C CB  . LYS A 1 45 ? 12.556  5.032   -3.030  1.00 4.32  ? 45   LYS A CB  1 
ATOM   350 C CG  . LYS A 1 45 ? 13.918  4.378   -2.906  1.00 5.65  ? 45   LYS A CG  1 
ATOM   351 C CD  . LYS A 1 45 ? 14.074  3.736   -1.534  1.00 10.48 ? 45   LYS A CD  1 
ATOM   352 C CE  . LYS A 1 45 ? 15.389  3.012   -1.381  1.00 18.68 ? 45   LYS A CE  1 
ATOM   353 N NZ  . LYS A 1 45 ? 15.483  2.358   -0.036  1.00 19.15 ? 45   LYS A NZ  1 
ATOM   354 N N   . PRO A 1 46 ? 13.386  7.860   -4.152  1.00 4.84  ? 46   PRO A N   1 
ATOM   355 C CA  . PRO A 1 46 ? 14.441  8.830   -4.443  1.00 4.58  ? 46   PRO A CA  1 
ATOM   356 C C   . PRO A 1 46 ? 15.809  8.246   -4.155  1.00 4.68  ? 46   PRO A C   1 
ATOM   357 O O   . PRO A 1 46 ? 15.996  7.499   -3.196  1.00 5.94  ? 46   PRO A O   1 
ATOM   358 C CB  . PRO A 1 46 ? 14.132  9.989   -3.487  1.00 7.54  ? 46   PRO A CB  1 
ATOM   359 C CG  . PRO A 1 46 ? 12.622  9.907   -3.312  1.00 7.68  ? 46   PRO A CG  1 
ATOM   360 C CD  . PRO A 1 46 ? 12.370  8.409   -3.235  1.00 5.49  ? 46   PRO A CD  1 
ATOM   361 N N   . CYS A 1 47 ? 16.775  8.609   -4.982  1.00 4.37  ? 47   CYS A N   1 
ATOM   362 C CA  . CYS A 1 47 ? 18.146  8.159   -4.824  1.00 4.67  ? 47   CYS A CA  1 
ATOM   363 C C   . CYS A 1 47 ? 19.130  9.217   -5.281  1.00 7.17  ? 47   CYS A C   1 
ATOM   364 O O   . CYS A 1 47 ? 18.687  10.290  -5.723  1.00 6.59  ? 47   CYS A O   1 
ATOM   365 C CB  . CYS A 1 47 ? 18.388  6.901   -5.608  1.00 4.94  ? 47   CYS A CB  1 
ATOM   366 S SG  . CYS A 1 47 ? 18.253  7.104   -7.395  1.00 8.07  ? 47   CYS A SG  1 
ATOM   367 O OXT . CYS A 1 47 ? 20.352  9.012   -5.180  1.00 5.73  ? 47   CYS A OXT 1 
ATOM   368 N N   . ARG B 1 1  ? 9.440   2.947   11.949  1.00 23.54 ? 1    ARG B N   1 
ATOM   369 C CA  . ARG B 1 1  ? 8.260   3.711   12.435  1.00 21.83 ? 1    ARG B CA  1 
ATOM   370 C C   . ARG B 1 1  ? 7.069   3.421   11.539  1.00 19.89 ? 1    ARG B C   1 
ATOM   371 O O   . ARG B 1 1  ? 7.211   3.365   10.327  1.00 19.78 ? 1    ARG B O   1 
ATOM   372 C CB  . ARG B 1 1  ? 8.600   5.208   12.419  1.00 28.41 ? 1    ARG B CB  1 
ATOM   373 C CG  . ARG B 1 1  ? 7.453   6.145   12.770  1.00 41.20 ? 1    ARG B CG  1 
ATOM   374 C CD  . ARG B 1 1  ? 7.790   7.064   13.938  1.00 36.58 ? 1    ARG B CD  1 
ATOM   375 N NE  . ARG B 1 1  ? 8.702   6.457   14.912  1.00 48.52 ? 1    ARG B NE  1 
ATOM   376 C CZ  . ARG B 1 1  ? 8.557   5.245   15.456  1.00 43.63 ? 1    ARG B CZ  1 
ATOM   377 N NH1 . ARG B 1 1  ? 7.532   4.492   15.138  1.00 51.04 ? 1    ARG B NH1 1 
ATOM   378 N NH2 . ARG B 1 1  ? 9.438   4.759   16.331  1.00 38.68 ? 1    ARG B NH2 1 
ATOM   379 N N   . GLU B 1 2  ? 5.900   3.230   12.150  1.00 18.52 ? 2    GLU B N   1 
ATOM   380 C CA  . GLU B 1 2  ? 4.654   3.054   11.407  1.00 16.64 ? 2    GLU B CA  1 
ATOM   381 C C   . GLU B 1 2  ? 4.006   4.415   11.286  1.00 18.56 ? 2    GLU B C   1 
ATOM   382 O O   . GLU B 1 2  ? 4.033   5.232   12.230  1.00 17.48 ? 2    GLU B O   1 
ATOM   383 C CB  . GLU B 1 2  ? 3.717   2.088   12.127  1.00 21.35 ? 2    GLU B CB  1 
ATOM   384 C CG  . GLU B 1 2  ? 2.488   1.695   11.320  1.00 33.75 ? 2    GLU B CG  1 
ATOM   385 C CD  . GLU B 1 2  ? 1.776   0.474   11.892  1.00 38.61 ? 2    GLU B CD  1 
ATOM   386 O OE1 . GLU B 1 2  ? 0.955   0.652   12.820  1.00 29.87 ? 2    GLU B OE1 1 
ATOM   387 O OE2 . GLU B 1 2  ? 2.038   -0.658  11.411  1.00 30.47 ? 2    GLU B OE2 1 
ATOM   388 N N   . CYS B 1 3  ? 3.454   4.677   10.112  1.00 14.46 ? 3    CYS B N   1 
ATOM   389 C CA  . CYS B 1 3  ? 2.746   5.914   9.841   1.00 13.45 ? 3    CYS B CA  1 
ATOM   390 C C   . CYS B 1 3  ? 1.269   5.572   9.790   1.00 11.86 ? 3    CYS B C   1 
ATOM   391 O O   . CYS B 1 3  ? 0.873   4.579   9.177   1.00 11.03 ? 3    CYS B O   1 
ATOM   392 C CB  . CYS B 1 3  ? 3.222   6.523   8.502   1.00 13.79 ? 3    CYS B CB  1 
ATOM   393 S SG  . CYS B 1 3  ? 4.722   7.543   8.664   1.00 20.60 ? 3    CYS B SG  1 
ATOM   394 N N   . LYS B 1 4  ? 0.457   6.377   10.476  1.00 12.55 ? 4    LYS B N   1 
ATOM   395 C CA  . LYS B 1 4  ? -0.959  6.103   10.640  1.00 10.42 ? 4    LYS B CA  1 
ATOM   396 C C   . LYS B 1 4  ? -1.762  7.364   10.405  1.00 11.14 ? 4    LYS B C   1 
ATOM   397 O O   . LYS B 1 4  ? -1.477  8.397   10.992  1.00 13.32 ? 4    LYS B O   1 
ATOM   398 C CB  . LYS B 1 4  ? -1.217  5.574   12.061  1.00 10.54 ? 4    LYS B CB  1 
ATOM   399 C CG  . LYS B 1 4  ? -2.649  5.244   12.346  1.00 12.30 ? 4    LYS B CG  1 
ATOM   400 C CD  . LYS B 1 4  ? -2.806  4.471   13.642  1.00 16.04 ? 4    LYS B CD  1 
ATOM   401 C CE  . LYS B 1 4  ? -2.524  5.333   14.831  1.00 20.35 ? 4    LYS B CE  1 
ATOM   402 N NZ  . LYS B 1 4  ? -2.795  4.622   16.122  1.00 29.17 ? 4    LYS B NZ  1 
ATOM   403 N N   . THR B 1 5  ? -2.739  7.278   9.514   1.00 7.12  ? 5    THR B N   1 
ATOM   404 C CA  . THR B 1 5  ? -3.562  8.425   9.115   1.00 8.11  ? 5    THR B CA  1 
ATOM   405 C C   . THR B 1 5  ? -4.964  7.931   8.853   1.00 4.99  ? 5    THR B C   1 
ATOM   406 O O   . THR B 1 5  ? -5.157  6.876   8.247   1.00 5.45  ? 5    THR B O   1 
ATOM   407 C CB  . THR B 1 5  ? -3.022  9.007   7.789   1.00 10.17 ? 5    THR B CB  1 
ATOM   408 O OG1 . THR B 1 5  ? -1.644  9.348   7.954   1.00 15.85 ? 5    THR B OG1 1 
ATOM   409 C CG2 . THR B 1 5  ? -3.775  10.210  7.400   1.00 13.65 ? 5    THR B CG2 1 
ATOM   410 N N   . GLU B 1 6  ? -5.979  8.677   9.293   1.00 4.39  ? 6    GLU B N   1 
ATOM   411 C CA  . GLU B 1 6  ? -7.331  8.300   8.946   1.00 3.45  ? 6    GLU B CA  1 
ATOM   412 C C   . GLU B 1 6  ? -7.529  8.260   7.427   1.00 2.96  ? 6    GLU B C   1 
ATOM   413 O O   . GLU B 1 6  ? -7.075  9.156   6.699   1.00 4.49  ? 6    GLU B O   1 
ATOM   414 C CB  . GLU B 1 6  ? -8.352  9.284   9.558   1.00 3.83  ? 6    GLU B CB  1 
ATOM   415 C CG  . GLU B 1 6  ? -9.805  8.867   9.276   1.00 4.59  ? 6    GLU B CG  1 
ATOM   416 C CD  . GLU B 1 6  ? -10.880 9.694   9.946   1.00 7.24  ? 6    GLU B CD  1 
ATOM   417 O OE1 . GLU B 1 6  ? -10.606 10.800  10.452  1.00 8.87  ? 6    GLU B OE1 1 
ATOM   418 O OE2 . GLU B 1 6  ? -12.023 9.207   9.967   1.00 7.18  ? 6    GLU B OE2 1 
ATOM   419 N N   . SER B 1 7  ? -8.220  7.229   6.945   1.00 3.18  ? 7    SER B N   1 
ATOM   420 C CA  . SER B 1 7  ? -8.590  7.131   5.542   1.00 2.65  ? 7    SER B CA  1 
ATOM   421 C C   . SER B 1 7  ? -9.420  8.322   5.092   1.00 3.69  ? 7    SER B C   1 
ATOM   422 O O   . SER B 1 7  ? -10.373 8.701   5.764   1.00 4.35  ? 7    SER B O   1 
ATOM   423 C CB  . SER B 1 7  ? -9.412  5.879   5.303   1.00 3.96  ? 7    SER B CB  1 
ATOM   424 O OG  . SER B 1 7  ? -9.955  5.826   4.000   1.00 3.75  ? 7    SER B OG  1 
ATOM   425 N N   . ASN B 1 8  ? -9.092  8.899   3.939   1.00 2.61  ? 8    ASN B N   1 
ATOM   426 C CA  . ASN B 1 8  ? -9.866  10.005  3.396   1.00 2.83  ? 8    ASN B CA  1 
ATOM   427 C C   . ASN B 1 8  ? -11.021 9.552   2.525   1.00 2.81  ? 8    ASN B C   1 
ATOM   428 O O   . ASN B 1 8  ? -11.962 10.330  2.340   1.00 4.66  ? 8    ASN B O   1 
ATOM   429 C CB  . ASN B 1 8  ? -8.952  10.943  2.613   1.00 3.54  ? 8    ASN B CB  1 
ATOM   430 C CG  . ASN B 1 8  ? -8.002  11.675  3.505   1.00 3.73  ? 8    ASN B CG  1 
ATOM   431 O OD1 . ASN B 1 8  ? -8.406  12.244  4.530   1.00 5.35  ? 8    ASN B OD1 1 
ATOM   432 N ND2 . ASN B 1 8  ? -6.703  11.616  3.175   1.00 6.00  ? 8    ASN B ND2 1 
ATOM   433 N N   . THR B 1 9  ? -10.941 8.343   1.970   1.00 2.82  ? 9    THR B N   1 
ATOM   434 C CA  . THR B 1 9  ? -11.920 7.868   1.006   1.00 4.20  ? 9    THR B CA  1 
ATOM   435 C C   . THR B 1 9  ? -12.849 6.755   1.525   1.00 4.30  ? 9    THR B C   1 
ATOM   436 O O   . THR B 1 9  ? -13.788 6.375   0.850   1.00 4.82  ? 9    THR B O   1 
ATOM   437 C CB  . THR B 1 9  ? -11.244 7.378   -0.293  1.00 4.62  ? 9    THR B CB  1 
ATOM   438 O OG1 . THR B 1 9  ? -10.614 6.097   -0.079  1.00 6.09  ? 9    THR B OG1 1 
ATOM   439 C CG2 . THR B 1 9  ? -10.236 8.408   -0.791  1.00 6.14  ? 9    THR B CG2 1 
ATOM   440 N N   . PHE B 1 10 ? -12.566 6.208   2.697   1.00 4.14  ? 10   PHE B N   1 
ATOM   441 C CA  . PHE B 1 10 ? -13.382 5.114   3.231   1.00 3.74  ? 10   PHE B CA  1 
ATOM   442 C C   . PHE B 1 10 ? -14.791 5.628   3.545   1.00 4.11  ? 10   PHE B C   1 
ATOM   443 O O   . PHE B 1 10 ? -14.939 6.569   4.312   1.00 5.10  ? 10   PHE B O   1 
ATOM   444 C CB  . PHE B 1 10 ? -12.766 4.586   4.507   1.00 3.86  ? 10   PHE B CB  1 
ATOM   445 C CG  . PHE B 1 10 ? -13.591 3.537   5.219   1.00 2.79  ? 10   PHE B CG  1 
ATOM   446 C CD1 . PHE B 1 10 ? -13.546 2.227   4.816   1.00 3.23  ? 10   PHE B CD1 1 
ATOM   447 C CD2 . PHE B 1 10 ? -14.366 3.874   6.323   1.00 3.46  ? 10   PHE B CD2 1 
ATOM   448 C CE1 . PHE B 1 10 ? -14.269 1.273   5.441   1.00 3.65  ? 10   PHE B CE1 1 
ATOM   449 C CE2 . PHE B 1 10 ? -15.099 2.913   6.983   1.00 6.23  ? 10   PHE B CE2 1 
ATOM   450 C CZ  . PHE B 1 10 ? -15.033 1.605   6.562   1.00 5.20  ? 10   PHE B CZ  1 
ATOM   451 N N   . PRO B 1 11 ? -15.823 4.967   3.011   1.00 4.98  ? 11   PRO B N   1 
ATOM   452 C CA  . PRO B 1 11 ? -17.195 5.404   3.285   1.00 4.78  ? 11   PRO B CA  1 
ATOM   453 C C   . PRO B 1 11 ? -17.775 4.898   4.599   1.00 6.48  ? 11   PRO B C   1 
ATOM   454 O O   . PRO B 1 11 ? -17.635 3.719   4.925   1.00 6.61  ? 11   PRO B O   1 
ATOM   455 C CB  . PRO B 1 11 ? -18.003 4.822   2.135   1.00 7.21  ? 11   PRO B CB  1 
ATOM   456 C CG  . PRO B 1 11 ? -17.051 4.168   1.215   1.00 18.40 ? 11   PRO B CG  1 
ATOM   457 C CD  . PRO B 1 11 ? -15.765 3.949   1.961   1.00 6.94  ? 11   PRO B CD  1 
ATOM   458 N N   . GLY B 1 12 ? -18.428 5.769   5.350   1.00 6.22  ? 12   GLY B N   1 
ATOM   459 C CA  . GLY B 1 12 ? -19.205 5.353   6.509   1.00 7.04  ? 12   GLY B CA  1 
ATOM   460 C C   . GLY B 1 12 ? -18.355 5.048   7.728   1.00 5.61  ? 12   GLY B C   1 
ATOM   461 O O   . GLY B 1 12 ? -17.269 5.582   7.897   1.00 7.41  ? 12   GLY B O   1 
ATOM   462 N N   . ILE B 1 13 ? -18.895 4.172   8.562   1.00 7.32  ? 13   ILE B N   1 
ATOM   463 C CA  . ILE B 1 13 ? -18.347 3.797   9.861   1.00 8.08  ? 13   ILE B CA  1 
ATOM   464 C C   . ILE B 1 13 ? -17.501 2.528   9.681   1.00 6.62  ? 13   ILE B C   1 
ATOM   465 O O   . ILE B 1 13 ? -17.841 1.652   8.852   1.00 6.59  ? 13   ILE B O   1 
ATOM   466 C CB  . ILE B 1 13 ? -19.520 3.593   10.880  1.00 11.73 ? 13   ILE B CB  1 
ATOM   467 C CG1 . ILE B 1 13 ? -19.017 3.336   12.298  1.00 14.01 ? 13   ILE B CG1 1 
ATOM   468 C CG2 . ILE B 1 13 ? -20.447 2.506   10.458  1.00 13.86 ? 13   ILE B CG2 1 
ATOM   469 C CD1 . ILE B 1 13 ? -20.097 3.506   13.355  1.00 17.14 ? 13   ILE B CD1 1 
ATOM   470 N N   . CYS B 1 14 ? -16.410 2.411   10.440  1.00 4.36  ? 14   CYS B N   1 
ATOM   471 C CA  . CYS B 1 14 ? -15.509 1.258   10.321  1.00 3.55  ? 14   CYS B CA  1 
ATOM   472 C C   . CYS B 1 14 ? -16.013 0.161   11.254  1.00 3.36  ? 14   CYS B C   1 
ATOM   473 O O   . CYS B 1 14 ? -15.945 0.282   12.482  1.00 4.84  ? 14   CYS B O   1 
ATOM   474 C CB  . CYS B 1 14 ? -14.067 1.639   10.629  1.00 3.79  ? 14   CYS B CB  1 
ATOM   475 S SG  . CYS B 1 14 ? -12.863 0.484   10.001  1.00 5.24  ? 14   CYS B SG  1 
ATOM   476 N N   . ILE B 1 15 ? -16.554 -0.893  10.651  1.00 3.28  ? 15   ILE B N   1 
ATOM   477 C CA  . ILE B 1 15 ? -17.137 -2.030  11.361  1.00 3.49  ? 15   ILE B CA  1 
ATOM   478 C C   . ILE B 1 15 ? -16.223 -3.229  11.250  1.00 4.54  ? 15   ILE B C   1 
ATOM   479 O O   . ILE B 1 15 ? -15.760 -3.747  12.248  1.00 7.63  ? 15   ILE B O   1 
ATOM   480 C CB  . ILE B 1 15 ? -18.537 -2.349  10.814  1.00 3.88  ? 15   ILE B CB  1 
ATOM   481 C CG1 . ILE B 1 15 ? -19.432 -1.110  10.909  1.00 5.23  ? 15   ILE B CG1 1 
ATOM   482 C CG2 . ILE B 1 15 ? -19.112 -3.533  11.557  1.00 4.43  ? 15   ILE B CG2 1 
ATOM   483 C CD1 . ILE B 1 15 ? -20.872 -1.334  10.478  1.00 6.48  ? 15   ILE B CD1 1 
ATOM   484 N N   . THR B 1 16 ? -15.970 -3.661  10.024  1.00 4.41  ? 16   THR B N   1 
ATOM   485 C CA  . THR B 1 16 ? -15.010 -4.726  9.755   1.00 4.83  ? 16   THR B CA  1 
ATOM   486 C C   . THR B 1 16 ? -13.784 -4.180  9.016   1.00 3.72  ? 16   THR B C   1 
ATOM   487 O O   . THR B 1 16 ? -13.839 -3.193  8.282   1.00 3.89  ? 16   THR B O   1 
ATOM   488 C CB  . THR B 1 16 ? -15.637 -5.880  8.957   1.00 4.82  ? 16   THR B CB  1 
ATOM   489 O OG1 . THR B 1 16 ? -15.943 -5.460  7.621   1.00 5.31  ? 16   THR B OG1 1 
ATOM   490 C CG2 . THR B 1 16 ? -16.897 -6.413  9.657   1.00 7.48  ? 16   THR B CG2 1 
ATOM   491 N N   . LYS B 1 17 ? -12.680 -4.897  9.159   1.00 4.66  ? 17   LYS B N   1 
ATOM   492 C CA  . LYS B 1 17 ? -11.397 -4.491  8.609   1.00 3.81  ? 17   LYS B CA  1 
ATOM   493 C C   . LYS B 1 17 ? -11.295 -4.530  7.078   1.00 4.17  ? 17   LYS B C   1 
ATOM   494 O O   . LYS B 1 17 ? -10.721 -3.603  6.502   1.00 3.81  ? 17   LYS B O   1 
ATOM   495 C CB  . LYS B 1 17 ? -10.273 -5.305  9.260   1.00 6.39  ? 17   LYS B CB  1 
ATOM   496 C CG  . LYS B 1 17 ? -8.921  -5.099  8.643   1.00 6.31  ? 17   LYS B CG  1 
ATOM   497 C CD  . LYS B 1 17 ? -7.837  -5.792  9.467   1.00 7.70  ? 17   LYS B CD  1 
ATOM   498 C CE  . LYS B 1 17 ? -7.465  -5.006  10.735  1.00 8.59  ? 17   LYS B CE  1 
ATOM   499 N NZ  . LYS B 1 17 ? -6.293  -5.636  11.443  1.00 13.77 ? 17   LYS B NZ  1 
ATOM   500 N N   . PRO B 1 18 ? -11.791 -5.586  6.411   1.00 4.72  ? 18   PRO B N   1 
ATOM   501 C CA  . PRO B 1 18 ? -11.477 -5.681  4.969   1.00 4.61  ? 18   PRO B CA  1 
ATOM   502 C C   . PRO B 1 18 ? -11.809 -4.450  4.109   1.00 4.72  ? 18   PRO B C   1 
ATOM   503 O O   . PRO B 1 18 ? -10.963 -4.073  3.290   1.00 6.00  ? 18   PRO B O   1 
ATOM   504 C CB  . PRO B 1 18 ? -12.236 -6.938  4.535   1.00 7.40  ? 18   PRO B CB  1 
ATOM   505 C CG  . PRO B 1 18 ? -12.227 -7.808  5.772   1.00 8.08  ? 18   PRO B CG  1 
ATOM   506 C CD  . PRO B 1 18 ? -12.429 -6.828  6.910   1.00 5.68  ? 18   PRO B CD  1 
ATOM   507 N N   . PRO B 1 19 ? -12.988 -3.830  4.258   1.00 3.86  ? 19   PRO B N   1 
ATOM   508 C CA  . PRO B 1 19 ? -13.217 -2.657  3.394   1.00 5.26  ? 19   PRO B CA  1 
ATOM   509 C C   . PRO B 1 19 ? -12.317 -1.476  3.748   1.00 4.38  ? 19   PRO B C   1 
ATOM   510 O O   . PRO B 1 19 ? -12.045 -0.626  2.907   1.00 4.69  ? 19   PRO B O   1 
ATOM   511 C CB  . PRO B 1 19 ? -14.688 -2.298  3.620   1.00 8.50  ? 19   PRO B CB  1 
ATOM   512 C CG  . PRO B 1 19 ? -15.123 -3.081  4.754   1.00 12.60 ? 19   PRO B CG  1 
ATOM   513 C CD  . PRO B 1 19 ? -14.181 -4.213  5.026   1.00 5.10  ? 19   PRO B CD  1 
ATOM   514 N N   . CYS B 1 20 ? -11.892 -1.394  5.002   1.00 3.70  ? 20   CYS B N   1 
ATOM   515 C CA  . CYS B 1 20 ? -10.965 -0.353  5.432   1.00 3.93  ? 20   CYS B CA  1 
ATOM   516 C C   . CYS B 1 20 ? -9.565  -0.600  4.872   1.00 3.77  ? 20   CYS B C   1 
ATOM   517 O O   . CYS B 1 20 ? -8.930  0.314   4.331   1.00 4.11  ? 20   CYS B O   1 
ATOM   518 C CB  . CYS B 1 20 ? -10.985 -0.245  6.964   1.00 3.66  ? 20   CYS B CB  1 
ATOM   519 S SG  . CYS B 1 20 ? -9.734  0.855   7.662   1.00 4.56  ? 20   CYS B SG  1 
ATOM   520 N N   . ARG B 1 21 ? -9.064  -1.814  4.996   1.00 2.84  ? 21   ARG B N   1 
ATOM   521 C CA  . ARG B 1 21 ? -7.822  -2.209  4.351   1.00 4.17  ? 21   ARG B CA  1 
ATOM   522 C C   . ARG B 1 21 ? -7.854  -1.856  2.853   1.00 4.01  ? 21   ARG B C   1 
ATOM   523 O O   . ARG B 1 21 ? -6.902  -1.302  2.303   1.00 4.35  ? 21   ARG B O   1 
ATOM   524 C CB  . ARG B 1 21 ? -7.563  -3.700  4.578   1.00 5.21  ? 21   ARG B CB  1 
ATOM   525 C CG  . ARG B 1 21 ? -6.421  -4.252  3.757   1.00 5.98  ? 21   ARG B CG  1 
ATOM   526 C CD  . ARG B 1 21 ? -5.870  -5.569  4.277   1.00 11.22 ? 21   ARG B CD  1 
ATOM   527 N NE  . ARG B 1 21 ? -6.911  -6.539  4.461   1.00 11.22 ? 21   ARG B NE  1 
ATOM   528 C CZ  . ARG B 1 21 ? -7.038  -7.334  5.521   1.00 10.25 ? 21   ARG B CZ  1 
ATOM   529 N NH1 . ARG B 1 21 ? -6.184  -7.304  6.550   1.00 14.67 ? 21   ARG B NH1 1 
ATOM   530 N NH2 . ARG B 1 21 ? -8.040  -8.182  5.543   1.00 11.55 ? 21   ARG B NH2 1 
ATOM   531 N N   . LYS B 1 22 ? -8.950  -2.168  2.180   1.00 3.77  ? 22   LYS B N   1 
ATOM   532 C CA  . LYS B 1 22 ? -9.056  -1.921  0.737   1.00 4.35  ? 22   LYS B CA  1 
ATOM   533 C C   . LYS B 1 22 ? -8.956  -0.416  0.447   1.00 4.63  ? 22   LYS B C   1 
ATOM   534 O O   . LYS B 1 22 ? -8.233  0.016   -0.473  1.00 4.31  ? 22   LYS B O   1 
ATOM   535 C CB  . LYS B 1 22 ? -10.373 -2.503  0.209   1.00 6.75  ? 22   LYS B CB  1 
ATOM   536 C CG  . LYS B 1 22 ? -10.624 -2.284  -1.246  1.00 13.43 ? 22   LYS B CG  1 
ATOM   537 C CD  . LYS B 1 22 ? -11.985 -2.837  -1.669  1.00 18.54 ? 22   LYS B CD  1 
ATOM   538 C CE  . LYS B 1 22 ? -12.263 -2.523  -3.138  1.00 29.87 ? 22   LYS B CE  1 
ATOM   539 N NZ  . LYS B 1 22 ? -13.578 -3.055  -3.598  1.00 38.93 ? 22   LYS B NZ  1 
ATOM   540 N N   . ALA B 1 23 ? -9.701  0.402   1.187   1.00 3.54  ? 23   ALA B N   1 
ATOM   541 C CA  . ALA B 1 23 ? -9.637  1.849   0.959   1.00 3.51  ? 23   ALA B CA  1 
ATOM   542 C C   . ALA B 1 23 ? -8.215  2.349   1.214   1.00 3.41  ? 23   ALA B C   1 
ATOM   543 O O   . ALA B 1 23 ? -7.689  3.149   0.461   1.00 4.80  ? 23   ALA B O   1 
ATOM   544 C CB  . ALA B 1 23 ? -10.610 2.550   1.881   1.00 4.90  ? 23   ALA B CB  1 
ATOM   545 N N   . CYS B 1 24 ? -7.588  1.879   2.286   1.00 2.97  ? 24   CYS B N   1 
ATOM   546 C CA  . CYS B 1 24 ? -6.255  2.369   2.651   1.00 2.41  ? 24   CYS B CA  1 
ATOM   547 C C   . CYS B 1 24 ? -5.205  1.989   1.615   1.00 3.70  ? 24   CYS B C   1 
ATOM   548 O O   . CYS B 1 24 ? -4.333  2.789   1.303   1.00 4.03  ? 24   CYS B O   1 
ATOM   549 C CB  . CYS B 1 24 ? -5.875  1.833   4.021   1.00 4.48  ? 24   CYS B CB  1 
ATOM   550 S SG  . CYS B 1 24 ? -6.874  2.570   5.332   1.00 3.82  ? 24   CYS B SG  1 
ATOM   551 N N   . ILE B 1 25 ? -5.281  0.779   1.069   1.00 3.28  ? 25   ILE B N   1 
ATOM   552 C CA  . ILE B 1 25 ? -4.384  0.393   -0.017  1.00 3.82  ? 25   ILE B CA  1 
ATOM   553 C C   . ILE B 1 25 ? -4.559  1.321   -1.224  1.00 4.21  ? 25   ILE B C   1 
ATOM   554 O O   . ILE B 1 25 ? -3.578  1.755   -1.856  1.00 4.93  ? 25   ILE B O   1 
ATOM   555 C CB  . ILE B 1 25 ? -4.590  -1.089  -0.375  1.00 4.59  ? 25   ILE B CB  1 
ATOM   556 C CG1 . ILE B 1 25 ? -4.079  -1.967  0.767   1.00 6.25  ? 25   ILE B CG1 1 
ATOM   557 C CG2 . ILE B 1 25 ? -3.885  -1.460  -1.677  1.00 6.88  ? 25   ILE B CG2 1 
ATOM   558 C CD1 . ILE B 1 25 ? -4.526  -3.427  0.678   1.00 6.51  ? 25   ILE B CD1 1 
ATOM   559 N N   . SER B 1 26 ? -5.791  1.691   -1.540  1.00 3.82  ? 26   SER B N   1 
ATOM   560 C CA  . SER B 1 26 ? -6.046  2.585   -2.669  1.00 4.23  ? 26   SER B CA  1 
ATOM   561 C C   . SER B 1 26 ? -5.475  3.994   -2.409  1.00 4.31  ? 26   SER B C   1 
ATOM   562 O O   . SER B 1 26 ? -5.243  4.745   -3.349  1.00 4.95  ? 26   SER B O   1 
ATOM   563 C CB  . SER B 1 26 ? -7.540  2.636   -2.999  1.00 5.13  ? 26   SER B CB  1 
ATOM   564 O OG  . SER B 1 26 ? -8.257  3.499   -2.149  1.00 8.50  ? 26   SER B OG  1 
ATOM   565 N N   . GLU B 1 27 ? -5.248  4.334   -1.144  1.00 4.56  ? 27   GLU B N   1 
ATOM   566 C CA  . GLU B 1 27 ? -4.673  5.608   -0.745  1.00 4.20  ? 27   GLU B CA  1 
ATOM   567 C C   . GLU B 1 27 ? -3.168  5.546   -0.505  1.00 4.07  ? 27   GLU B C   1 
ATOM   568 O O   . GLU B 1 27 ? -2.588  6.470   0.036   1.00 4.63  ? 27   GLU B O   1 
ATOM   569 C CB  . GLU B 1 27 ? -5.379  6.120   0.508   1.00 4.19  ? 27   GLU B CB  1 
ATOM   570 C CG  . GLU B 1 27 ? -6.849  6.542   0.271   1.00 5.34  ? 27   GLU B CG  1 
ATOM   571 C CD  . GLU B 1 27 ? -7.570  6.946   1.544   1.00 4.72  ? 27   GLU B CD  1 
ATOM   572 O OE1 . GLU B 1 27 ? -7.023  7.783   2.297   1.00 5.21  ? 27   GLU B OE1 1 
ATOM   573 O OE2 . GLU B 1 27 ? -8.693  6.429   1.758   1.00 4.98  ? 27   GLU B OE2 1 
ATOM   574 N N   . LYS B 1 28 ? -2.526  4.468   -0.951  1.00 3.92  ? 28   LYS B N   1 
ATOM   575 C CA  . LYS B 1 28 ? -1.065  4.322   -0.925  1.00 4.04  ? 28   LYS B CA  1 
ATOM   576 C C   . LYS B 1 28 ? -0.534  3.985   0.479   1.00 3.62  ? 28   LYS B C   1 
ATOM   577 O O   . LYS B 1 28 ? 0.617   4.281   0.821   1.00 4.36  ? 28   LYS B O   1 
ATOM   578 C CB  . LYS B 1 28 ? -0.325  5.497   -1.560  1.00 4.47  ? 28   LYS B CB  1 
ATOM   579 C CG  . LYS B 1 28 ? -0.844  5.829   -2.954  1.00 4.98  ? 28   LYS B CG  1 
ATOM   580 C CD  . LYS B 1 28 ? -0.179  7.054   -3.583  1.00 7.21  ? 28   LYS B CD  1 
ATOM   581 C CE  . LYS B 1 28 ? 1.319   6.978   -3.591  1.00 7.48  ? 28   LYS B CE  1 
ATOM   582 N NZ  . LYS B 1 28 ? 1.899   8.126   -4.372  1.00 8.58  ? 28   LYS B NZ  1 
ATOM   583 N N   . PHE B 1 29 ? -1.364  3.282   1.249   1.00 3.33  ? 29   PHE B N   1 
ATOM   584 C CA  . PHE B 1 29 ? -0.937  2.632   2.486   1.00 3.36  ? 29   PHE B CA  1 
ATOM   585 C C   . PHE B 1 29 ? -0.881  1.122   2.270   1.00 4.77  ? 29   PHE B C   1 
ATOM   586 O O   . PHE B 1 29 ? -1.136  0.641   1.172   1.00 4.71  ? 29   PHE B O   1 
ATOM   587 C CB  . PHE B 1 29 ? -1.872  3.000   3.634   1.00 3.84  ? 29   PHE B CB  1 
ATOM   588 C CG  . PHE B 1 29 ? -1.791  4.446   4.034   1.00 4.30  ? 29   PHE B CG  1 
ATOM   589 C CD1 . PHE B 1 29 ? -2.572  5.385   3.373   1.00 6.57  ? 29   PHE B CD1 1 
ATOM   590 C CD2 . PHE B 1 29 ? -0.964  4.865   5.057   1.00 6.93  ? 29   PHE B CD2 1 
ATOM   591 C CE1 . PHE B 1 29 ? -2.506  6.719   3.730   1.00 8.46  ? 29   PHE B CE1 1 
ATOM   592 C CE2 . PHE B 1 29 ? -0.902  6.203   5.435   1.00 8.26  ? 29   PHE B CE2 1 
ATOM   593 C CZ  . PHE B 1 29 ? -1.656  7.135   4.754   1.00 8.52  ? 29   PHE B CZ  1 
ATOM   594 N N   . THR B 1 30 ? -0.536  0.365   3.309   1.00 3.46  ? 30   THR B N   1 
ATOM   595 C CA  . THR B 1 30 ? -0.427  -1.077  3.164   1.00 3.48  ? 30   THR B CA  1 
ATOM   596 C C   . THR B 1 30 ? -1.488  -1.858  3.901   1.00 5.10  ? 30   THR B C   1 
ATOM   597 O O   . THR B 1 30 ? -1.687  -3.022  3.608   1.00 5.80  ? 30   THR B O   1 
ATOM   598 C CB  . THR B 1 30 ? 0.969   -1.592  3.523   1.00 4.58  ? 30   THR B CB  1 
ATOM   599 O OG1 . THR B 1 30 ? 1.243   -1.329  4.909   1.00 6.59  ? 30   THR B OG1 1 
ATOM   600 C CG2 . THR B 1 30 ? 2.008   -0.926  2.683   1.00 5.39  ? 30   THR B CG2 1 
ATOM   601 N N   . ASP B 1 31 ? -2.159  -1.221  4.862   1.00 4.24  ? 31   ASP B N   1 
ATOM   602 C CA  A ASP B 1 31 ? -3.175  -1.888  5.685   0.42 4.21  ? 31   ASP B CA  1 
ATOM   603 C CA  B ASP B 1 31 ? -3.189  -1.907  5.662   0.58 4.29  ? 31   ASP B CA  1 
ATOM   604 C C   . ASP B 1 31 ? -4.110  -0.833  6.250   1.00 4.36  ? 31   ASP B C   1 
ATOM   605 O O   . ASP B 1 31 ? -3.832  0.364   6.165   1.00 3.86  ? 31   ASP B O   1 
ATOM   606 C CB  A ASP B 1 31 ? -2.543  -2.585  6.897   0.42 11.51 ? 31   ASP B CB  1 
ATOM   607 C CB  B ASP B 1 31 ? -2.578  -2.814  6.742   0.58 6.82  ? 31   ASP B CB  1 
ATOM   608 C CG  A ASP B 1 31 ? -1.499  -3.620  6.532   0.42 14.46 ? 31   ASP B CG  1 
ATOM   609 C CG  B ASP B 1 31 ? -3.440  -4.069  7.041   0.58 19.26 ? 31   ASP B CG  1 
ATOM   610 O OD1 A ASP B 1 31 ? -0.300  -3.275  6.373   0.42 16.60 ? 31   ASP B OD1 1 
ATOM   611 O OD1 B ASP B 1 31 ? -4.649  -4.114  6.771   0.58 7.38  ? 31   ASP B OD1 1 
ATOM   612 O OD2 A ASP B 1 31 ? -1.885  -4.791  6.425   0.42 9.52  ? 31   ASP B OD2 1 
ATOM   613 O OD2 B ASP B 1 31 ? -2.890  -5.055  7.570   0.58 22.80 ? 31   ASP B OD2 1 
ATOM   614 N N   . GLY B 1 32 ? -5.201  -1.286  6.861   1.00 4.95  ? 32   GLY B N   1 
ATOM   615 C CA  . GLY B 1 32 ? -6.071  -0.419  7.610   1.00 4.08  ? 32   GLY B CA  1 
ATOM   616 C C   . GLY B 1 32 ? -6.730  -1.183  8.723   1.00 4.00  ? 32   GLY B C   1 
ATOM   617 O O   . GLY B 1 32 ? -6.822  -2.415  8.680   1.00 5.38  ? 32   GLY B O   1 
ATOM   618 N N   . HIS B 1 33 ? -7.202  -0.453  9.723   1.00 2.81  ? 33   HIS B N   1 
ATOM   619 C CA  . HIS B 1 33 ? -7.933  -1.065  10.825  1.00 3.31  ? 33   HIS B CA  1 
ATOM   620 C C   . HIS B 1 33 ? -8.943  -0.102  11.353  1.00 2.99  ? 33   HIS B C   1 
ATOM   621 O O   . HIS B 1 33 ? -8.851  1.110   11.144  1.00 2.93  ? 33   HIS B O   1 
ATOM   622 C CB  . HIS B 1 33 ? -6.998  -1.488  11.972  1.00 4.50  ? 33   HIS B CB  1 
ATOM   623 C CG  . HIS B 1 33 ? -6.289  -0.344  12.599  1.00 5.09  ? 33   HIS B CG  1 
ATOM   624 N ND1 . HIS B 1 33 ? -5.194  0.245   12.019  1.00 4.92  ? 33   HIS B ND1 1 
ATOM   625 C CD2 . HIS B 1 33 ? -6.521  0.338   13.746  1.00 6.03  ? 33   HIS B CD2 1 
ATOM   626 C CE1 . HIS B 1 33 ? -4.767  1.230   12.789  1.00 5.99  ? 33   HIS B CE1 1 
ATOM   627 N NE2 . HIS B 1 33 ? -5.560  1.314   13.840  1.00 6.26  ? 33   HIS B NE2 1 
ATOM   628 N N   . CYS B 1 34 ? -9.912  -0.634  12.087  1.00 3.50  ? 34   CYS B N   1 
ATOM   629 C CA  . CYS B 1 34 ? -10.925 0.198   12.724  1.00 3.59  ? 34   CYS B CA  1 
ATOM   630 C C   . CYS B 1 34 ? -10.509 0.610   14.114  1.00 3.75  ? 34   CYS B C   1 
ATOM   631 O O   . CYS B 1 34 ? -10.022 -0.214  14.871  1.00 5.87  ? 34   CYS B O   1 
ATOM   632 C CB  . CYS B 1 34 ? -12.238 -0.557  12.834  1.00 4.79  ? 34   CYS B CB  1 
ATOM   633 S SG  . CYS B 1 34 ? -12.949 -1.150  11.267  1.00 6.47  ? 34   CYS B SG  1 
ATOM   634 N N   . SER B 1 35 ? -10.716 1.869   14.489  1.00 4.74  ? 35   SER B N   1 
ATOM   635 C CA  . SER B 1 35 ? -10.485 2.270   15.862  1.00 5.22  ? 35   SER B CA  1 
ATOM   636 C C   . SER B 1 35 ? -11.704 1.999   16.732  1.00 6.00  ? 35   SER B C   1 
ATOM   637 O O   . SER B 1 35 ? -12.847 2.183   16.301  1.00 6.97  ? 35   SER B O   1 
ATOM   638 C CB  . SER B 1 35 ? -10.101 3.742   15.928  1.00 7.48  ? 35   SER B CB  1 
ATOM   639 O OG  . SER B 1 35 ? -11.089 4.583   15.385  1.00 7.86  ? 35   SER B OG  1 
ATOM   640 N N   . LYS B 1 36 ? -11.470 1.521   17.946  1.00 7.49  ? 36   LYS B N   1 
ATOM   641 C CA  . LYS B 1 36 ? -12.539 1.442   18.916  1.00 7.30  ? 36   LYS B CA  1 
ATOM   642 C C   . LYS B 1 36 ? -13.038 2.823   19.249  1.00 9.28  ? 36   LYS B C   1 
ATOM   643 O O   . LYS B 1 36 ? -12.319 3.816   19.105  1.00 9.55  ? 36   LYS B O   1 
ATOM   644 C CB  . LYS B 1 36 ? -12.068 0.697   20.174  1.00 9.83  ? 36   LYS B CB  1 
ATOM   645 C CG  . LYS B 1 36 ? -11.852 -0.786  19.874  1.00 13.53 ? 36   LYS B CG  1 
ATOM   646 C CD  . LYS B 1 36 ? -11.605 -1.604  21.127  1.00 23.30 ? 36   LYS B CD  1 
ATOM   647 C CE  . LYS B 1 36 ? -10.302 -1.206  21.764  1.00 19.69 ? 36   LYS B CE  1 
ATOM   648 N NZ  . LYS B 1 36 ? -9.122  -1.612  20.992  1.00 33.79 ? 36   LYS B NZ  1 
ATOM   649 N N   . ILE B 1 37 ? -14.302 2.870   19.650  1.00 9.69  ? 37   ILE B N   1 
ATOM   650 C CA  . ILE B 1 37 ? -14.990 4.072   20.119  1.00 9.27  ? 37   ILE B CA  1 
ATOM   651 C C   . ILE B 1 37 ? -15.349 5.014   18.982  1.00 9.48  ? 37   ILE B C   1 
ATOM   652 O O   . ILE B 1 37 ? -16.530 5.259   18.749  1.00 10.03 ? 37   ILE B O   1 
ATOM   653 C CB  . ILE B 1 37 ? -14.250 4.811   21.242  1.00 10.21 ? 37   ILE B CB  1 
ATOM   654 C CG1 . ILE B 1 37 ? -14.052 3.854   22.424  1.00 13.16 ? 37   ILE B CG1 1 
ATOM   655 C CG2 . ILE B 1 37 ? -15.076 6.005   21.676  1.00 13.26 ? 37   ILE B CG2 1 
ATOM   656 C CD1 . ILE B 1 37 ? -13.373 4.474   23.617  1.00 21.38 ? 37   ILE B CD1 1 
ATOM   657 N N   . LEU B 1 38 ? -14.357 5.552   18.279  1.00 7.54  ? 38   LEU B N   1 
ATOM   658 C CA  . LEU B 1 38 ? -14.631 6.454   17.158  1.00 6.86  ? 38   LEU B CA  1 
ATOM   659 C C   . LEU B 1 38 ? -15.017 5.689   15.887  1.00 5.95  ? 38   LEU B C   1 
ATOM   660 O O   . LEU B 1 38 ? -15.668 6.240   15.007  1.00 7.11  ? 38   LEU B O   1 
ATOM   661 C CB  . LEU B 1 38 ? -13.401 7.325   16.878  1.00 9.08  ? 38   LEU B CB  1 
ATOM   662 C CG  . LEU B 1 38 ? -13.033 8.330   17.960  1.00 13.37 ? 38   LEU B CG  1 
ATOM   663 C CD1 . LEU B 1 38 ? -11.814 9.104   17.548  1.00 17.85 ? 38   LEU B CD1 1 
ATOM   664 C CD2 . LEU B 1 38 ? -14.198 9.267   18.195  1.00 20.64 ? 38   LEU B CD2 1 
ATOM   665 N N   . ARG B 1 39 ? -14.583 4.439   15.764  1.00 4.56  ? 39   ARG B N   1 
ATOM   666 C CA  . ARG B 1 39 ? -14.906 3.606   14.606  1.00 4.26  ? 39   ARG B CA  1 
ATOM   667 C C   . ARG B 1 39 ? -14.495 4.254   13.296  1.00 4.00  ? 39   ARG B C   1 
ATOM   668 O O   . ARG B 1 39 ? -15.246 4.252   12.310  1.00 5.90  ? 39   ARG B O   1 
ATOM   669 C CB  . ARG B 1 39 ? -16.385 3.216   14.581  1.00 6.01  ? 39   ARG B CB  1 
ATOM   670 C CG  . ARG B 1 39 ? -16.903 2.578   15.857  1.00 6.19  ? 39   ARG B CG  1 
ATOM   671 C CD  . ARG B 1 39 ? -16.133 1.399   16.389  1.00 8.24  ? 39   ARG B CD  1 
ATOM   672 N NE  . ARG B 1 39 ? -15.903 0.361   15.403  1.00 5.69  ? 39   ARG B NE  1 
ATOM   673 C CZ  . ARG B 1 39 ? -15.492 -0.871  15.672  1.00 5.67  ? 39   ARG B CZ  1 
ATOM   674 N NH1 . ARG B 1 39 ? -15.397 -1.319  16.919  1.00 8.34  ? 39   ARG B NH1 1 
ATOM   675 N NH2 . ARG B 1 39 ? -15.235 -1.704  14.664  1.00 5.46  ? 39   ARG B NH2 1 
ATOM   676 N N   . ARG B 1 40 ? -13.294 4.819   13.304  1.00 4.63  ? 40   ARG B N   1 
ATOM   677 C CA  . ARG B 1 40 ? -12.691 5.356   12.089  1.00 3.44  ? 40   ARG B CA  1 
ATOM   678 C C   . ARG B 1 40 ? -11.839 4.315   11.420  1.00 4.52  ? 40   ARG B C   1 
ATOM   679 O O   . ARG B 1 40 ? -11.336 3.397   12.054  1.00 5.66  ? 40   ARG B O   1 
ATOM   680 C CB  . ARG B 1 40 ? -11.904 6.614   12.412  1.00 6.35  ? 40   ARG B CB  1 
ATOM   681 C CG  . ARG B 1 40 ? -12.881 7.725   12.868  1.00 7.26  ? 40   ARG B CG  1 
ATOM   682 C CD  . ARG B 1 40 ? -12.242 8.939   13.433  1.00 12.98 ? 40   ARG B CD  1 
ATOM   683 N NE  . ARG B 1 40 ? -13.256 9.914   13.817  1.00 11.43 ? 40   ARG B NE  1 
ATOM   684 C CZ  . ARG B 1 40 ? -12.963 11.146  14.172  1.00 19.88 ? 40   ARG B CZ  1 
ATOM   685 N NH1 . ARG B 1 40 ? -11.695 11.540  14.175  1.00 19.77 ? 40   ARG B NH1 1 
ATOM   686 N NH2 . ARG B 1 40 ? -13.932 11.984  14.505  1.00 20.89 ? 40   ARG B NH2 1 
ATOM   687 N N   . CYS B 1 41 ? -11.737 4.424   10.099  1.00 3.38  ? 41   CYS B N   1 
ATOM   688 C CA  . CYS B 1 41 ? -10.791 3.602   9.344   1.00 2.69  ? 41   CYS B CA  1 
ATOM   689 C C   . CYS B 1 41 ? -9.443  4.306   9.333   1.00 3.22  ? 41   CYS B C   1 
ATOM   690 O O   . CYS B 1 41 ? -9.312  5.412   8.793   1.00 3.69  ? 41   CYS B O   1 
ATOM   691 C CB  . CYS B 1 41 ? -11.308 3.434   7.916   1.00 3.53  ? 41   CYS B CB  1 
ATOM   692 S SG  . CYS B 1 41 ? -10.128 2.658   6.802   1.00 3.69  ? 41   CYS B SG  1 
ATOM   693 N N   . LEU B 1 42 ? -8.468  3.684   9.976   1.00 3.82  ? 42   LEU B N   1 
ATOM   694 C CA  . LEU B 1 42 ? -7.119  4.219   10.099  1.00 3.45  ? 42   LEU B CA  1 
ATOM   695 C C   . LEU B 1 42 ? -6.191  3.411   9.224   1.00 3.64  ? 42   LEU B C   1 
ATOM   696 O O   . LEU B 1 42 ? -6.100  2.190   9.350   1.00 4.69  ? 42   LEU B O   1 
ATOM   697 C CB  . LEU B 1 42 ? -6.647  4.194   11.556  1.00 4.16  ? 42   LEU B CB  1 
ATOM   698 C CG  . LEU B 1 42 ? -7.544  4.953   12.562  1.00 4.72  ? 42   LEU B CG  1 
ATOM   699 C CD1 . LEU B 1 42 ? -6.899  4.917   13.954  1.00 6.96  ? 42   LEU B CD1 1 
ATOM   700 C CD2 . LEU B 1 42 ? -7.827  6.386   12.139  1.00 5.98  ? 42   LEU B CD2 1 
ATOM   701 N N   . CYS B 1 43 ? -5.489  4.103   8.336   1.00 3.10  ? 43   CYS B N   1 
ATOM   702 C CA  . CYS B 1 43 ? -4.533  3.489   7.424   1.00 3.72  ? 43   CYS B CA  1 
ATOM   703 C C   . CYS B 1 43 ? -3.146  3.467   8.049   1.00 4.28  ? 43   CYS B C   1 
ATOM   704 O O   . CYS B 1 43 ? -2.744  4.409   8.739   1.00 5.65  ? 43   CYS B O   1 
ATOM   705 C CB  . CYS B 1 43 ? -4.474  4.296   6.126   1.00 3.70  ? 43   CYS B CB  1 
ATOM   706 S SG  . CYS B 1 43 ? -6.083  4.487   5.307   1.00 4.70  ? 43   CYS B SG  1 
ATOM   707 N N   . THR B 1 44 ? -2.390  2.415   7.735   1.00 4.11  ? 44   THR B N   1 
ATOM   708 C CA  . THR B 1 44 ? -1.033  2.261   8.216   1.00 4.53  ? 44   THR B CA  1 
ATOM   709 C C   . THR B 1 44 ? -0.110  1.847   7.088   1.00 3.96  ? 44   THR B C   1 
ATOM   710 O O   . THR B 1 44 ? -0.495  1.201   6.117   1.00 3.59  ? 44   THR B O   1 
ATOM   711 C CB  . THR B 1 44 ? -0.932  1.222   9.384   1.00 5.47  ? 44   THR B CB  1 
ATOM   712 O OG1 . THR B 1 44 ? -1.407  -0.039  8.958   1.00 6.80  ? 44   THR B OG1 1 
ATOM   713 C CG2 . THR B 1 44 ? -1.759  1.668   10.573  1.00 7.53  ? 44   THR B CG2 1 
ATOM   714 N N   . LYS B 1 45 ? 1.148   2.245   7.234   1.00 4.18  ? 45   LYS B N   1 
ATOM   715 C CA  . LYS B 1 45 ? 2.228   1.806   6.356   1.00 4.94  ? 45   LYS B CA  1 
ATOM   716 C C   . LYS B 1 45 ? 3.534   1.974   7.128   1.00 7.39  ? 45   LYS B C   1 
ATOM   717 O O   . LYS B 1 45 ? 3.609   2.730   8.106   1.00 6.45  ? 45   LYS B O   1 
ATOM   718 C CB  . LYS B 1 45 ? 2.289   2.645   5.064   1.00 5.54  ? 45   LYS B CB  1 
ATOM   719 C CG  . LYS B 1 45 ? 2.650   4.111   5.305   1.00 7.92  ? 45   LYS B CG  1 
ATOM   720 C CD  . LYS B 1 45 ? 2.715   4.884   4.029   1.00 10.66 ? 45   LYS B CD  1 
ATOM   721 C CE  . LYS B 1 45 ? 3.267   6.278   4.290   1.00 16.49 ? 45   LYS B CE  1 
ATOM   722 N NZ  . LYS B 1 45 ? 3.775   6.898   3.041   1.00 15.06 ? 45   LYS B NZ  1 
ATOM   723 N N   . PRO B 1 46 ? 4.596   1.304   6.688   1.00 6.92  ? 46   PRO B N   1 
ATOM   724 C CA  . PRO B 1 46 ? 5.911   1.668   7.216   1.00 8.35  ? 46   PRO B CA  1 
ATOM   725 C C   . PRO B 1 46 ? 6.239   3.099   6.775   1.00 13.91 ? 46   PRO B C   1 
ATOM   726 O O   . PRO B 1 46 ? 6.030   3.423   5.608   1.00 14.31 ? 46   PRO B O   1 
ATOM   727 C CB  . PRO B 1 46 ? 6.858   0.668   6.533   1.00 12.53 ? 46   PRO B CB  1 
ATOM   728 C CG  . PRO B 1 46 ? 6.001   -0.385  5.949   1.00 13.21 ? 46   PRO B CG  1 
ATOM   729 C CD  . PRO B 1 46 ? 4.667   0.227   5.684   1.00 8.76  ? 46   PRO B CD  1 
ATOM   730 N N   . CYS B 1 47 ? 6.701   3.969   7.672   1.00 17.26 ? 47   CYS B N   1 
ATOM   731 C CA  . CYS B 1 47 ? 7.056   5.330   7.258   1.00 18.41 ? 47   CYS B CA  1 
ATOM   732 C C   . CYS B 1 47 ? 8.230   5.311   6.286   1.00 23.25 ? 47   CYS B C   1 
ATOM   733 O O   . CYS B 1 47 ? 9.147   4.476   6.402   1.00 26.35 ? 47   CYS B O   1 
ATOM   734 C CB  . CYS B 1 47 ? 7.433   6.179   8.460   1.00 17.66 ? 47   CYS B CB  1 
ATOM   735 S SG  . CYS B 1 47 ? 6.091   6.431   9.651   1.00 17.84 ? 47   CYS B SG  1 
ATOM   736 O OXT . CYS B 1 47 ? 8.293   6.150   5.384   1.00 31.35 ? 47   CYS B OXT 1 
HETATM 737 C C1  . EDO C 2 .  ? 0.925   7.479   -7.981  1.00 8.46  ? 1048 EDO A C1  1 
HETATM 738 O O1  . EDO C 2 .  ? 0.612   8.391   -6.892  1.00 8.35  ? 1048 EDO A O1  1 
HETATM 739 C C2  . EDO C 2 .  ? 2.107   6.587   -7.618  1.00 7.54  ? 1048 EDO A C2  1 
HETATM 740 O O2  . EDO C 2 .  ? 1.700   5.654   -6.624  1.00 6.66  ? 1048 EDO A O2  1 
HETATM 741 C C1  . EDO D 2 .  ? 7.421   -12.561 -18.672 1.00 25.65 ? 1049 EDO A C1  1 
HETATM 742 O O1  . EDO D 2 .  ? 6.032   -12.670 -18.355 1.00 26.26 ? 1049 EDO A O1  1 
HETATM 743 C C2  . EDO D 2 .  ? 8.197   -13.187 -17.529 1.00 25.23 ? 1049 EDO A C2  1 
HETATM 744 O O2  . EDO D 2 .  ? 7.669   -14.512 -17.326 1.00 25.35 ? 1049 EDO A O2  1 
HETATM 745 C C1  . EDO E 2 .  ? 12.635  11.341  -11.653 1.00 22.03 ? 1050 EDO A C1  1 
HETATM 746 O O1  . EDO E 2 .  ? 11.544  10.466  -11.383 1.00 23.25 ? 1050 EDO A O1  1 
HETATM 747 C C2  . EDO E 2 .  ? 12.514  12.594  -10.844 1.00 20.07 ? 1050 EDO A C2  1 
HETATM 748 O O2  . EDO E 2 .  ? 12.485  12.253  -9.468  1.00 19.75 ? 1050 EDO A O2  1 
HETATM 749 P P   . PO4 F 3 .  ? 12.047  -5.530  -17.827 1.00 8.74  ? 1051 PO4 A P   1 
HETATM 750 O O1  . PO4 F 3 .  ? 11.497  -6.063  -16.548 1.00 8.60  ? 1051 PO4 A O1  1 
HETATM 751 O O2  . PO4 F 3 .  ? 11.666  -4.083  -18.048 1.00 9.83  ? 1051 PO4 A O2  1 
HETATM 752 O O3  . PO4 F 3 .  ? 13.543  -5.519  -17.657 1.00 12.03 1 1051 PO4 A O3  1 
HETATM 753 O O4  . PO4 F 3 .  ? 11.585  -6.355  -18.947 1.00 11.42 1 1051 PO4 A O4  1 
HETATM 754 C C1  . EDO G 2 .  ? -12.127 15.631  13.469  1.00 30.48 ? 1048 EDO B C1  1 
HETATM 755 O O1  . EDO G 2 .  ? -12.572 15.002  12.272  1.00 30.12 ? 1048 EDO B O1  1 
HETATM 756 C C2  . EDO G 2 .  ? -12.989 15.175  14.629  1.00 31.14 ? 1048 EDO B C2  1 
HETATM 757 O O2  . EDO G 2 .  ? -12.116 14.533  15.570  1.00 32.12 ? 1048 EDO B O2  1 
HETATM 758 C C1  . EDO H 2 .  ? 0.415   8.493   1.770   1.00 26.85 ? 1049 EDO B C1  1 
HETATM 759 O O1  . EDO H 2 .  ? 1.441   9.025   2.619   1.00 31.92 ? 1049 EDO B O1  1 
HETATM 760 C C2  . EDO H 2 .  ? 0.596   6.976   1.709   1.00 22.93 ? 1049 EDO B C2  1 
HETATM 761 O O2  . EDO H 2 .  ? 1.784   6.580   0.987   1.00 23.69 ? 1049 EDO B O2  1 
HETATM 762 O O   . HOH I 4 .  ? 17.804  14.985  -8.889  1.00 29.12 ? 2001 HOH A O   1 
HETATM 763 O O   . HOH I 4 .  ? 16.769  12.936  -5.449  1.00 32.60 ? 2002 HOH A O   1 
HETATM 764 O O   . HOH I 4 .  ? 21.912  12.934  -11.289 1.00 23.35 ? 2003 HOH A O   1 
HETATM 765 O O   . HOH I 4 .  ? 18.212  14.413  -11.972 1.00 28.99 ? 2004 HOH A O   1 
HETATM 766 O O   . HOH I 4 .  ? 11.564  6.123   -12.052 1.00 26.20 ? 2005 HOH A O   1 
HETATM 767 O O   . HOH I 4 .  ? 20.511  7.476   -10.696 1.00 33.29 ? 2006 HOH A O   1 
HETATM 768 O O   . HOH I 4 .  ? 6.634   9.597   -4.992  1.00 32.94 ? 2007 HOH A O   1 
HETATM 769 O O   . HOH I 4 .  ? 9.403   11.049  -2.270  1.00 26.62 ? 2008 HOH A O   1 
HETATM 770 O O   . HOH I 4 .  ? 17.468  3.248   -4.373  1.00 12.62 ? 2009 HOH A O   1 
HETATM 771 O O   . HOH I 4 .  ? 10.880  7.395   -14.351 1.00 34.68 ? 2010 HOH A O   1 
HETATM 772 O O   . HOH I 4 .  ? 14.395  9.506   -12.051 1.00 21.76 ? 2011 HOH A O   1 
HETATM 773 O O   . HOH I 4 .  ? 14.056  5.508   -12.319 1.00 30.26 ? 2012 HOH A O   1 
HETATM 774 O O   . HOH I 4 .  ? 18.342  7.201   -11.532 1.00 35.03 ? 2013 HOH A O   1 
HETATM 775 O O   . HOH I 4 .  ? 8.440   6.475   -6.446  1.00 7.40  ? 2014 HOH A O   1 
HETATM 776 O O   . HOH I 4 .  ? 9.710   6.928   -10.242 1.00 17.24 ? 2015 HOH A O   1 
HETATM 777 O O   . HOH I 4 .  ? 9.193   9.369   -4.298  1.00 12.46 ? 2016 HOH A O   1 
HETATM 778 O O   . HOH I 4 .  ? 11.613  12.138  -6.637  1.00 27.51 ? 2017 HOH A O   1 
HETATM 779 O O   . HOH I 4 .  ? 17.038  -7.330  -7.441  1.00 14.90 ? 2018 HOH A O   1 
HETATM 780 O O   . HOH I 4 .  ? 17.763  -8.233  -12.134 1.00 30.61 ? 2019 HOH A O   1 
HETATM 781 O O   . HOH I 4 .  ? 12.224  -6.370  2.022   1.00 33.09 ? 2020 HOH A O   1 
HETATM 782 O O   . HOH I 4 .  ? 15.387  1.900   -5.626  1.00 8.73  ? 2021 HOH A O   1 
HETATM 783 O O   . HOH I 4 .  ? 16.980  2.997   -11.753 1.00 21.80 ? 2022 HOH A O   1 
HETATM 784 O O   . HOH I 4 .  ? 18.741  1.046   -8.294  1.00 38.92 ? 2023 HOH A O   1 
HETATM 785 O O   . HOH I 4 .  ? 14.647  3.508   -16.136 1.00 25.61 ? 2024 HOH A O   1 
HETATM 786 O O   . HOH I 4 .  ? 11.033  5.465   -16.298 1.00 26.18 ? 2025 HOH A O   1 
HETATM 787 O O   . HOH I 4 .  ? 10.213  0.805   -15.676 1.00 11.18 ? 2026 HOH A O   1 
HETATM 788 O O   . HOH I 4 .  ? 18.703  -1.324  -6.950  1.00 27.31 ? 2027 HOH A O   1 
HETATM 789 O O   . HOH I 4 .  ? -7.396  -2.322  -9.764  1.00 37.20 ? 2028 HOH A O   1 
HETATM 790 O O   . HOH I 4 .  ? -7.466  -2.543  -6.617  1.00 28.37 ? 2029 HOH A O   1 
HETATM 791 O O   . HOH I 4 .  ? 16.433  -4.765  -9.110  1.00 13.01 ? 2030 HOH A O   1 
HETATM 792 O O   . HOH I 4 .  ? 15.506  -6.673  -5.423  1.00 10.38 ? 2031 HOH A O   1 
HETATM 793 O O   . HOH I 4 .  ? 16.196  -8.039  -9.836  1.00 17.83 ? 2032 HOH A O   1 
HETATM 794 O O   . HOH I 4 .  ? 8.841   -8.854  -9.674  1.00 5.84  ? 2033 HOH A O   1 
HETATM 795 O O   . HOH I 4 .  ? -6.304  -0.428  -4.928  1.00 11.65 ? 2034 HOH A O   1 
HETATM 796 O O   . HOH I 4 .  ? -5.956  -7.245  0.587   1.00 33.58 ? 2035 HOH A O   1 
HETATM 797 O O   . HOH I 4 .  ? 13.072  -4.903  0.011   1.00 10.28 ? 2036 HOH A O   1 
HETATM 798 O O   . HOH I 4 .  ? 17.010  -5.317  -2.958  1.00 19.91 ? 2037 HOH A O   1 
HETATM 799 O O   . HOH I 4 .  ? 4.526   -11.038 0.097   1.00 22.62 ? 2038 HOH A O   1 
HETATM 800 O O   . HOH I 4 .  ? 4.647   -7.413  0.563   1.00 21.12 ? 2039 HOH A O   1 
HETATM 801 O O   . HOH I 4 .  ? 7.547   -10.989 -8.396  1.00 7.32  ? 2040 HOH A O   1 
HETATM 802 O O   . HOH I 4 .  ? 1.331   -11.753 -9.379  1.00 11.87 ? 2041 HOH A O   1 
HETATM 803 O O   . HOH I 4 .  ? 7.168   -12.116 -24.250 1.00 34.27 ? 2042 HOH A O   1 
HETATM 804 O O   . HOH I 4 .  ? 2.344   -15.101 -11.647 1.00 11.24 ? 2043 HOH A O   1 
HETATM 805 O O   . HOH I 4 .  ? 4.897   -15.945 -11.786 1.00 23.03 ? 2044 HOH A O   1 
HETATM 806 O O   . HOH I 4 .  ? 19.069  -2.990  -15.079 1.00 32.37 ? 2045 HOH A O   1 
HETATM 807 O O   . HOH I 4 .  ? 3.123   -6.187  -17.059 1.00 16.24 ? 2046 HOH A O   1 
HETATM 808 O O   . HOH I 4 .  ? -0.009  -7.556  -10.558 1.00 6.92  ? 2047 HOH A O   1 
HETATM 809 O O   . HOH I 4 .  ? 0.835   -4.485  -16.901 1.00 27.43 ? 2048 HOH A O   1 
HETATM 810 O O   . HOH I 4 .  ? -3.074  -8.268  -10.715 1.00 34.08 ? 2049 HOH A O   1 
HETATM 811 O O   . HOH I 4 .  ? -5.573  -5.088  -9.271  1.00 28.92 ? 2050 HOH A O   1 
HETATM 812 O O   . HOH I 4 .  ? 13.929  10.218  0.534   1.00 38.95 ? 2051 HOH A O   1 
HETATM 813 O O   . HOH I 4 .  ? 12.314  7.399   0.221   1.00 25.71 ? 2052 HOH A O   1 
HETATM 814 O O   . HOH I 4 .  ? 18.832  4.909   -0.134  1.00 22.32 ? 2053 HOH A O   1 
HETATM 815 O O   . HOH I 4 .  ? 2.125   2.114   -12.560 1.00 8.77  ? 2054 HOH A O   1 
HETATM 816 O O   . HOH I 4 .  ? -1.416  0.004   -4.108  1.00 5.76  ? 2055 HOH A O   1 
HETATM 817 O O   . HOH I 4 .  ? -3.903  -4.998  -3.685  1.00 27.47 ? 2056 HOH A O   1 
HETATM 818 O O   . HOH I 4 .  ? 1.223   -7.411  -2.490  1.00 22.15 ? 2057 HOH A O   1 
HETATM 819 O O   . HOH I 4 .  ? -5.437  3.854   -5.933  1.00 17.09 ? 2058 HOH A O   1 
HETATM 820 O O   . HOH I 4 .  ? -3.910  0.787   -5.122  1.00 11.28 ? 2059 HOH A O   1 
HETATM 821 O O   . HOH I 4 .  ? -2.497  -5.617  3.736   1.00 31.57 ? 2060 HOH A O   1 
HETATM 822 O O   . HOH I 4 .  ? -3.530  -7.231  2.196   1.00 33.01 ? 2061 HOH A O   1 
HETATM 823 O O   . HOH I 4 .  ? 6.858   3.040   3.043   1.00 18.81 ? 2062 HOH A O   1 
HETATM 824 O O   . HOH I 4 .  ? 3.270   -3.380  5.511   1.00 24.74 ? 2063 HOH A O   1 
HETATM 825 O O   . HOH I 4 .  ? 13.131  -2.930  1.907   1.00 30.65 ? 2064 HOH A O   1 
HETATM 826 O O   . HOH I 4 .  ? 13.701  0.372   0.695   1.00 18.70 ? 2065 HOH A O   1 
HETATM 827 O O   . HOH I 4 .  ? 13.689  3.736   2.511   1.00 37.08 ? 2066 HOH A O   1 
HETATM 828 O O   . HOH I 4 .  ? 12.253  -4.604  10.252  1.00 23.92 ? 2067 HOH A O   1 
HETATM 829 O O   . HOH I 4 .  ? 4.515   6.399   -0.825  1.00 22.00 ? 2068 HOH A O   1 
HETATM 830 O O   . HOH I 4 .  ? 4.592   7.653   -4.568  1.00 16.34 ? 2069 HOH A O   1 
HETATM 831 O O   . HOH I 4 .  ? 7.195   2.731   -9.243  1.00 6.39  ? 2070 HOH A O   1 
HETATM 832 O O   . HOH I 4 .  ? 8.039   -1.108  -18.517 1.00 20.85 ? 2071 HOH A O   1 
HETATM 833 O O   . HOH I 4 .  ? 9.606   -3.772  -19.884 1.00 17.56 ? 2072 HOH A O   1 
HETATM 834 O O   . HOH I 4 .  ? 9.370   -0.928  -21.091 1.00 35.72 ? 2073 HOH A O   1 
HETATM 835 O O   . HOH I 4 .  ? 6.032   -10.262 -21.909 1.00 27.44 ? 2074 HOH A O   1 
HETATM 836 O O   . HOH I 4 .  ? 4.708   -14.903 -18.097 1.00 24.84 ? 2075 HOH A O   1 
HETATM 837 O O   . HOH I 4 .  ? 16.965  -4.900  -14.011 1.00 20.19 ? 2076 HOH A O   1 
HETATM 838 O O   . HOH I 4 .  ? 14.899  7.451   -0.641  1.00 15.08 ? 2077 HOH A O   1 
HETATM 839 O O   . HOH I 4 .  ? 17.731  5.365   -2.621  1.00 7.53  ? 2078 HOH A O   1 
HETATM 840 O O   . HOH I 4 .  ? 7.355   -17.021 -19.931 1.00 34.05 ? 2079 HOH A O   1 
HETATM 841 O O   . HOH J 4 .  ? 9.576   2.948   8.696   1.00 28.03 ? 2001 HOH B O   1 
HETATM 842 O O   . HOH J 4 .  ? 8.412   8.720   16.566  1.00 18.51 ? 2002 HOH B O   1 
HETATM 843 O O   . HOH J 4 .  ? 1.882   4.595   14.226  1.00 37.88 ? 2003 HOH B O   1 
HETATM 844 O O   . HOH J 4 .  ? 4.850   -1.844  12.919  1.00 27.96 ? 2004 HOH B O   1 
HETATM 845 O O   . HOH J 4 .  ? -3.215  10.364  3.656   1.00 12.43 ? 2005 HOH B O   1 
HETATM 846 O O   . HOH J 4 .  ? 1.928   8.582   11.972  1.00 26.81 ? 2006 HOH B O   1 
HETATM 847 O O   . HOH J 4 .  ? -1.371  2.206   15.738  1.00 30.68 ? 2007 HOH B O   1 
HETATM 848 O O   . HOH J 4 .  ? -5.094  2.751   16.194  1.00 18.76 ? 2008 HOH B O   1 
HETATM 849 O O   . HOH J 4 .  ? 0.963   8.830   7.293   1.00 25.47 ? 2009 HOH B O   1 
HETATM 850 O O   . HOH J 4 .  ? -15.925 -7.526  3.136   1.00 30.65 ? 2010 HOH B O   1 
HETATM 851 O O   . HOH J 4 .  ? -7.651  -5.164  0.129   1.00 27.35 ? 2011 HOH B O   1 
HETATM 852 O O   . HOH J 4 .  ? -5.618  11.093  10.782  1.00 21.63 ? 2012 HOH B O   1 
HETATM 853 O O   . HOH J 4 .  ? -7.212  11.886  6.859   1.00 14.83 ? 2013 HOH B O   1 
HETATM 854 O O   . HOH J 4 .  ? -5.250  8.577   4.480   1.00 9.65  ? 2014 HOH B O   1 
HETATM 855 O O   . HOH J 4 .  ? -8.618  12.278  11.305  1.00 28.17 ? 2015 HOH B O   1 
HETATM 856 O O   . HOH J 4 .  ? -12.875 6.890   8.808   1.00 8.61  ? 2016 HOH B O   1 
HETATM 857 O O   . HOH J 4 .  ? -7.362  -4.000  -2.227  1.00 27.25 ? 2017 HOH B O   1 
HETATM 858 O O   . HOH J 4 .  ? -4.371  12.837  4.363   1.00 19.65 ? 2018 HOH B O   1 
HETATM 859 O O   . HOH J 4 .  ? -5.729  9.791   1.093   1.00 7.71  ? 2019 HOH B O   1 
HETATM 860 O O   . HOH J 4 .  ? -14.437 5.784   -1.678  1.00 23.08 ? 2020 HOH B O   1 
HETATM 861 O O   . HOH J 4 .  ? -11.645 3.811   -1.364  1.00 19.29 ? 2021 HOH B O   1 
HETATM 862 O O   . HOH J 4 .  ? -16.655 8.175   6.700   1.00 11.89 ? 2022 HOH B O   1 
HETATM 863 O O   . HOH J 4 .  ? -8.258  6.428   17.853  1.00 32.10 ? 2023 HOH B O   1 
HETATM 864 O O   . HOH J 4 .  ? -15.484 6.483   9.731   1.00 23.22 ? 2024 HOH B O   1 
HETATM 865 O O   . HOH J 4 .  ? -21.134 2.772   7.349   1.00 18.85 ? 2025 HOH B O   1 
HETATM 866 O O   . HOH J 4 .  ? -16.006 -1.418  7.854   1.00 3.96  ? 2026 HOH B O   1 
HETATM 867 O O   . HOH J 4 .  ? -17.370 -6.087  13.640  1.00 29.46 ? 2027 HOH B O   1 
HETATM 868 O O   . HOH J 4 .  ? -15.989 -7.553  5.792   1.00 17.59 ? 2028 HOH B O   1 
HETATM 869 O O   . HOH J 4 .  ? -9.580  -6.015  1.921   1.00 26.06 ? 2029 HOH B O   1 
HETATM 870 O O   . HOH J 4 .  ? -13.999 -5.480  1.525   1.00 24.08 ? 2030 HOH B O   1 
HETATM 871 O O   . HOH J 4 .  ? -13.751 0.158   0.687   1.00 23.52 ? 2031 HOH B O   1 
HETATM 872 O O   . HOH J 4 .  ? -7.616  -1.421  -2.764  1.00 12.32 ? 2032 HOH B O   1 
HETATM 873 O O   . HOH J 4 .  ? -0.913  0.946   -1.638  1.00 6.46  ? 2033 HOH B O   1 
HETATM 874 O O   . HOH J 4 .  ? -3.013  9.214   0.859   1.00 12.12 ? 2034 HOH B O   1 
HETATM 875 O O   . HOH J 4 .  ? 0.486   -1.512  7.720   1.00 18.59 ? 2035 HOH B O   1 
HETATM 876 O O   . HOH J 4 .  ? -3.705  -1.225  10.099  1.00 6.44  ? 2036 HOH B O   1 
HETATM 877 O O   . HOH J 4 .  ? -9.722  6.956   15.553  1.00 15.79 ? 2037 HOH B O   1 
HETATM 878 O O   . HOH J 4 .  ? -8.670  1.109   18.767  1.00 20.86 ? 2038 HOH B O   1 
HETATM 879 O O   . HOH J 4 .  ? -6.212  -3.327  22.217  1.00 39.63 ? 2039 HOH B O   1 
HETATM 880 O O   . HOH J 4 .  ? -18.324 4.393   20.513  1.00 19.07 ? 2040 HOH B O   1 
HETATM 881 O O   . HOH J 4 .  ? -15.863 8.956   14.166  1.00 27.36 ? 2041 HOH B O   1 
HETATM 882 O O   . HOH J 4 .  ? -16.570 7.192   12.085  1.00 30.84 ? 2042 HOH B O   1 
HETATM 883 O O   . HOH J 4 .  ? -15.236 -4.249  16.195  1.00 11.44 ? 2043 HOH B O   1 
HETATM 884 O O   . HOH J 4 .  ? -9.069  9.582   14.692  1.00 26.89 ? 2044 HOH B O   1 
HETATM 885 O O   . HOH J 4 .  ? 6.337   7.977   4.726   1.00 33.16 ? 2045 HOH B O   1 
# 
loop_
_atom_site_anisotrop.id 
_atom_site_anisotrop.type_symbol 
_atom_site_anisotrop.pdbx_label_atom_id 
_atom_site_anisotrop.pdbx_label_alt_id 
_atom_site_anisotrop.pdbx_label_comp_id 
_atom_site_anisotrop.pdbx_label_asym_id 
_atom_site_anisotrop.pdbx_label_seq_id 
_atom_site_anisotrop.pdbx_PDB_ins_code 
_atom_site_anisotrop.U[1][1] 
_atom_site_anisotrop.U[2][2] 
_atom_site_anisotrop.U[3][3] 
_atom_site_anisotrop.U[1][2] 
_atom_site_anisotrop.U[1][3] 
_atom_site_anisotrop.U[2][3] 
_atom_site_anisotrop.pdbx_auth_seq_id 
_atom_site_anisotrop.pdbx_auth_comp_id 
_atom_site_anisotrop.pdbx_auth_asym_id 
_atom_site_anisotrop.pdbx_auth_atom_id 
1   N N   . ARG A 1  ? 0.1484 0.1115 0.1618 -0.0043 0.0084  0.0110  1    ARG A N   
2   C CA  . ARG A 1  ? 0.1101 0.0791 0.1113 -0.0057 0.0117  0.0112  1    ARG A CA  
3   C C   . ARG A 1  ? 0.1067 0.0816 0.1092 -0.0036 0.0122  0.0057  1    ARG A C   
4   O O   . ARG A 1  ? 0.1139 0.0836 0.1141 -0.0061 0.0134  0.0012  1    ARG A O   
5   C CB  . ARG A 1  ? 0.1522 0.1231 0.1598 -0.0094 0.0164  0.0105  1    ARG A CB  
6   C CG  . ARG A 1  ? 0.1425 0.1199 0.1600 -0.0113 0.0225  0.0073  1    ARG A CG  
7   C CD  . ARG A 1  ? 0.1485 0.1274 0.1955 -0.0148 0.0252  0.0049  1    ARG A CD  
8   N NE  . ARG A 1  ? 0.1686 0.1425 0.2175 -0.0142 0.0103  0.0066  1    ARG A NE  
9   C CZ  . ARG A 1  ? 0.0996 0.0676 0.1513 -0.0159 0.0089  0.0085  1    ARG A CZ  
10  N NH1 . ARG A 1  ? 0.1321 0.0999 0.1896 -0.0182 0.0211  0.0098  1    ARG A NH1 
11  N NH2 . ARG A 1  ? 0.1636 0.1199 0.2050 -0.0183 -0.0035 0.0084  1    ARG A NH2 
12  N N   . GLU A 2  ? 0.0958 0.0745 0.0945 -0.0015 0.0111  0.0061  2    GLU A N   
13  C CA  . GLU A 2  ? 0.0915 0.0749 0.0908 -0.0001 0.0120  0.0015  2    GLU A CA  
14  C C   . GLU A 2  ? 0.1260 0.1162 0.1238 -0.0003 0.0125  0.0016  2    GLU A C   
15  O O   . GLU A 2  ? 0.1649 0.1526 0.1563 -0.0028 0.0168  0.0031  2    GLU A O   
16  C CB  . GLU A 2  ? 0.1133 0.0958 0.1244 0.0032  0.0116  -0.0014 2    GLU A CB  
17  C CG  . GLU A 2  ? 0.1160 0.0913 0.1457 0.0025  0.0165  -0.0060 2    GLU A CG  
18  C CD  . GLU A 2  ? 0.2355 0.2077 0.2895 0.0021  0.0275  -0.0165 2    GLU A CD  
19  O OE1 . GLU A 2  ? 0.2870 0.2645 0.3493 0.0051  0.0251  -0.0172 2    GLU A OE1 
20  O OE2 . GLU A 2  ? 0.2331 0.1953 0.3009 -0.0026 0.0418  -0.0260 2    GLU A OE2 
21  N N   . CYS A 3  ? 0.0701 0.0627 0.0708 -0.0008 0.0098  -0.0009 3    CYS A N   
22  C CA  . CYS A 3  ? 0.0623 0.0625 0.0748 -0.0007 0.0095  -0.0026 3    CYS A CA  
23  C C   . CYS A 3  ? 0.0565 0.0597 0.0642 0.0019  0.0078  -0.0043 3    CYS A C   
24  O O   . CYS A 3  ? 0.0804 0.0766 0.0779 0.0007  0.0064  -0.0049 3    CYS A O   
25  C CB  . CYS A 3  ? 0.0718 0.0686 0.1035 -0.0044 -0.0011 -0.0022 3    CYS A CB  
26  S SG  . CYS A 3  ? 0.1115 0.1092 0.1734 -0.0071 0.0015  -0.0029 3    CYS A SG  
27  N N   . LYS A 4  ? 0.0654 0.0755 0.0799 0.0031  0.0116  -0.0070 4    LYS A N   
28  C CA  . LYS A 4  ? 0.0538 0.0678 0.0667 0.0058  0.0094  -0.0086 4    LYS A CA  
29  C C   . LYS A 4  ? 0.0464 0.0644 0.0790 0.0047  0.0035  -0.0103 4    LYS A C   
30  O O   . LYS A 4  ? 0.0560 0.0783 0.1163 0.0029  0.0055  -0.0137 4    LYS A O   
31  C CB  . LYS A 4  ? 0.0670 0.0785 0.0682 0.0052  0.0146  -0.0106 4    LYS A CB  
32  C CG  . LYS A 4  ? 0.0839 0.0826 0.0659 0.0044  0.0088  -0.0056 4    LYS A CG  
33  C CD  . LYS A 4  ? 0.1406 0.1195 0.0913 -0.0032 0.0076  -0.0047 4    LYS A CD  
34  C CE  . LYS A 4  ? 0.1363 0.0929 0.0683 -0.0065 -0.0099 0.0043  4    LYS A CE  
35  N NZ  . LYS A 4  ? 0.2536 0.1741 0.1351 -0.0204 -0.0175 0.0076  4    LYS A NZ  
36  N N   . THR A 5  ? 0.0447 0.0578 0.0687 0.0041  -0.0035 -0.0087 5    THR A N   
37  C CA  . THR A 5  ? 0.0475 0.0572 0.0851 0.0011  -0.0162 -0.0074 5    THR A CA  
38  C C   . THR A 5  ? 0.0448 0.0566 0.0733 0.0032  -0.0132 -0.0090 5    THR A C   
39  O O   . THR A 5  ? 0.0519 0.0554 0.0594 0.0014  -0.0064 -0.0095 5    THR A O   
40  C CB  . THR A 5  ? 0.0728 0.0569 0.0911 -0.0090 -0.0331 -0.0009 5    THR A CB  
41  O OG1 . THR A 5  ? 0.0990 0.0808 0.1294 -0.0105 -0.0381 0.0008  5    THR A OG1 
42  C CG2 . THR A 5  ? 0.0949 0.0666 0.1246 -0.0142 -0.0547 0.0040  5    THR A CG2 
43  N N   . GLU A 6  ? 0.0449 0.0306 0.0492 -0.0035 0.0103  -0.0044 6    GLU A N   
44  C CA  . GLU A 6  ? 0.0477 0.0291 0.0436 -0.0019 0.0071  -0.0038 6    GLU A CA  
45  C C   . GLU A 6  ? 0.0564 0.0450 0.0586 0.0008  0.0025  -0.0042 6    GLU A C   
46  O O   . GLU A 6  ? 0.0505 0.0468 0.0609 0.0029  0.0022  -0.0053 6    GLU A O   
47  C CB  . GLU A 6  ? 0.0577 0.0336 0.0475 -0.0007 0.0121  -0.0049 6    GLU A CB  
48  C CG  . GLU A 6  ? 0.0613 0.0296 0.0408 -0.0013 0.0085  -0.0047 6    GLU A CG  
49  C CD  . GLU A 6  ? 0.0745 0.0312 0.0425 -0.0015 0.0137  -0.0070 6    GLU A CD  
50  O OE1 . GLU A 6  ? 0.0977 0.0535 0.0674 0.0006  0.0222  -0.0088 6    GLU A OE1 
51  O OE2 . GLU A 6  ? 0.0803 0.0285 0.0385 -0.0040 0.0100  -0.0076 6    GLU A OE2 
52  N N   . SER A 7  ? 0.0471 0.0338 0.0460 0.0006  -0.0014 -0.0028 7    SER A N   
53  C CA  . SER A 7  ? 0.0295 0.0216 0.0318 0.0029  -0.0035 -0.0025 7    SER A CA  
54  C C   . SER A 7  ? 0.0302 0.0231 0.0325 0.0051  -0.0026 -0.0020 7    SER A C   
55  O O   . SER A 7  ? 0.0580 0.0445 0.0560 0.0047  -0.0008 -0.0016 7    SER A O   
56  C CB  . SER A 7  ? 0.0459 0.0364 0.0473 0.0018  -0.0061 -0.0002 7    SER A CB  
57  O OG  . SER A 7  ? 0.0474 0.0424 0.0516 0.0035  -0.0059 0.0008  7    SER A OG  
58  N N   . ASN A 8  ? 0.0421 0.0415 0.0476 0.0076  -0.0040 -0.0019 8    ASN A N   
59  C CA  . ASN A 8  ? 0.0327 0.0323 0.0382 0.0107  -0.0040 0.0005  8    ASN A CA  
60  C C   . ASN A 8  ? 0.0552 0.0514 0.0563 0.0106  -0.0041 0.0037  8    ASN A C   
61  O O   . ASN A 8  ? 0.0670 0.0595 0.0670 0.0125  -0.0034 0.0066  8    ASN A O   
62  C CB  . ASN A 8  ? 0.0454 0.0535 0.0553 0.0130  -0.0073 0.0004  8    ASN A CB  
63  C CG  . ASN A 8  ? 0.0523 0.0654 0.0717 0.0125  -0.0066 -0.0018 8    ASN A CG  
64  O OD1 . ASN A 8  ? 0.0406 0.0508 0.0637 0.0134  -0.0022 -0.0016 8    ASN A OD1 
65  N ND2 . ASN A 8  ? 0.0633 0.0832 0.0867 0.0105  -0.0101 -0.0044 8    ASN A ND2 
66  N N   . THR A 9  ? 0.0465 0.0440 0.0464 0.0085  -0.0041 0.0037  9    THR A N   
67  C CA  . THR A 9  ? 0.0334 0.0301 0.0322 0.0077  -0.0027 0.0073  9    THR A CA  
68  C C   . THR A 9  ? 0.0529 0.0471 0.0554 0.0037  -0.0030 0.0083  9    THR A C   
69  O O   . THR A 9  ? 0.0607 0.0545 0.0654 0.0017  -0.0016 0.0116  9    THR A O   
70  C CB  . THR A 9  ? 0.0618 0.0641 0.0583 0.0091  -0.0011 0.0072  9    THR A CB  
71  O OG1 . THR A 9  ? 0.0748 0.0796 0.0760 0.0083  -0.0001 0.0044  9    THR A OG1 
72  C CG2 . THR A 9  ? 0.0653 0.0699 0.0559 0.0117  -0.0033 0.0058  9    THR A CG2 
73  N N   . PHE A 10 ? 0.0342 0.0269 0.0378 0.0018  -0.0052 0.0061  10   PHE A N   
74  C CA  . PHE A 10 ? 0.0368 0.0279 0.0435 -0.0026 -0.0082 0.0077  10   PHE A CA  
75  C C   . PHE A 10 ? 0.0627 0.0442 0.0639 -0.0063 -0.0092 0.0078  10   PHE A C   
76  O O   . PHE A 10 ? 0.0654 0.0389 0.0586 -0.0054 -0.0080 0.0051  10   PHE A O   
77  C CB  . PHE A 10 ? 0.0476 0.0375 0.0530 -0.0037 -0.0116 0.0065  10   PHE A CB  
78  C CG  . PHE A 10 ? 0.0432 0.0319 0.0504 -0.0084 -0.0175 0.0087  10   PHE A CG  
79  C CD1 . PHE A 10 ? 0.0635 0.0616 0.0845 -0.0087 -0.0200 0.0122  10   PHE A CD1 
80  C CD2 . PHE A 10 ? 0.0632 0.0417 0.0586 -0.0127 -0.0209 0.0073  10   PHE A CD2 
81  C CE1 . PHE A 10 ? 0.0717 0.0707 0.0970 -0.0133 -0.0276 0.0151  10   PHE A CE1 
82  C CE2 . PHE A 10 ? 0.0791 0.0561 0.0737 -0.0177 -0.0283 0.0091  10   PHE A CE2 
83  C CZ  . PHE A 10 ? 0.0798 0.0677 0.0898 -0.0176 -0.0316 0.0135  10   PHE A CZ  
84  N N   . PRO A 11 ? 0.0557 0.0397 0.0739 0.0017  -0.0001 0.0123  11   PRO A N   
85  C CA  . PRO A 11 ? 0.0792 0.0382 0.0876 0.0061  -0.0052 0.0109  11   PRO A CA  
86  C C   . PRO A 11 ? 0.0772 0.0245 0.0798 0.0074  -0.0095 0.0026  11   PRO A C   
87  O O   . PRO A 11 ? 0.0787 0.0311 0.0866 -0.0002 -0.0112 0.0002  11   PRO A O   
88  C CB  . PRO A 11 ? 0.0988 0.0493 0.1109 -0.0038 -0.0076 0.0163  11   PRO A CB  
89  C CG  . PRO A 11 ? 0.2021 0.1766 0.2251 -0.0111 -0.0039 0.0202  11   PRO A CG  
90  C CD  . PRO A 11 ? 0.0631 0.0542 0.0908 -0.0092 -0.0007 0.0160  11   PRO A CD  
91  N N   . GLY A 12 ? 0.0919 0.0301 0.0843 0.0171  -0.0107 -0.0021 12   GLY A N   
92  C CA  . GLY A 12 ? 0.1020 0.0340 0.0886 0.0177  -0.0146 -0.0096 12   GLY A CA  
93  C C   . GLY A 12 ? 0.0919 0.0364 0.0755 0.0221  -0.0128 -0.0134 12   GLY A C   
94  O O   . GLY A 12 ? 0.0847 0.0427 0.0699 0.0252  -0.0074 -0.0107 12   GLY A O   
95  N N   . ILE A 13 ? 0.1004 0.0416 0.0794 0.0223  -0.0169 -0.0192 13   ILE A N   
96  C CA  . ILE A 13 ? 0.1003 0.0529 0.0745 0.0269  -0.0151 -0.0213 13   ILE A CA  
97  C C   . ILE A 13 ? 0.1009 0.0605 0.0821 0.0205  -0.0143 -0.0196 13   ILE A C   
98  O O   . ILE A 13 ? 0.1012 0.0585 0.0909 0.0115  -0.0175 -0.0191 13   ILE A O   
99  C CB  . ILE A 13 ? 0.1634 0.1133 0.1291 0.0321  -0.0200 -0.0276 13   ILE A CB  
100 C CG1 . ILE A 13 ? 0.2260 0.1681 0.1955 0.0249  -0.0262 -0.0317 13   ILE A CG1 
101 C CG2 . ILE A 13 ? 0.1782 0.1234 0.1359 0.0406  -0.0210 -0.0302 13   ILE A CG2 
102 C CD1 . ILE A 13 ? 0.2636 0.2071 0.2258 0.0306  -0.0309 -0.0385 13   ILE A CD1 
103 N N   . CYS A 14 ? 0.0740 0.0454 0.0528 0.0243  -0.0091 -0.0170 14   CYS A N   
104 C CA  . CYS A 14 ? 0.0580 0.0387 0.0440 0.0181  -0.0068 -0.0130 14   CYS A CA  
105 C C   . CYS A 14 ? 0.0704 0.0503 0.0496 0.0211  -0.0113 -0.0168 14   CYS A C   
106 O O   . CYS A 14 ? 0.0928 0.0750 0.0608 0.0290  -0.0100 -0.0175 14   CYS A O   
107 C CB  . CYS A 14 ? 0.0606 0.0526 0.0478 0.0190  0.0013  -0.0070 14   CYS A CB  
108 S SG  . CYS A 14 ? 0.0663 0.0651 0.0643 0.0109  0.0041  -0.0025 14   CYS A SG  
109 N N   . ILE A 15 ? 0.0692 0.0491 0.0551 0.0151  -0.0165 -0.0193 15   ILE A N   
110 C CA  . ILE A 15 ? 0.0927 0.0754 0.0733 0.0183  -0.0217 -0.0234 15   ILE A CA  
111 C C   . ILE A 15 ? 0.0856 0.0771 0.0729 0.0158  -0.0205 -0.0195 15   ILE A C   
112 O O   . ILE A 15 ? 0.1135 0.1077 0.0933 0.0221  -0.0200 -0.0174 15   ILE A O   
113 C CB  . ILE A 15 ? 0.1289 0.1084 0.1129 0.0143  -0.0284 -0.0296 15   ILE A CB  
114 C CG1 . ILE A 15 ? 0.1479 0.1175 0.1251 0.0183  -0.0294 -0.0328 15   ILE A CG1 
115 C CG2 . ILE A 15 ? 0.1519 0.1396 0.1340 0.0173  -0.0321 -0.0326 15   ILE A CG2 
116 C CD1 . ILE A 15 ? 0.1874 0.1598 0.1517 0.0297  -0.0287 -0.0343 15   ILE A CD1 
117 N N   . THR A 16 ? 0.0531 0.0489 0.0532 0.0078  -0.0201 -0.0180 16   THR A N   
118 C CA  . THR A 16 ? 0.0514 0.0556 0.0576 0.0073  -0.0192 -0.0157 16   THR A CA  
119 C C   . THR A 16 ? 0.0684 0.0744 0.0816 0.0040  -0.0125 -0.0104 16   THR A C   
120 O O   . THR A 16 ? 0.0518 0.0575 0.0696 -0.0005 -0.0098 -0.0090 16   THR A O   
121 C CB  . THR A 16 ? 0.0662 0.0792 0.0805 0.0022  -0.0221 -0.0179 16   THR A CB  
122 O OG1 . THR A 16 ? 0.1096 0.1230 0.1292 -0.0060 -0.0182 -0.0144 16   THR A OG1 
123 C CG2 . THR A 16 ? 0.0927 0.1058 0.1020 0.0040  -0.0268 -0.0225 16   THR A CG2 
124 N N   . LYS A 17 ? 0.0708 0.0458 0.0347 0.0072  -0.0147 -0.0091 17   LYS A N   
125 C CA  . LYS A 17 ? 0.0640 0.0369 0.0318 0.0090  -0.0110 -0.0059 17   LYS A CA  
126 C C   . LYS A 17 ? 0.0727 0.0521 0.0528 0.0096  -0.0111 -0.0049 17   LYS A C   
127 O O   . LYS A 17 ? 0.0676 0.0463 0.0524 0.0090  -0.0075 -0.0044 17   LYS A O   
128 C CB  . LYS A 17 ? 0.0936 0.0622 0.0545 0.0117  -0.0133 -0.0014 17   LYS A CB  
129 C CG  . LYS A 17 ? 0.0813 0.0443 0.0451 0.0122  -0.0108 0.0007  17   LYS A CG  
130 C CD  . LYS A 17 ? 0.0962 0.0497 0.0546 0.0149  -0.0159 0.0050  17   LYS A CD  
131 C CE  . LYS A 17 ? 0.1103 0.0577 0.0722 0.0125  -0.0140 0.0061  17   LYS A CE  
132 N NZ  . LYS A 17 ? 0.1111 0.0551 0.0660 0.0056  -0.0094 0.0103  17   LYS A NZ  
133 N N   . PRO A 18 ? 0.0530 0.0429 0.0383 0.0104  -0.0153 -0.0042 18   PRO A N   
134 C CA  . PRO A 18 ? 0.0562 0.0579 0.0511 0.0111  -0.0144 -0.0030 18   PRO A CA  
135 C C   . PRO A 18 ? 0.0505 0.0532 0.0519 0.0066  -0.0116 -0.0008 18   PRO A C   
136 O O   . PRO A 18 ? 0.0534 0.0600 0.0574 0.0079  -0.0091 -0.0002 18   PRO A O   
137 C CB  . PRO A 18 ? 0.0780 0.0964 0.0783 0.0110  -0.0187 -0.0025 18   PRO A CB  
138 C CG  . PRO A 18 ? 0.0691 0.0815 0.0614 0.0147  -0.0225 -0.0038 18   PRO A CG  
139 C CD  . PRO A 18 ? 0.0692 0.0649 0.0520 0.0113  -0.0206 -0.0045 18   PRO A CD  
140 N N   . PRO A 19 ? 0.0455 0.0439 0.0502 0.0013  -0.0134 0.0002  19   PRO A N   
141 C CA  . PRO A 19 ? 0.0547 0.0523 0.0669 -0.0020 -0.0127 0.0040  19   PRO A CA  
142 C C   . PRO A 19 ? 0.0600 0.0485 0.0705 0.0013  -0.0084 0.0020  19   PRO A C   
143 O O   . PRO A 19 ? 0.0535 0.0451 0.0701 0.0005  -0.0075 0.0055  19   PRO A O   
144 C CB  . PRO A 19 ? 0.0745 0.0642 0.0907 -0.0075 -0.0178 0.0046  19   PRO A CB  
145 C CG  . PRO A 19 ? 0.0740 0.0565 0.0815 -0.0055 -0.0189 -0.0023 19   PRO A CG  
146 C CD  . PRO A 19 ? 0.0593 0.0529 0.0616 -0.0017 -0.0177 -0.0020 19   PRO A CD  
147 N N   . CYS A 20 ? 0.0454 0.0255 0.0476 0.0043  -0.0059 -0.0029 20   CYS A N   
148 C CA  . CYS A 20 ? 0.0454 0.0220 0.0466 0.0063  -0.0013 -0.0046 20   CYS A CA  
149 C C   . CYS A 20 ? 0.0344 0.0154 0.0346 0.0067  0.0008  -0.0023 20   CYS A C   
150 O O   . CYS A 20 ? 0.0549 0.0394 0.0602 0.0063  0.0028  -0.0009 20   CYS A O   
151 C CB  . CYS A 20 ? 0.0515 0.0231 0.0430 0.0075  0.0009  -0.0095 20   CYS A CB  
152 S SG  . CYS A 20 ? 0.0634 0.0385 0.0528 0.0081  0.0076  -0.0101 20   CYS A SG  
153 N N   . ARG A 21 ? 0.0363 0.0168 0.0307 0.0081  -0.0008 -0.0024 21   ARG A N   
154 C CA  . ARG A 21 ? 0.0352 0.0168 0.0296 0.0093  -0.0010 -0.0024 21   ARG A CA  
155 C C   . ARG A 21 ? 0.0354 0.0293 0.0375 0.0091  -0.0012 -0.0019 21   ARG A C   
156 O O   . ARG A 21 ? 0.0336 0.0298 0.0376 0.0083  -0.0002 -0.0024 21   ARG A O   
157 C CB  . ARG A 21 ? 0.0439 0.0215 0.0329 0.0131  -0.0049 -0.0037 21   ARG A CB  
158 C CG  . ARG A 21 ? 0.0568 0.0350 0.0475 0.0156  -0.0069 -0.0064 21   ARG A CG  
159 C CD  . ARG A 21 ? 0.0685 0.0412 0.0559 0.0188  -0.0113 -0.0075 21   ARG A CD  
160 N NE  . ARG A 21 ? 0.0741 0.0535 0.0617 0.0227  -0.0137 -0.0082 21   ARG A NE  
161 C CZ  . ARG A 21 ? 0.0682 0.0420 0.0521 0.0254  -0.0178 -0.0073 21   ARG A CZ  
162 N NH1 . ARG A 21 ? 0.0986 0.0586 0.0781 0.0246  -0.0203 -0.0049 21   ARG A NH1 
163 N NH2 . ARG A 21 ? 0.0927 0.0757 0.0781 0.0282  -0.0197 -0.0078 21   ARG A NH2 
164 N N   . LYS A 22 ? 0.0289 0.0368 0.0458 -0.0057 -0.0032 0.0092  22   LYS A N   
165 C CA  . LYS A 22 ? 0.0241 0.0424 0.0479 -0.0087 0.0038  0.0165  22   LYS A CA  
166 C C   . LYS A 22 ? 0.0386 0.0403 0.0506 -0.0095 0.0039  0.0142  22   LYS A C   
167 O O   . LYS A 22 ? 0.0449 0.0472 0.0490 -0.0051 0.0084  0.0141  22   LYS A O   
168 C CB  . LYS A 22 ? 0.0320 0.0640 0.0725 -0.0158 0.0013  0.0226  22   LYS A CB  
169 C CG  . LYS A 22 ? 0.0701 0.1103 0.1093 -0.0161 0.0090  0.0300  22   LYS A CG  
170 C CD  . LYS A 22 ? 0.1473 0.2019 0.2060 -0.0264 0.0077  0.0388  22   LYS A CD  
171 C CE  . LYS A 22 ? 0.3891 0.4239 0.4482 -0.0368 0.0012  0.0430  22   LYS A CE  
172 N NZ  . LYS A 22 ? 0.4057 0.4356 0.4520 -0.0352 0.0090  0.0501  22   LYS A NZ  
173 N N   . ALA A 23 ? 0.0429 0.0310 0.0530 -0.0119 -0.0037 0.0105  23   ALA A N   
174 C CA  . ALA A 23 ? 0.0392 0.0162 0.0403 -0.0086 -0.0048 0.0076  23   ALA A CA  
175 C C   . ALA A 23 ? 0.0392 0.0177 0.0331 -0.0034 -0.0003 0.0028  23   ALA A C   
176 O O   . ALA A 23 ? 0.0552 0.0338 0.0453 -0.0001 0.0008  0.0023  23   ALA A O   
177 C CB  . ALA A 23 ? 0.0527 0.0180 0.0498 -0.0063 -0.0152 0.0013  23   ALA A CB  
178 N N   . CYS A 24 ? 0.0442 0.0270 0.0365 -0.0021 0.0021  -0.0008 24   CYS A N   
179 C CA  . CYS A 24 ? 0.0339 0.0228 0.0258 -0.0016 0.0069  -0.0032 24   CYS A CA  
180 C C   . CYS A 24 ? 0.0291 0.0169 0.0222 -0.0023 0.0078  -0.0025 24   CYS A C   
181 O O   . CYS A 24 ? 0.0403 0.0307 0.0364 -0.0024 0.0061  -0.0063 24   CYS A O   
182 C CB  . CYS A 24 ? 0.0549 0.0456 0.0423 -0.0023 0.0103  -0.0014 24   CYS A CB  
183 S SG  . CYS A 24 ? 0.0521 0.0484 0.0299 0.0065  0.0090  -0.0066 24   CYS A SG  
184 N N   . ILE A 25 ? 0.0424 0.0286 0.0331 -0.0002 0.0084  0.0004  25   ILE A N   
185 C CA  . ILE A 25 ? 0.0607 0.0445 0.0458 0.0059  0.0074  -0.0022 25   ILE A CA  
186 C C   . ILE A 25 ? 0.0542 0.0427 0.0346 0.0105  0.0073  -0.0021 25   ILE A C   
187 O O   . ILE A 25 ? 0.0609 0.0474 0.0372 0.0147  0.0021  -0.0071 25   ILE A O   
188 C CB  . ILE A 25 ? 0.0483 0.0354 0.0305 0.0133  0.0085  -0.0006 25   ILE A CB  
189 C CG1 . ILE A 25 ? 0.0692 0.0425 0.0488 0.0112  0.0052  -0.0009 25   ILE A CG1 
190 C CG2 . ILE A 25 ? 0.0790 0.0680 0.0538 0.0223  0.0051  -0.0040 25   ILE A CG2 
191 C CD1 . ILE A 25 ? 0.0957 0.0722 0.0725 0.0211  0.0029  -0.0007 25   ILE A CD1 
192 N N   . SER A 26 ? 0.0544 0.0475 0.0368 0.0080  0.0101  0.0055  26   SER A N   
193 C CA  A SER A 26 ? 0.0446 0.0368 0.0192 0.0117  0.0094  0.0094  26   SER A CA  
194 C CA  B SER A 26 ? 0.0498 0.0422 0.0243 0.0120  0.0095  0.0091  26   SER A CA  
195 C C   . SER A 26 ? 0.0835 0.0684 0.0530 0.0159  0.0025  0.0009  26   SER A C   
196 O O   . SER A 26 ? 0.0912 0.0742 0.0496 0.0241  -0.0009 -0.0001 26   SER A O   
197 C CB  A SER A 26 ? 0.0922 0.0816 0.0728 0.0030  0.0086  0.0187  26   SER A CB  
198 C CB  B SER A 26 ? 0.0507 0.0426 0.0313 0.0034  0.0096  0.0193  26   SER A CB  
199 O OG  A SER A 26 ? 0.1654 0.1664 0.1548 -0.0019 0.0128  0.0246  26   SER A OG  
200 O OG  B SER A 26 ? 0.0694 0.0464 0.0514 0.0000  0.0026  0.0186  26   SER A OG  
201 N N   . GLU A 27 ? 0.0516 0.0376 0.0327 0.0109  0.0001  -0.0055 27   GLU A N   
202 C CA  . GLU A 27 ? 0.0434 0.0360 0.0313 0.0132  -0.0057 -0.0133 27   GLU A CA  
203 C C   . GLU A 27 ? 0.0615 0.0610 0.0597 0.0091  -0.0088 -0.0201 27   GLU A C   
204 O O   . GLU A 27 ? 0.0626 0.0763 0.0757 0.0075  -0.0131 -0.0265 27   GLU A O   
205 C CB  . GLU A 27 ? 0.0459 0.0438 0.0408 0.0123  -0.0045 -0.0148 27   GLU A CB  
206 C CG  . GLU A 27 ? 0.0680 0.0515 0.0533 0.0164  -0.0087 -0.0114 27   GLU A CG  
207 C CD  . GLU A 27 ? 0.0722 0.0592 0.0594 0.0185  -0.0102 -0.0147 27   GLU A CD  
208 O OE1 . GLU A 27 ? 0.0603 0.0645 0.0533 0.0234  -0.0095 -0.0201 27   GLU A OE1 
209 O OE2 . GLU A 27 ? 0.0835 0.0573 0.0659 0.0163  -0.0133 -0.0124 27   GLU A OE2 
210 N N   . LYS A 28 ? 0.0839 0.0593 0.0247 -0.0004 -0.0076 0.0098  28   LYS A N   
211 C CA  . LYS A 28 ? 0.0812 0.0714 0.0278 -0.0010 -0.0097 0.0037  28   LYS A CA  
212 C C   . LYS A 28 ? 0.0760 0.0702 0.0344 -0.0016 -0.0106 0.0002  28   LYS A C   
213 O O   . LYS A 28 ? 0.1014 0.1041 0.0640 -0.0046 -0.0140 -0.0051 28   LYS A O   
214 C CB  . LYS A 28 ? 0.1074 0.1092 0.0474 0.0011  -0.0166 0.0035  28   LYS A CB  
215 C CG  . LYS A 28 ? 0.1562 0.1520 0.0787 0.0008  -0.0154 0.0070  28   LYS A CG  
216 C CD  . LYS A 28 ? 0.1944 0.2019 0.1084 0.0016  -0.0242 0.0075  28   LYS A CD  
217 C CE  . LYS A 28 ? 0.4322 0.4265 0.3229 0.0048  -0.0259 0.0164  28   LYS A CE  
218 N NZ  . LYS A 28 ? 0.6378 0.6076 0.5221 0.0119  -0.0289 0.0248  28   LYS A NZ  
219 N N   . PHE A 29 ? 0.0575 0.0440 0.0203 -0.0013 -0.0073 0.0025  29   PHE A N   
220 C CA  . PHE A 29 ? 0.0472 0.0334 0.0160 -0.0043 -0.0064 0.0002  29   PHE A CA  
221 C C   . PHE A 29 ? 0.0698 0.0480 0.0382 -0.0059 -0.0034 -0.0031 29   PHE A C   
222 O O   . PHE A 29 ? 0.0931 0.0739 0.0595 -0.0051 -0.0009 -0.0052 29   PHE A O   
223 C CB  . PHE A 29 ? 0.0581 0.0428 0.0309 -0.0002 -0.0051 0.0031  29   PHE A CB  
224 C CG  . PHE A 29 ? 0.0510 0.0464 0.0264 0.0079  -0.0089 0.0029  29   PHE A CG  
225 C CD1 . PHE A 29 ? 0.0711 0.0551 0.0387 0.0154  -0.0114 0.0053  29   PHE A CD1 
226 C CD2 . PHE A 29 ? 0.0600 0.0783 0.0474 0.0064  -0.0083 -0.0015 29   PHE A CD2 
227 C CE1 . PHE A 29 ? 0.0981 0.0888 0.0669 0.0275  -0.0160 0.0029  29   PHE A CE1 
228 C CE2 . PHE A 29 ? 0.0672 0.1067 0.0618 0.0183  -0.0122 -0.0056 29   PHE A CE2 
229 C CZ  . PHE A 29 ? 0.1029 0.1253 0.0873 0.0321  -0.0171 -0.0035 29   PHE A CZ  
230 N N   . THR A 30 ? 0.0572 0.0278 0.0273 -0.0067 -0.0037 -0.0036 30   THR A N   
231 C CA  . THR A 30 ? 0.0719 0.0366 0.0423 -0.0013 -0.0041 -0.0068 30   THR A CA  
232 C C   . THR A 30 ? 0.0729 0.0394 0.0464 0.0044  -0.0047 -0.0060 30   THR A C   
233 O O   . THR A 30 ? 0.0778 0.0465 0.0532 0.0124  -0.0068 -0.0112 30   THR A O   
234 C CB  . THR A 30 ? 0.0999 0.0502 0.0635 -0.0035 -0.0063 -0.0071 30   THR A CB  
235 O OG1 . THR A 30 ? 0.1141 0.0604 0.0735 -0.0100 -0.0060 -0.0019 30   THR A OG1 
236 C CG2 . THR A 30 ? 0.1228 0.0737 0.0843 -0.0098 -0.0066 -0.0115 30   THR A CG2 
237 N N   . ASP A 31 ? 0.0608 0.0297 0.0353 0.0019  -0.0040 -0.0019 31   ASP A N   
238 C CA  . ASP A 31 ? 0.0499 0.0214 0.0256 0.0059  -0.0057 -0.0031 31   ASP A CA  
239 C C   . ASP A 31 ? 0.0562 0.0308 0.0326 0.0010  -0.0030 -0.0005 31   ASP A C   
240 O O   . ASP A 31 ? 0.0541 0.0303 0.0316 -0.0007 -0.0011 0.0012  31   ASP A O   
241 C CB  . ASP A 31 ? 0.0658 0.0287 0.0343 0.0102  -0.0103 -0.0013 31   ASP A CB  
242 C CG  . ASP A 31 ? 0.0840 0.0537 0.0534 0.0179  -0.0156 -0.0040 31   ASP A CG  
243 O OD1 . ASP A 31 ? 0.0772 0.0685 0.0594 0.0220  -0.0166 -0.0117 31   ASP A OD1 
244 O OD2 . ASP A 31 ? 0.0923 0.0569 0.0547 0.0164  -0.0164 -0.0008 31   ASP A OD2 
245 N N   . GLY A 32 ? 0.0445 0.0256 0.0232 0.0006  -0.0039 -0.0035 32   GLY A N   
246 C CA  . GLY A 32 ? 0.0527 0.0290 0.0269 -0.0023 -0.0028 -0.0035 32   GLY A CA  
247 C C   . GLY A 32 ? 0.0444 0.0274 0.0171 -0.0012 -0.0069 -0.0072 32   GLY A C   
248 O O   . GLY A 32 ? 0.0577 0.0551 0.0374 0.0008  -0.0110 -0.0115 32   GLY A O   
249 N N   . HIS A 33 ? 0.0499 0.0291 0.0166 -0.0007 -0.0062 -0.0068 33   HIS A N   
250 C CA  . HIS A 33 ? 0.0580 0.0445 0.0213 -0.0006 -0.0099 -0.0104 33   HIS A CA  
251 C C   . HIS A 33 ? 0.0715 0.0538 0.0312 -0.0031 -0.0071 -0.0153 33   HIS A C   
252 O O   . HIS A 33 ? 0.0682 0.0412 0.0269 -0.0013 -0.0030 -0.0144 33   HIS A O   
253 C CB  . HIS A 33 ? 0.0663 0.0503 0.0211 0.0040  -0.0123 -0.0042 33   HIS A CB  
254 C CG  . HIS A 33 ? 0.0694 0.0496 0.0183 0.0015  -0.0061 -0.0010 33   HIS A CG  
255 N ND1 . HIS A 33 ? 0.0633 0.0413 0.0161 -0.0006 -0.0018 0.0021  33   HIS A ND1 
256 C CD2 . HIS A 33 ? 0.0797 0.0651 0.0202 0.0001  -0.0032 -0.0029 33   HIS A CD2 
257 C CE1 . HIS A 33 ? 0.0691 0.0548 0.0179 -0.0032 0.0036  0.0019  33   HIS A CE1 
258 N NE2 . HIS A 33 ? 0.0868 0.0767 0.0278 -0.0019 0.0034  -0.0011 33   HIS A NE2 
259 N N   . CYS A 34 ? 0.0637 0.0377 0.0448 -0.0056 0.0043  0.0005  34   CYS A N   
260 C CA  . CYS A 34 ? 0.0527 0.0390 0.0371 -0.0078 0.0011  0.0007  34   CYS A CA  
261 C C   . CYS A 34 ? 0.0783 0.0477 0.0434 -0.0051 0.0077  0.0074  34   CYS A C   
262 O O   . CYS A 34 ? 0.1071 0.0557 0.0506 0.0059  0.0116  0.0143  34   CYS A O   
263 C CB  . CYS A 34 ? 0.0558 0.0613 0.0450 0.0002  -0.0091 -0.0058 34   CYS A CB  
264 S SG  . CYS A 34 ? 0.0620 0.0937 0.0756 -0.0062 -0.0130 -0.0129 34   CYS A SG  
265 N N   . SER A 35 ? 0.0771 0.0554 0.0467 -0.0119 0.0104  0.0070  35   SER A N   
266 C CA  . SER A 35 ? 0.0945 0.0662 0.0462 -0.0077 0.0167  0.0128  35   SER A CA  
267 C C   . SER A 35 ? 0.0961 0.0765 0.0371 0.0075  0.0070  0.0086  35   SER A C   
268 O O   . SER A 35 ? 0.1144 0.1083 0.0682 0.0085  -0.0035 -0.0017 35   SER A O   
269 C CB  . SER A 35 ? 0.1250 0.1142 0.0915 -0.0148 0.0202  0.0105  35   SER A CB  
270 O OG  . SER A 35 ? 0.0842 0.0847 0.0532 -0.0126 0.0159  0.0050  35   SER A OG  
271 N N   . LYS A 36 ? 0.1892 0.1664 0.1113 0.0172  0.0110  0.0144  36   LYS A N   
272 C CA  . LYS A 36 ? 0.1989 0.1910 0.1142 0.0328  0.0010  0.0072  36   LYS A CA  
273 C C   . LYS A 36 ? 0.1406 0.1481 0.0625 0.0315  -0.0038 -0.0046 36   LYS A C   
274 O O   . LYS A 36 ? 0.1548 0.1775 0.0842 0.0360  -0.0137 -0.0182 36   LYS A O   
275 C CB  . LYS A 36 ? 0.2615 0.2448 0.1573 0.0471  0.0074  0.0179  36   LYS A CB  
276 C CG  . LYS A 36 ? 0.3198 0.2861 0.2059 0.0575  0.0097  0.0248  36   LYS A CG  
277 C CD  . LYS A 36 ? 0.4006 0.3612 0.2636 0.0796  0.0148  0.0328  36   LYS A CD  
278 C CE  . LYS A 36 ? 0.5570 0.4948 0.4071 0.0724  0.0307  0.0467  36   LYS A CE  
279 N NZ  . LYS A 36 ? 0.5838 0.4839 0.4281 0.0629  0.0445  0.0562  36   LYS A NZ  
280 N N   . ILE A 37 ? 0.1289 0.1343 0.0516 0.0247  0.0041  -0.0015 37   ILE A N   
281 C CA  . ILE A 37 ? 0.1227 0.1379 0.0465 0.0295  0.0011  -0.0115 37   ILE A CA  
282 C C   . ILE A 37 ? 0.1071 0.1182 0.0435 0.0233  -0.0007 -0.0212 37   ILE A C   
283 O O   . ILE A 37 ? 0.1341 0.1418 0.0769 0.0229  -0.0078 -0.0352 37   ILE A O   
284 C CB  . ILE A 37 ? 0.1316 0.1518 0.0457 0.0326  0.0105  -0.0029 37   ILE A CB  
285 C CG1 . ILE A 37 ? 0.1567 0.1742 0.0541 0.0416  0.0137  0.0072  37   ILE A CG1 
286 C CG2 . ILE A 37 ? 0.1383 0.1690 0.0528 0.0406  0.0070  -0.0137 37   ILE A CG2 
287 C CD1 . ILE A 37 ? 0.1740 0.2039 0.0663 0.0585  0.0020  -0.0024 37   ILE A CD1 
288 N N   . LEU A 38 ? 0.0917 0.1027 0.0339 0.0174  0.0070  -0.0140 38   LEU A N   
289 C CA  . LEU A 38 ? 0.0924 0.0964 0.0469 0.0156  0.0066  -0.0183 38   LEU A CA  
290 C C   . LEU A 38 ? 0.0859 0.0795 0.0555 0.0047  0.0027  -0.0182 38   LEU A C   
291 O O   . LEU A 38 ? 0.0958 0.0764 0.0735 0.0025  0.0040  -0.0196 38   LEU A O   
292 C CB  . LEU A 38 ? 0.0941 0.1141 0.0527 0.0171  0.0150  -0.0108 38   LEU A CB  
293 C CG  . LEU A 38 ? 0.1164 0.1487 0.0713 0.0257  0.0170  -0.0115 38   LEU A CG  
294 C CD1 . LEU A 38 ? 0.1305 0.1859 0.0978 0.0210  0.0213  -0.0062 38   LEU A CD1 
295 C CD2 . LEU A 38 ? 0.1460 0.1638 0.0929 0.0407  0.0140  -0.0206 38   LEU A CD2 
296 N N   . ARG A 39 ? 0.0698 0.0678 0.0407 0.0002  -0.0002 -0.0151 39   ARG A N   
297 C CA  . ARG A 39 ? 0.0740 0.0713 0.0589 -0.0076 -0.0044 -0.0170 39   ARG A CA  
298 C C   . ARG A 39 ? 0.0586 0.0541 0.0556 -0.0138 0.0011  -0.0097 39   ARG A C   
299 O O   . ARG A 39 ? 0.0658 0.0551 0.0725 -0.0188 0.0022  -0.0110 39   ARG A O   
300 C CB  . ARG A 39 ? 0.0842 0.0829 0.0759 -0.0105 -0.0114 -0.0327 39   ARG A CB  
301 C CG  . ARG A 39 ? 0.1300 0.1407 0.1079 0.0006  -0.0172 -0.0385 39   ARG A CG  
302 C CD  . ARG A 39 ? 0.2283 0.2536 0.2177 -0.0021 -0.0226 -0.0491 39   ARG A CD  
303 N NE  . ARG A 39 ? 0.2358 0.2492 0.2317 -0.0110 -0.0210 -0.0599 39   ARG A NE  
304 C CZ  . ARG A 39 ? 0.2334 0.2590 0.2402 -0.0173 -0.0241 -0.0738 39   ARG A CZ  
305 N NH1 . ARG A 39 ? 0.2046 0.2616 0.2185 -0.0124 -0.0293 -0.0790 39   ARG A NH1 
306 N NH2 . ARG A 39 ? 0.2537 0.2600 0.2633 -0.0271 -0.0212 -0.0839 39   ARG A NH2 
307 N N   . ARG A 40 ? 0.0677 0.0347 0.0354 0.0127  0.0071  -0.0065 40   ARG A N   
308 C CA  . ARG A 40 ? 0.0691 0.0412 0.0465 0.0151  0.0078  -0.0036 40   ARG A CA  
309 C C   . ARG A 40 ? 0.0514 0.0241 0.0286 0.0155  0.0029  -0.0023 40   ARG A C   
310 O O   . ARG A 40 ? 0.0744 0.0442 0.0471 0.0147  -0.0015 -0.0021 40   ARG A O   
311 C CB  . ARG A 40 ? 0.0983 0.0719 0.0791 0.0145  0.0115  -0.0018 40   ARG A CB  
312 C CG  . ARG A 40 ? 0.0731 0.0466 0.0603 0.0132  0.0187  -0.0056 40   ARG A CG  
313 C CD  . ARG A 40 ? 0.1063 0.0826 0.1057 0.0128  0.0229  -0.0056 40   ARG A CD  
314 N NE  . ARG A 40 ? 0.0873 0.0607 0.0766 0.0090  0.0256  -0.0065 40   ARG A NE  
315 C CZ  . ARG A 40 ? 0.1011 0.0772 0.0986 0.0089  0.0268  -0.0056 40   ARG A CZ  
316 N NH1 . ARG A 40 ? 0.1311 0.1130 0.1472 0.0124  0.0231  -0.0028 40   ARG A NH1 
317 N NH2 . ARG A 40 ? 0.1320 0.1038 0.1183 0.0041  0.0308  -0.0071 40   ARG A NH2 
318 N N   . CYS A 41 ? 0.0474 0.0222 0.0293 0.0155  0.0036  -0.0017 41   CYS A N   
319 C CA  . CYS A 41 ? 0.0468 0.0222 0.0296 0.0140  0.0020  -0.0021 41   CYS A CA  
320 C C   . CYS A 41 ? 0.0453 0.0223 0.0257 0.0132  0.0015  0.0019  41   CYS A C   
321 O O   . CYS A 41 ? 0.0624 0.0402 0.0430 0.0124  0.0018  0.0051  41   CYS A O   
322 C CB  . CYS A 41 ? 0.0628 0.0373 0.0468 0.0111  0.0050  -0.0045 41   CYS A CB  
323 S SG  . CYS A 41 ? 0.0556 0.0298 0.0400 0.0060  0.0070  -0.0076 41   CYS A SG  
324 N N   . LEU A 42 ? 0.0463 0.0229 0.0256 0.0133  -0.0006 0.0021  42   LEU A N   
325 C CA  . LEU A 42 ? 0.0504 0.0285 0.0285 0.0124  -0.0005 0.0050  42   LEU A CA  
326 C C   . LEU A 42 ? 0.0464 0.0254 0.0269 0.0103  -0.0012 0.0036  42   LEU A C   
327 O O   . LEU A 42 ? 0.0586 0.0362 0.0436 0.0105  -0.0030 0.0007  42   LEU A O   
328 C CB  . LEU A 42 ? 0.0664 0.0414 0.0396 0.0123  -0.0007 0.0062  42   LEU A CB  
329 C CG  . LEU A 42 ? 0.0552 0.0279 0.0247 0.0119  0.0029  0.0053  42   LEU A CG  
330 C CD1 . LEU A 42 ? 0.1177 0.0835 0.0758 0.0083  0.0043  0.0056  42   LEU A CD1 
331 C CD2 . LEU A 42 ? 0.0803 0.0577 0.0593 0.0128  0.0067  0.0055  42   LEU A CD2 
332 N N   . CYS A 43 ? 0.0491 0.0301 0.0279 0.0075  -0.0004 0.0051  43   CYS A N   
333 C CA  . CYS A 43 ? 0.0466 0.0280 0.0255 0.0034  0.0007  0.0026  43   CYS A CA  
334 C C   . CYS A 43 ? 0.0599 0.0429 0.0407 0.0040  -0.0003 0.0042  43   CYS A C   
335 O O   . CYS A 43 ? 0.0717 0.0558 0.0521 0.0059  -0.0013 0.0078  43   CYS A O   
336 C CB  . CYS A 43 ? 0.0715 0.0510 0.0419 -0.0025 0.0009  0.0040  43   CYS A CB  
337 S SG  . CYS A 43 ? 0.0725 0.0469 0.0366 -0.0051 0.0023  0.0035  43   CYS A SG  
338 N N   . THR A 44 ? 0.0490 0.0320 0.0342 0.0018  0.0010  0.0006  44   THR A N   
339 C CA  . THR A 44 ? 0.0488 0.0328 0.0362 0.0016  0.0006  0.0019  44   THR A CA  
340 C C   . THR A 44 ? 0.0647 0.0503 0.0528 -0.0042 0.0036  -0.0020 44   THR A C   
341 O O   . THR A 44 ? 0.0634 0.0478 0.0532 -0.0086 0.0075  -0.0080 44   THR A O   
342 C CB  . THR A 44 ? 0.0529 0.0329 0.0462 0.0045  -0.0021 0.0019  44   THR A CB  
343 O OG1 . THR A 44 ? 0.0680 0.0467 0.0725 0.0044  -0.0026 -0.0034 44   THR A OG1 
344 C CG2 . THR A 44 ? 0.0878 0.0639 0.0739 0.0074  -0.0047 0.0061  44   THR A CG2 
345 N N   . LYS A 45 ? 0.0499 0.0377 0.0369 -0.0055 0.0030  0.0000  45   LYS A N   
346 C CA  . LYS A 45 ? 0.0519 0.0408 0.0394 -0.0118 0.0061  -0.0043 45   LYS A CA  
347 C C   . LYS A 45 ? 0.0558 0.0469 0.0470 -0.0104 0.0051  -0.0019 45   LYS A C   
348 O O   . LYS A 45 ? 0.0641 0.0557 0.0553 -0.0062 0.0028  0.0028  45   LYS A O   
349 C CB  . LYS A 45 ? 0.0675 0.0550 0.0417 -0.0195 0.0056  -0.0044 45   LYS A CB  
350 C CG  . LYS A 45 ? 0.0855 0.0744 0.0548 -0.0186 -0.0017 0.0027  45   LYS A CG  
351 C CD  . LYS A 45 ? 0.1538 0.1375 0.1071 -0.0277 -0.0057 0.0042  45   LYS A CD  
352 C CE  . LYS A 45 ? 0.2572 0.2413 0.2113 -0.0264 -0.0165 0.0120  45   LYS A CE  
353 N NZ  . LYS A 45 ? 0.2701 0.2463 0.2111 -0.0349 -0.0217 0.0143  45   LYS A NZ  
354 N N   . PRO A 46 ? 0.0655 0.0575 0.0610 -0.0148 0.0083  -0.0063 46   PRO A N   
355 C CA  . PRO A 46 ? 0.0602 0.0542 0.0597 -0.0142 0.0082  -0.0048 46   PRO A CA  
356 C C   . PRO A 46 ? 0.0619 0.0593 0.0567 -0.0149 0.0043  -0.0007 46   PRO A C   
357 O O   . PRO A 46 ? 0.0803 0.0781 0.0673 -0.0191 0.0007  0.0000  46   PRO A O   
358 C CB  . PRO A 46 ? 0.0958 0.0905 0.1003 -0.0207 0.0130  -0.0118 46   PRO A CB  
359 C CG  . PRO A 46 ? 0.0963 0.0882 0.1072 -0.0219 0.0168  -0.0178 46   PRO A CG  
360 C CD  . PRO A 46 ? 0.0727 0.0636 0.0722 -0.0211 0.0142  -0.0148 46   PRO A CD  
361 N N   . CYS A 47 ? 0.0557 0.0543 0.0562 -0.0117 0.0045  0.0016  47   CYS A N   
362 C CA  . CYS A 47 ? 0.0566 0.0595 0.0614 -0.0118 0.0012  0.0037  47   CYS A CA  
363 C C   . CYS A 47 ? 0.0848 0.0894 0.0983 -0.0121 0.0048  0.0022  47   CYS A C   
364 O O   . CYS A 47 ? 0.0788 0.0799 0.0918 -0.0123 0.0093  0.0008  47   CYS A O   
365 C CB  . CYS A 47 ? 0.0593 0.0618 0.0665 -0.0074 -0.0001 0.0068  47   CYS A CB  
366 S SG  . CYS A 47 ? 0.1011 0.0981 0.1073 -0.0039 0.0067  0.0069  47   CYS A SG  
367 O OXT . CYS A 47 ? 0.0620 0.0710 0.0849 -0.0124 0.0028  0.0023  47   CYS A OXT 
368 N N   . ARG B 1  ? 0.1568 0.3029 0.4349 0.0117  -0.1065 -0.0443 1    ARG B N   
369 C CA  . ARG B 1  ? 0.1488 0.2782 0.4026 0.0072  -0.1030 -0.0383 1    ARG B CA  
370 C C   . ARG B 1  ? 0.1324 0.2525 0.3707 0.0092  -0.0901 -0.0335 1    ARG B C   
371 O O   . ARG B 1  ? 0.1244 0.2551 0.3721 0.0095  -0.0796 -0.0346 1    ARG B O   
372 C CB  . ARG B 1  ? 0.2264 0.3652 0.4877 -0.0025 -0.0998 -0.0392 1    ARG B CB  
373 C CG  . ARG B 1  ? 0.4008 0.5246 0.6401 -0.0071 -0.0960 -0.0352 1    ARG B CG  
374 C CD  . ARG B 1  ? 0.3440 0.4646 0.5812 -0.0126 -0.1072 -0.0380 1    ARG B CD  
375 N NE  . ARG B 1  ? 0.4917 0.6152 0.7365 -0.0093 -0.1222 -0.0416 1    ARG B NE  
376 C CZ  . ARG B 1  ? 0.4352 0.5507 0.6717 -0.0015 -0.1297 -0.0402 1    ARG B CZ  
377 N NH1 . ARG B 1  ? 0.5380 0.6428 0.7582 0.0032  -0.1235 -0.0351 1    ARG B NH1 
378 N NH2 . ARG B 1  ? 0.3694 0.4866 0.6134 0.0012  -0.1441 -0.0435 1    ARG B NH2 
379 N N   . GLU B 2  ? 0.1293 0.2310 0.3434 0.0104  -0.0913 -0.0283 2    GLU B N   
380 C CA  . GLU B 2  ? 0.1142 0.2061 0.3119 0.0115  -0.0795 -0.0234 2    GLU B CA  
381 C C   . GLU B 2  ? 0.1421 0.2322 0.3310 0.0052  -0.0713 -0.0214 2    GLU B C   
382 O O   . GLU B 2  ? 0.1305 0.2186 0.3149 0.0013  -0.0779 -0.0222 2    GLU B O   
383 C CB  . GLU B 2  ? 0.1864 0.2615 0.3633 0.0152  -0.0852 -0.0183 2    GLU B CB  
384 C CG  . GLU B 2  ? 0.3514 0.4173 0.5136 0.0164  -0.0740 -0.0135 2    GLU B CG  
385 C CD  . GLU B 2  ? 0.4225 0.4748 0.5697 0.0192  -0.0806 -0.0085 2    GLU B CD  
386 O OE1 . GLU B 2  ? 0.3205 0.3655 0.4489 0.0173  -0.0833 -0.0031 2    GLU B OE1 
387 O OE2 . GLU B 2  ? 0.3178 0.3676 0.4723 0.0230  -0.0833 -0.0101 2    GLU B OE2 
388 N N   . CYS B 3  ? 0.0909 0.1811 0.2775 0.0042  -0.0580 -0.0195 3    CYS B N   
389 C CA  . CYS B 3  ? 0.0823 0.1681 0.2605 -0.0012 -0.0498 -0.0175 3    CYS B CA  
390 C C   . CYS B 3  ? 0.0749 0.1456 0.2301 0.0019  -0.0443 -0.0126 3    CYS B C   
391 O O   . CYS B 3  ? 0.0674 0.1340 0.2176 0.0059  -0.0401 -0.0104 3    CYS B O   
392 C CB  . CYS B 3  ? 0.0784 0.1756 0.2700 -0.0053 -0.0389 -0.0181 3    CYS B CB  
393 S SG  . CYS B 3  ? 0.1498 0.2664 0.3665 -0.0139 -0.0440 -0.0221 3    CYS B SG  
394 N N   . LYS B 4  ? 0.0909 0.1541 0.2318 -0.0006 -0.0454 -0.0114 4    LYS B N   
395 C CA  . LYS B 4  ? 0.0749 0.1272 0.1939 0.0020  -0.0416 -0.0070 4    LYS B CA  
396 C C   . LYS B 4  ? 0.0881 0.1357 0.1995 -0.0015 -0.0349 -0.0074 4    LYS B C   
397 O O   . LYS B 4  ? 0.1139 0.1619 0.2305 -0.0057 -0.0412 -0.0118 4    LYS B O   
398 C CB  . LYS B 4  ? 0.0816 0.1317 0.1872 0.0042  -0.0530 -0.0055 4    LYS B CB  
399 C CG  . LYS B 4  ? 0.1139 0.1571 0.1965 0.0065  -0.0495 -0.0004 4    LYS B CG  
400 C CD  . LYS B 4  ? 0.1661 0.2083 0.2351 0.0084  -0.0599 0.0028  4    LYS B CD  
401 C CE  . LYS B 4  ? 0.2215 0.2675 0.2842 0.0059  -0.0695 -0.0012 4    LYS B CE  
402 N NZ  . LYS B 4  ? 0.3392 0.3849 0.3843 0.0073  -0.0784 0.0027  4    LYS B NZ  
403 N N   . THR B 5  ? 0.0430 0.0830 0.1446 0.0001  -0.0241 -0.0040 5    THR B N   
404 C CA  . THR B 5  ? 0.0600 0.0932 0.1548 -0.0024 -0.0169 -0.0043 5    THR B CA  
405 C C   . THR B 5  ? 0.0299 0.0541 0.1056 0.0011  -0.0101 0.0002  5    THR B C   
406 O O   . THR B 5  ? 0.0386 0.0585 0.1097 0.0026  -0.0064 0.0041  5    THR B O   
407 C CB  . THR B 5  ? 0.0827 0.1148 0.1889 -0.0051 -0.0084 -0.0042 5    THR B CB  
408 O OG1 . THR B 5  ? 0.1442 0.1885 0.2697 -0.0095 -0.0140 -0.0074 5    THR B OG1 
409 C CG2 . THR B 5  ? 0.1320 0.1551 0.2315 -0.0070 -0.0025 -0.0043 5    THR B CG2 
410 N N   . GLU B 6  ? 0.0264 0.0471 0.0933 0.0014  -0.0095 -0.0009 6    GLU B N   
411 C CA  . GLU B 6  ? 0.0239 0.0378 0.0694 0.0041  -0.0014 0.0034  6    GLU B CA  
412 C C   . GLU B 6  ? 0.0242 0.0236 0.0647 0.0011  0.0070  0.0073  6    GLU B C   
413 O O   . GLU B 6  ? 0.0426 0.0398 0.0883 0.0008  0.0090  0.0043  6    GLU B O   
414 C CB  . GLU B 6  ? 0.0316 0.0430 0.0709 0.0079  -0.0007 0.0001  6    GLU B CB  
415 C CG  . GLU B 6  ? 0.0533 0.0570 0.0642 0.0082  0.0065  0.0046  6    GLU B CG  
416 C CD  . GLU B 6  ? 0.0949 0.0926 0.0877 0.0114  0.0068  0.0014  6    GLU B CD  
417 O OE1 . GLU B 6  ? 0.1189 0.1099 0.1081 0.0147  0.0049  -0.0096 6    GLU B OE1 
418 O OE2 . GLU B 6  ? 0.0953 0.0917 0.0859 0.0105  0.0042  0.0047  6    GLU B OE2 
419 N N   . SER B 7  ? 0.0450 0.0291 0.0468 0.0035  -0.0111 0.0111  7    SER B N   
420 C CA  . SER B 7  ? 0.0375 0.0188 0.0442 0.0072  -0.0056 0.0103  7    SER B CA  
421 C C   . SER B 7  ? 0.0541 0.0297 0.0565 0.0090  -0.0046 0.0058  7    SER B C   
422 O O   . SER B 7  ? 0.0645 0.0385 0.0625 0.0109  -0.0034 0.0023  7    SER B O   
423 C CB  . SER B 7  ? 0.0537 0.0377 0.0590 0.0082  -0.0022 0.0102  7    SER B CB  
424 O OG  . SER B 7  ? 0.0530 0.0338 0.0556 0.0076  -0.0006 0.0079  7    SER B OG  
425 N N   . ASN B 8  ? 0.0406 0.0153 0.0432 0.0084  -0.0025 0.0065  8    ASN B N   
426 C CA  . ASN B 8  ? 0.0447 0.0164 0.0465 0.0100  -0.0019 0.0062  8    ASN B CA  
427 C C   . ASN B 8  ? 0.0439 0.0185 0.0445 0.0108  -0.0030 0.0085  8    ASN B C   
428 O O   . ASN B 8  ? 0.0658 0.0406 0.0705 0.0131  -0.0044 0.0103  8    ASN B O   
429 C CB  . ASN B 8  ? 0.0547 0.0224 0.0574 0.0081  -0.0023 0.0079  8    ASN B CB  
430 C CG  . ASN B 8  ? 0.0567 0.0203 0.0648 0.0052  -0.0044 0.0063  8    ASN B CG  
431 O OD1 . ASN B 8  ? 0.0803 0.0364 0.0865 0.0050  -0.0056 0.0014  8    ASN B OD1 
432 N ND2 . ASN B 8  ? 0.0821 0.0489 0.0971 0.0019  -0.0053 0.0099  8    ASN B ND2 
433 N N   . THR B 9  ? 0.0443 0.0200 0.0428 0.0086  -0.0024 0.0100  9    THR B N   
434 C CA  . THR B 9  ? 0.0637 0.0381 0.0576 0.0060  -0.0070 0.0137  9    THR B CA  
435 C C   . THR B 9  ? 0.0627 0.0413 0.0591 0.0046  -0.0090 0.0135  9    THR B C   
436 O O   . THR B 9  ? 0.0691 0.0505 0.0635 -0.0003 -0.0146 0.0167  9    THR B O   
437 C CB  . THR B 9  ? 0.0783 0.0419 0.0555 0.0006  -0.0052 0.0140  9    THR B CB  
438 O OG1 . THR B 9  ? 0.0997 0.0581 0.0737 -0.0002 0.0018  0.0090  9    THR B OG1 
439 C CG2 . THR B 9  ? 0.0976 0.0595 0.0763 0.0017  -0.0017 0.0161  9    THR B CG2 
440 N N   . PHE B 10 ? 0.0587 0.0395 0.0594 0.0071  -0.0051 0.0108  10   PHE B N   
441 C CA  . PHE B 10 ? 0.0505 0.0365 0.0552 0.0054  -0.0050 0.0118  10   PHE B CA  
442 C C   . PHE B 10 ? 0.0475 0.0442 0.0645 0.0074  -0.0069 0.0162  10   PHE B C   
443 O O   . PHE B 10 ? 0.0575 0.0564 0.0799 0.0133  -0.0028 0.0156  10   PHE B O   
444 C CB  . PHE B 10 ? 0.0508 0.0384 0.0573 0.0077  -0.0009 0.0113  10   PHE B CB  
445 C CG  . PHE B 10 ? 0.0335 0.0269 0.0454 0.0063  0.0004  0.0143  10   PHE B CG  
446 C CD1 . PHE B 10 ? 0.0407 0.0287 0.0534 0.0021  0.0009  0.0151  10   PHE B CD1 
447 C CD2 . PHE B 10 ? 0.0381 0.0399 0.0535 0.0092  0.0035  0.0163  10   PHE B CD2 
448 C CE1 . PHE B 10 ? 0.0421 0.0345 0.0620 -0.0002 0.0020  0.0194  10   PHE B CE1 
449 C CE2 . PHE B 10 ? 0.0691 0.0770 0.0906 0.0074  0.0062  0.0211  10   PHE B CE2 
450 C CZ  . PHE B 10 ? 0.0560 0.0603 0.0812 0.0025  0.0044  0.0235  10   PHE B CZ  
451 N N   . PRO B 11 ? 0.0546 0.0571 0.0776 0.0020  -0.0122 0.0208  11   PRO B N   
452 C CA  . PRO B 11 ? 0.0403 0.0572 0.0840 0.0043  -0.0134 0.0286  11   PRO B CA  
453 C C   . PRO B 11 ? 0.0554 0.0805 0.1104 0.0078  -0.0050 0.0302  11   PRO B C   
454 O O   . PRO B 11 ? 0.0592 0.0825 0.1096 0.0033  -0.0043 0.0292  11   PRO B O   
455 C CB  . PRO B 11 ? 0.0688 0.0901 0.1149 -0.0064 -0.0252 0.0347  11   PRO B CB  
456 C CG  . PRO B 11 ? 0.2249 0.2296 0.2448 -0.0141 -0.0286 0.0275  11   PRO B CG  
457 C CD  . PRO B 11 ? 0.0862 0.0806 0.0970 -0.0078 -0.0176 0.0192  11   PRO B CD  
458 N N   . GLY B 12 ? 0.0480 0.0769 0.1114 0.0139  0.0037  0.0308  12   GLY B N   
459 C CA  . GLY B 12 ? 0.0535 0.0891 0.1250 0.0164  0.0133  0.0337  12   GLY B CA  
460 C C   . GLY B 12 ? 0.0423 0.0729 0.0978 0.0194  0.0220  0.0281  12   GLY B C   
461 O O   . GLY B 12 ? 0.0745 0.0943 0.1128 0.0208  0.0218  0.0208  12   GLY B O   
462 N N   . ILE B 13 ? 0.0611 0.0978 0.1192 0.0178  0.0276  0.0325  13   ILE B N   
463 C CA  . ILE B 13 ? 0.0783 0.1114 0.1175 0.0179  0.0355  0.0304  13   ILE B CA  
464 C C   . ILE B 13 ? 0.0625 0.0933 0.0958 0.0113  0.0269  0.0332  13   ILE B C   
465 O O   . ILE B 13 ? 0.0566 0.0901 0.1039 0.0064  0.0204  0.0375  13   ILE B O   
466 C CB  . ILE B 13 ? 0.1213 0.1592 0.1653 0.0193  0.0454  0.0341  13   ILE B CB  
467 C CG1 . ILE B 13 ? 0.1603 0.1931 0.1787 0.0174  0.0525  0.0316  13   ILE B CG1 
468 C CG2 . ILE B 13 ? 0.1377 0.1858 0.2031 0.0151  0.0402  0.0436  13   ILE B CG2 
469 C CD1 . ILE B 13 ? 0.1993 0.2345 0.2176 0.0196  0.0660  0.0323  13   ILE B CD1 
470 N N   . CYS B 14 ? 0.0454 0.0419 0.0782 0.0038  0.0160  0.0202  14   CYS B N   
471 C CA  . CYS B 14 ? 0.0353 0.0361 0.0633 0.0018  0.0096  0.0167  14   CYS B CA  
472 C C   . CYS B 14 ? 0.0350 0.0361 0.0566 0.0021  0.0061  0.0158  14   CYS B C   
473 O O   . CYS B 14 ? 0.0558 0.0548 0.0733 0.0027  0.0072  0.0123  14   CYS B O   
474 C CB  . CYS B 14 ? 0.0361 0.0399 0.0681 -0.0011 0.0119  0.0075  14   CYS B CB  
475 S SG  . CYS B 14 ? 0.0529 0.0630 0.0831 0.0000  0.0062  0.0045  14   CYS B SG  
476 N N   . ILE B 15 ? 0.0349 0.0362 0.0535 0.0013  0.0046  0.0180  15   ILE B N   
477 C CA  . ILE B 15 ? 0.0428 0.0364 0.0536 -0.0001 0.0083  0.0168  15   ILE B CA  
478 C C   . ILE B 15 ? 0.0632 0.0480 0.0613 0.0027  0.0087  0.0173  15   ILE B C   
479 O O   . ILE B 15 ? 0.1108 0.0850 0.0942 0.0093  0.0108  0.0182  15   ILE B O   
480 C CB  . ILE B 15 ? 0.0419 0.0430 0.0626 -0.0055 0.0113  0.0141  15   ILE B CB  
481 C CG1 . ILE B 15 ? 0.0509 0.0628 0.0851 -0.0034 0.0104  0.0148  15   ILE B CG1 
482 C CG2 . ILE B 15 ? 0.0561 0.0430 0.0694 -0.0103 0.0221  0.0100  15   ILE B CG2 
483 C CD1 . ILE B 15 ? 0.0553 0.0855 0.1053 -0.0063 0.0111  0.0086  15   ILE B CD1 
484 N N   . THR B 16 ? 0.0591 0.0481 0.0604 -0.0002 0.0072  0.0170  16   THR B N   
485 C CA  . THR B 16 ? 0.0706 0.0511 0.0621 0.0031  0.0091  0.0175  16   THR B CA  
486 C C   . THR B 16 ? 0.0510 0.0411 0.0492 0.0052  0.0033  0.0167  16   THR B C   
487 O O   . THR B 16 ? 0.0478 0.0456 0.0546 0.0017  0.0012  0.0166  16   THR B O   
488 C CB  . THR B 16 ? 0.0734 0.0470 0.0626 -0.0046 0.0170  0.0145  16   THR B CB  
489 O OG1 . THR B 16 ? 0.0709 0.0606 0.0702 -0.0106 0.0117  0.0117  16   THR B OG1 
490 C CG2 . THR B 16 ? 0.1109 0.0749 0.0983 -0.0103 0.0279  0.0108  16   THR B CG2 
491 N N   . LYS B 17 ? 0.0656 0.0528 0.0585 0.0121  0.0033  0.0162  17   LYS B N   
492 C CA  . LYS B 17 ? 0.0477 0.0462 0.0507 0.0136  0.0003  0.0119  17   LYS B CA  
493 C C   . LYS B 17 ? 0.0521 0.0480 0.0584 0.0058  0.0038  0.0120  17   LYS B C   
494 O O   . LYS B 17 ? 0.0429 0.0439 0.0580 0.0025  0.0050  0.0087  17   LYS B O   
495 C CB  . LYS B 17 ? 0.0809 0.0826 0.0791 0.0270  -0.0019 0.0101  17   LYS B CB  
496 C CG  . LYS B 17 ? 0.0694 0.0867 0.0835 0.0280  -0.0034 0.0022  17   LYS B CG  
497 C CD  . LYS B 17 ? 0.0838 0.1133 0.0955 0.0453  -0.0088 -0.0013 17   LYS B CD  
498 C CE  . LYS B 17 ? 0.0881 0.1366 0.1019 0.0475  -0.0169 -0.0098 17   LYS B CE  
499 N NZ  . LYS B 17 ? 0.1512 0.2127 0.1593 0.0610  -0.0221 -0.0148 17   LYS B NZ  
500 N N   . PRO B 18 ? 0.0653 0.0510 0.0629 0.0022  0.0084  0.0139  18   PRO B N   
501 C CA  . PRO B 18 ? 0.0647 0.0489 0.0617 -0.0038 0.0114  0.0123  18   PRO B CA  
502 C C   . PRO B 18 ? 0.0644 0.0530 0.0618 -0.0072 0.0096  0.0137  18   PRO B C   
503 O O   . PRO B 18 ? 0.0821 0.0666 0.0794 -0.0084 0.0141  0.0126  18   PRO B O   
504 C CB  . PRO B 18 ? 0.1060 0.0814 0.0939 -0.0097 0.0173  0.0107  18   PRO B CB  
505 C CG  . PRO B 18 ? 0.1207 0.0839 0.1027 -0.0029 0.0226  0.0128  18   PRO B CG  
506 C CD  . PRO B 18 ? 0.0860 0.0577 0.0723 0.0031  0.0149  0.0153  18   PRO B CD  
507 N N   . PRO B 19 ? 0.0521 0.0463 0.0483 -0.0069 0.0055  0.0165  19   PRO B N   
508 C CA  . PRO B 19 ? 0.0720 0.0654 0.0624 -0.0042 0.0059  0.0206  19   PRO B CA  
509 C C   . PRO B 19 ? 0.0614 0.0470 0.0580 -0.0026 0.0127  0.0209  19   PRO B C   
510 O O   . PRO B 19 ? 0.0722 0.0457 0.0602 -0.0008 0.0207  0.0240  19   PRO B O   
511 C CB  . PRO B 19 ? 0.1090 0.1141 0.1000 -0.0007 -0.0003 0.0228  19   PRO B CB  
512 C CG  . PRO B 19 ? 0.1565 0.1656 0.1565 -0.0048 -0.0013 0.0185  19   PRO B CG  
513 C CD  . PRO B 19 ? 0.0653 0.0648 0.0636 -0.0080 0.0030  0.0155  19   PRO B CD  
514 N N   . CYS B 20 ? 0.0323 0.0499 0.0586 0.0023  -0.0041 0.0014  20   CYS B N   
515 C CA  . CYS B 20 ? 0.0385 0.0522 0.0587 0.0117  -0.0016 0.0038  20   CYS B CA  
516 C C   . CYS B 20 ? 0.0452 0.0490 0.0492 0.0147  -0.0032 0.0043  20   CYS B C   
517 O O   . CYS B 20 ? 0.0502 0.0537 0.0522 0.0136  -0.0041 0.0042  20   CYS B O   
518 C CB  . CYS B 20 ? 0.0385 0.0457 0.0549 0.0116  0.0085  0.0039  20   CYS B CB  
519 S SG  . CYS B 20 ? 0.0584 0.0590 0.0560 0.0112  0.0092  0.0035  20   CYS B SG  
520 N N   . ARG B 21 ? 0.0404 0.0325 0.0351 0.0150  0.0021  0.0056  21   ARG B N   
521 C CA  . ARG B 21 ? 0.0620 0.0471 0.0492 0.0188  0.0065  0.0085  21   ARG B CA  
522 C C   . ARG B 21 ? 0.0680 0.0413 0.0431 0.0188  0.0047  0.0050  21   ARG B C   
523 O O   . ARG B 21 ? 0.0704 0.0481 0.0467 0.0203  0.0072  0.0066  21   ARG B O   
524 C CB  . ARG B 21 ? 0.0836 0.0525 0.0619 0.0212  0.0183  0.0117  21   ARG B CB  
525 C CG  . ARG B 21 ? 0.0977 0.0593 0.0702 0.0257  0.0289  0.0154  21   ARG B CG  
526 C CD  . ARG B 21 ? 0.1676 0.1215 0.1372 0.0327  0.0440  0.0231  21   ARG B CD  
527 N NE  . ARG B 21 ? 0.1816 0.1101 0.1347 0.0274  0.0524  0.0177  21   ARG B NE  
528 C CZ  . ARG B 21 ? 0.1700 0.0957 0.1239 0.0321  0.0592  0.0220  21   ARG B CZ  
529 N NH1 . ARG B 21 ? 0.2140 0.1616 0.1819 0.0437  0.0573  0.0335  21   ARG B NH1 
530 N NH2 . ARG B 21 ? 0.2004 0.0999 0.1384 0.0229  0.0681  0.0147  21   ARG B NH2 
531 N N   . LYS B 22 ? 0.0701 0.0376 0.0355 0.0079  -0.0012 -0.0013 22   LYS B N   
532 C CA  . LYS B 22 ? 0.0884 0.0451 0.0317 0.0021  -0.0068 -0.0044 22   LYS B CA  
533 C C   . LYS B 22 ? 0.0834 0.0564 0.0363 0.0104  -0.0143 0.0015  22   LYS B C   
534 O O   . LYS B 22 ? 0.0882 0.0482 0.0275 0.0132  -0.0094 0.0023  22   LYS B O   
535 C CB  . LYS B 22 ? 0.1213 0.0808 0.0544 -0.0169 -0.0184 -0.0105 22   LYS B CB  
536 C CG  . LYS B 22 ? 0.2129 0.1703 0.1271 -0.0242 -0.0264 -0.0107 22   LYS B CG  
537 C CD  . LYS B 22 ? 0.2710 0.2458 0.1877 -0.0426 -0.0392 -0.0138 22   LYS B CD  
538 C CE  . LYS B 22 ? 0.4215 0.3970 0.3166 -0.0487 -0.0499 -0.0121 22   LYS B CE  
539 N NZ  . LYS B 22 ? 0.5288 0.5250 0.4252 -0.0688 -0.0652 -0.0138 22   LYS B NZ  
540 N N   . ALA B 23 ? 0.0527 0.0495 0.0323 0.0129  -0.0185 0.0051  23   ALA B N   
541 C CA  . ALA B 23 ? 0.0478 0.0488 0.0365 0.0163  -0.0152 0.0098  23   ALA B CA  
542 C C   . ALA B 23 ? 0.0513 0.0427 0.0354 0.0182  -0.0053 0.0066  23   ALA B C   
543 O O   . ALA B 23 ? 0.0745 0.0581 0.0499 0.0211  -0.0017 0.0078  23   ALA B O   
544 C CB  . ALA B 23 ? 0.0558 0.0658 0.0648 0.0182  -0.0148 0.0120  23   ALA B CB  
545 N N   . CYS B 24 ? 0.0423 0.0378 0.0326 0.0159  -0.0021 0.0048  24   CYS B N   
546 C CA  . CYS B 24 ? 0.0341 0.0316 0.0258 0.0166  0.0025  0.0065  24   CYS B CA  
547 C C   . CYS B 24 ? 0.0540 0.0459 0.0409 0.0200  0.0090  0.0094  24   CYS B C   
548 O O   . CYS B 24 ? 0.0580 0.0480 0.0471 0.0217  0.0161  0.0126  24   CYS B O   
549 C CB  . CYS B 24 ? 0.0536 0.0633 0.0532 0.0148  0.0006  0.0083  24   CYS B CB  
550 S SG  . CYS B 24 ? 0.0471 0.0555 0.0423 0.0115  0.0001  0.0051  24   CYS B SG  
551 N N   . ILE B 25 ? 0.0544 0.0374 0.0326 0.0219  0.0119  0.0093  25   ILE B N   
552 C CA  . ILE B 25 ? 0.0704 0.0377 0.0368 0.0251  0.0242  0.0131  25   ILE B CA  
553 C C   . ILE B 25 ? 0.0860 0.0377 0.0361 0.0244  0.0239  0.0100  25   ILE B C   
554 O O   . ILE B 25 ? 0.0972 0.0418 0.0484 0.0250  0.0329  0.0136  25   ILE B O   
555 C CB  . ILE B 25 ? 0.0912 0.0396 0.0437 0.0250  0.0301  0.0124  25   ILE B CB  
556 C CG1 . ILE B 25 ? 0.1012 0.0645 0.0718 0.0285  0.0346  0.0188  25   ILE B CG1 
557 C CG2 . ILE B 25 ? 0.1337 0.0572 0.0706 0.0249  0.0424  0.0135  25   ILE B CG2 
558 C CD1 . ILE B 25 ? 0.1171 0.0580 0.0725 0.0278  0.0429  0.0173  25   ILE B CD1 
559 N N   . SER B 26 ? 0.0615 0.0449 0.0387 0.0141  0.0119  0.0180  26   SER B N   
560 C CA  . SER B 26 ? 0.0682 0.0494 0.0431 0.0151  0.0091  0.0217  26   SER B CA  
561 C C   . SER B 26 ? 0.0670 0.0481 0.0488 0.0150  0.0108  0.0247  26   SER B C   
562 O O   . SER B 26 ? 0.0767 0.0555 0.0558 0.0145  0.0090  0.0291  26   SER B O   
563 C CB  . SER B 26 ? 0.0782 0.0598 0.0569 0.0152  0.0031  0.0211  26   SER B CB  
564 O OG  . SER B 26 ? 0.1150 0.1005 0.1075 0.0156  0.0023  0.0196  26   SER B OG  
565 N N   . GLU B 27 ? 0.0660 0.0502 0.0570 0.0144  0.0131  0.0215  27   GLU B N   
566 C CA  . GLU B 27 ? 0.0591 0.0423 0.0581 0.0138  0.0141  0.0225  27   GLU B CA  
567 C C   . GLU B 27 ? 0.0577 0.0427 0.0542 0.0122  0.0187  0.0236  27   GLU B C   
568 O O   . GLU B 27 ? 0.0622 0.0474 0.0664 0.0107  0.0195  0.0233  27   GLU B O   
569 C CB  . GLU B 27 ? 0.0536 0.0408 0.0648 0.0145  0.0135  0.0164  27   GLU B CB  
570 C CG  . GLU B 27 ? 0.0657 0.0528 0.0842 0.0168  0.0087  0.0149  27   GLU B CG  
571 C CD  . GLU B 27 ? 0.0513 0.0458 0.0820 0.0182  0.0094  0.0070  27   GLU B CD  
572 O OE1 . GLU B 27 ? 0.0553 0.0498 0.0927 0.0183  0.0107  0.0032  27   GLU B OE1 
573 O OE2 . GLU B 27 ? 0.0512 0.0528 0.0853 0.0187  0.0085  0.0040  27   GLU B OE2 
574 N N   . LYS B 28 ? 0.0576 0.0455 0.0458 0.0122  0.0202  0.0227  28   LYS B N   
575 C CA  . LYS B 28 ? 0.0577 0.0499 0.0461 0.0111  0.0222  0.0216  28   LYS B CA  
576 C C   . LYS B 28 ? 0.0495 0.0453 0.0427 0.0109  0.0231  0.0181  28   LYS B C   
577 O O   . LYS B 28 ? 0.0566 0.0560 0.0531 0.0096  0.0242  0.0179  28   LYS B O   
578 C CB  . LYS B 28 ? 0.0624 0.0548 0.0528 0.0085  0.0228  0.0262  28   LYS B CB  
579 C CG  . LYS B 28 ? 0.0720 0.0613 0.0559 0.0076  0.0204  0.0305  28   LYS B CG  
580 C CD  . LYS B 28 ? 0.1000 0.0883 0.0854 0.0036  0.0202  0.0364  28   LYS B CD  
581 C CE  . LYS B 28 ? 0.1009 0.0964 0.0870 0.0013  0.0241  0.0361  28   LYS B CE  
582 N NZ  . LYS B 28 ? 0.1154 0.1096 0.1011 -0.0037 0.0242  0.0428  28   LYS B NZ  
583 N N   . PHE B 29 ? 0.0460 0.0416 0.0389 0.0115  0.0221  0.0155  29   PHE B N   
584 C CA  . PHE B 29 ? 0.0446 0.0439 0.0389 0.0105  0.0212  0.0127  29   PHE B CA  
585 C C   . PHE B 29 ? 0.0648 0.0622 0.0541 0.0119  0.0199  0.0125  29   PHE B C   
586 O O   . PHE B 29 ? 0.0669 0.0605 0.0515 0.0136  0.0198  0.0133  29   PHE B O   
587 C CB  . PHE B 29 ? 0.0483 0.0510 0.0465 0.0091  0.0213  0.0102  29   PHE B CB  
588 C CG  . PHE B 29 ? 0.0509 0.0557 0.0568 0.0087  0.0235  0.0085  29   PHE B CG  
589 C CD1 . PHE B 29 ? 0.0793 0.0801 0.0903 0.0100  0.0232  0.0091  29   PHE B CD1 
590 C CD2 . PHE B 29 ? 0.0813 0.0914 0.0908 0.0071  0.0238  0.0055  29   PHE B CD2 
591 C CE1 . PHE B 29 ? 0.1006 0.1000 0.1209 0.0096  0.0220  0.0062  29   PHE B CE1 
592 C CE2 . PHE B 29 ? 0.0946 0.1054 0.1138 0.0068  0.0250  0.0020  29   PHE B CE2 
593 C CZ  . PHE B 29 ? 0.0984 0.1025 0.1230 0.0078  0.0230  0.0022  29   PHE B CZ  
594 N N   . THR B 30 ? 0.0475 0.0469 0.0370 0.0114  0.0192  0.0121  30   THR B N   
595 C CA  . THR B 30 ? 0.0505 0.0463 0.0355 0.0139  0.0192  0.0134  30   THR B CA  
596 C C   . THR B 30 ? 0.0721 0.0664 0.0551 0.0115  0.0181  0.0147  30   THR B C   
597 O O   . THR B 30 ? 0.0851 0.0723 0.0628 0.0127  0.0171  0.0167  30   THR B O   
598 C CB  . THR B 30 ? 0.0635 0.0616 0.0490 0.0168  0.0202  0.0145  30   THR B CB  
599 O OG1 . THR B 30 ? 0.0858 0.0900 0.0746 0.0143  0.0194  0.0149  30   THR B OG1 
600 C CG2 . THR B 30 ? 0.0720 0.0731 0.0598 0.0176  0.0214  0.0135  30   THR B CG2 
601 N N   . ASP B 31 ? 0.0541 0.0426 0.0643 0.0192  0.0309  0.0150  31   ASP B N   
602 C CA  A ASP B 31 ? 0.0600 0.0376 0.0624 0.0190  0.0343  0.0189  31   ASP B CA  
603 C CA  B ASP B 31 ? 0.0614 0.0383 0.0635 0.0188  0.0345  0.0189  31   ASP B CA  
604 C C   . ASP B 31 ? 0.0590 0.0420 0.0647 0.0121  0.0252  0.0102  31   ASP B C   
605 O O   . ASP B 31 ? 0.0483 0.0408 0.0576 0.0096  0.0177  0.0029  31   ASP B O   
606 C CB  A ASP B 31 ? 0.1506 0.1384 0.1485 0.0329  0.0374  0.0286  31   ASP B CB  
607 C CB  B ASP B 31 ? 0.0935 0.0767 0.0891 0.0331  0.0398  0.0299  31   ASP B CB  
608 C CG  A ASP B 31 ? 0.1911 0.1777 0.1808 0.0460  0.0474  0.0402  31   ASP B CG  
609 C CG  B ASP B 31 ? 0.2607 0.2256 0.2454 0.0322  0.0470  0.0291  31   ASP B CG  
610 O OD1 A ASP B 31 ? 0.2059 0.2191 0.2056 0.0529  0.0438  0.0417  31   ASP B OD1 
611 O OD1 B ASP B 31 ? 0.1121 0.0701 0.0980 0.0211  0.0451  0.0205  31   ASP B OD1 
612 O OD2 A ASP B 31 ? 0.1392 0.1055 0.1170 0.0473  0.0559  0.0405  31   ASP B OD2 
613 O OD2 B ASP B 31 ? 0.3106 0.2714 0.2841 0.0445  0.0551  0.0374  31   ASP B OD2 
614 N N   . GLY B 32 ? 0.0695 0.0470 0.0716 0.0102  0.0275  0.0107  32   GLY B N   
615 C CA  . GLY B 32 ? 0.0563 0.0392 0.0596 0.0081  0.0206  0.0054  32   GLY B CA  
616 C C   . GLY B 32 ? 0.0582 0.0363 0.0574 0.0112  0.0257  0.0096  32   GLY B C   
617 O O   . GLY B 32 ? 0.0799 0.0494 0.0750 0.0122  0.0327  0.0123  32   GLY B O   
618 N N   . HIS B 33 ? 0.0412 0.0257 0.0399 0.0132  0.0200  0.0066  33   HIS B N   
619 C CA  . HIS B 33 ? 0.0507 0.0300 0.0451 0.0158  0.0251  0.0100  33   HIS B CA  
620 C C   . HIS B 33 ? 0.0441 0.0296 0.0399 0.0149  0.0193  0.0036  33   HIS B C   
621 O O   . HIS B 33 ? 0.0417 0.0326 0.0369 0.0146  0.0119  -0.0012 33   HIS B O   
622 C CB  . HIS B 33 ? 0.0676 0.0496 0.0537 0.0256  0.0277  0.0185  33   HIS B CB  
623 C CG  . HIS B 33 ? 0.0693 0.0680 0.0562 0.0287  0.0186  0.0161  33   HIS B CG  
624 N ND1 . HIS B 33 ? 0.0606 0.0737 0.0524 0.0295  0.0144  0.0156  33   HIS B ND1 
625 C CD2 . HIS B 33 ? 0.0827 0.0858 0.0608 0.0332  0.0163  0.0167  33   HIS B CD2 
626 C CE1 . HIS B 33 ? 0.0692 0.1019 0.0567 0.0329  0.0088  0.0155  33   HIS B CE1 
627 N NE2 . HIS B 33 ? 0.0786 0.1022 0.0572 0.0362  0.0102  0.0147  33   HIS B NE2 
628 N N   . CYS B 34 ? 0.0520 0.0339 0.0471 0.0151  0.0248  0.0039  34   CYS B N   
629 C CA  . CYS B 34 ? 0.0499 0.0406 0.0457 0.0167  0.0216  -0.0013 34   CYS B CA  
630 C C   . CYS B 34 ? 0.0568 0.0440 0.0417 0.0228  0.0207  0.0041  34   CYS B C   
631 O O   . CYS B 34 ? 0.0879 0.0682 0.0670 0.0265  0.0257  0.0110  34   CYS B O   
632 C CB  . CYS B 34 ? 0.0619 0.0572 0.0627 0.0132  0.0293  -0.0056 34   CYS B CB  
633 S SG  . CYS B 34 ? 0.0788 0.0790 0.0879 0.0038  0.0323  -0.0118 34   CYS B SG  
634 N N   . SER B 35 ? 0.0715 0.0600 0.0487 0.0256  0.0148  0.0022  35   SER B N   
635 C CA  . SER B 35 ? 0.0841 0.0668 0.0474 0.0316  0.0139  0.0063  35   SER B CA  
636 C C   . SER B 35 ? 0.0943 0.0762 0.0574 0.0339  0.0203  0.0064  35   SER B C   
637 O O   . SER B 35 ? 0.1010 0.0917 0.0723 0.0327  0.0224  0.0011  35   SER B O   
638 C CB  . SER B 35 ? 0.1196 0.0939 0.0705 0.0346  0.0061  0.0041  35   SER B CB  
639 O OG  . SER B 35 ? 0.1261 0.0983 0.0742 0.0355  0.0042  0.0020  35   SER B OG  
640 N N   . LYS B 36 ? 0.1194 0.0925 0.0726 0.0393  0.0246  0.0123  36   LYS B N   
641 C CA  . LYS B 36 ? 0.1189 0.0895 0.0689 0.0412  0.0311  0.0119  36   LYS B CA  
642 C C   . LYS B 36 ? 0.1480 0.1165 0.0880 0.0459  0.0263  0.0101  36   LYS B C   
643 O O   . LYS B 36 ? 0.1581 0.1174 0.0874 0.0487  0.0184  0.0100  36   LYS B O   
644 C CB  . LYS B 36 ? 0.1610 0.1154 0.0973 0.0485  0.0370  0.0196  36   LYS B CB  
645 C CG  . LYS B 36 ? 0.2089 0.1557 0.1495 0.0463  0.0457  0.0230  36   LYS B CG  
646 C CD  . LYS B 36 ? 0.3446 0.2713 0.2694 0.0557  0.0537  0.0291  36   LYS B CD  
647 C CE  . LYS B 36 ? 0.2973 0.2348 0.2162 0.0650  0.0453  0.0287  36   LYS B CE  
648 N NZ  . LYS B 36 ? 0.4686 0.4204 0.3949 0.0671  0.0425  0.0292  36   LYS B NZ  
649 N N   . ILE B 37 ? 0.1506 0.1330 0.0845 0.0086  0.0243  -0.0093 37   ILE B N   
650 C CA  . ILE B 37 ? 0.1556 0.1193 0.0774 0.0124  0.0326  -0.0150 37   ILE B CA  
651 C C   . ILE B 37 ? 0.1588 0.1104 0.0909 0.0157  0.0363  -0.0151 37   ILE B C   
652 O O   . ILE B 37 ? 0.1611 0.1155 0.1043 0.0269  0.0445  -0.0070 37   ILE B O   
653 C CB  . ILE B 37 ? 0.1811 0.1323 0.0746 0.0038  0.0292  -0.0255 37   ILE B CB  
654 C CG1 . ILE B 37 ? 0.2154 0.1857 0.0990 0.0041  0.0259  -0.0215 37   ILE B CG1 
655 C CG2 . ILE B 37 ? 0.2344 0.1570 0.1124 0.0101  0.0415  -0.0292 37   ILE B CG2 
656 C CD1 . ILE B 37 ? 0.3309 0.2960 0.1853 -0.0036 0.0205  -0.0309 37   ILE B CD1 
657 N N   . LEU B 38 ? 0.1380 0.0807 0.0678 0.0062  0.0299  -0.0210 38   LEU B N   
658 C CA  . LEU B 38 ? 0.1304 0.0618 0.0683 0.0102  0.0342  -0.0181 38   LEU B CA  
659 C C   . LEU B 38 ? 0.1033 0.0562 0.0668 0.0160  0.0315  -0.0098 38   LEU B C   
660 O O   . LEU B 38 ? 0.1140 0.0690 0.0872 0.0238  0.0350  -0.0025 38   LEU B O   
661 C CB  . LEU B 38 ? 0.1672 0.0831 0.0945 -0.0043 0.0295  -0.0253 38   LEU B CB  
662 C CG  . LEU B 38 ? 0.2390 0.1302 0.1387 -0.0140 0.0327  -0.0337 38   LEU B CG  
663 C CD1 . LEU B 38 ? 0.3002 0.1834 0.1945 -0.0318 0.0279  -0.0382 38   LEU B CD1 
664 C CD2 . LEU B 38 ? 0.3447 0.2089 0.2306 -0.0001 0.0489  -0.0301 38   LEU B CD2 
665 N N   . ARG B 39 ? 0.0753 0.0478 0.0501 0.0102  0.0224  -0.0083 39   ARG B N   
666 C CA  . ARG B 39 ? 0.0590 0.0490 0.0537 0.0102  0.0169  -0.0015 39   ARG B CA  
667 C C   . ARG B 39 ? 0.0560 0.0418 0.0543 0.0100  0.0147  -0.0011 39   ARG B C   
668 O O   . ARG B 39 ? 0.0727 0.0703 0.0810 0.0140  0.0138  0.0053  39   ARG B O   
669 C CB  . ARG B 39 ? 0.0707 0.0790 0.0788 0.0151  0.0210  0.0072  39   ARG B CB  
670 C CG  . ARG B 39 ? 0.0720 0.0854 0.0777 0.0159  0.0265  0.0098  39   ARG B CG  
671 C CD  . ARG B 39 ? 0.1016 0.1107 0.1008 0.0085  0.0220  0.0080  39   ARG B CD  
672 N NE  . ARG B 39 ? 0.0670 0.0761 0.0729 0.0003  0.0160  0.0091  39   ARG B NE  
673 C CZ  . ARG B 39 ? 0.0721 0.0716 0.0718 -0.0030 0.0171  0.0114  39   ARG B CZ  
674 N NH1 . ARG B 39 ? 0.1088 0.1071 0.1011 0.0010  0.0223  0.0159  39   ARG B NH1 
675 N NH2 . ARG B 39 ? 0.0748 0.0616 0.0712 -0.0092 0.0152  0.0101  39   ARG B NH2 
676 N N   . ARG B 40 ? 0.0707 0.0446 0.0607 0.0038  0.0131  -0.0063 40   ARG B N   
677 C CA  . ARG B 40 ? 0.0559 0.0259 0.0490 0.0025  0.0125  -0.0043 40   ARG B CA  
678 C C   . ARG B 40 ? 0.0626 0.0465 0.0628 -0.0004 0.0063  -0.0022 40   ARG B C   
679 O O   . ARG B 40 ? 0.0740 0.0663 0.0747 -0.0020 0.0035  -0.0022 40   ARG B O   
680 C CB  . ARG B 40 ? 0.1040 0.0526 0.0846 -0.0061 0.0167  -0.0096 40   ARG B CB  
681 C CG  . ARG B 40 ? 0.1266 0.0550 0.0943 0.0019  0.0269  -0.0094 40   ARG B CG  
682 C CD  . ARG B 40 ? 0.2131 0.1179 0.1621 -0.0086 0.0314  -0.0156 40   ARG B CD  
683 N NE  . ARG B 40 ? 0.2059 0.0886 0.1399 0.0020  0.0444  -0.0132 40   ARG B NE  
684 C CZ  . ARG B 40 ? 0.3311 0.1823 0.2420 -0.0042 0.0535  -0.0174 40   ARG B CZ  
685 N NH1 . ARG B 40 ? 0.3344 0.1783 0.2386 -0.0237 0.0483  -0.0246 40   ARG B NH1 
686 N NH2 . ARG B 40 ? 0.3575 0.1847 0.2514 0.0084  0.0687  -0.0132 40   ARG B NH2 
687 N N   . CYS B 41 ? 0.0474 0.0317 0.0495 0.0024  0.0067  0.0017  41   CYS B N   
688 C CA  . CYS B 41 ? 0.0367 0.0266 0.0389 0.0031  0.0060  0.0041  41   CYS B CA  
689 C C   . CYS B 41 ? 0.0395 0.0353 0.0474 -0.0018 0.0081  0.0072  41   CYS B C   
690 O O   . CYS B 41 ? 0.0483 0.0360 0.0559 -0.0049 0.0116  0.0090  41   CYS B O   
691 C CB  . CYS B 41 ? 0.0507 0.0378 0.0459 0.0072  0.0060  0.0062  41   CYS B CB  
692 S SG  . CYS B 41 ? 0.0572 0.0406 0.0425 0.0122  0.0113  0.0089  41   CYS B SG  
693 N N   . LEU B 42 ? 0.0678 0.0397 0.0376 0.0238  0.0119  0.0044  42   LEU B N   
694 C CA  . LEU B 42 ? 0.0645 0.0347 0.0320 0.0235  0.0082  0.0024  42   LEU B CA  
695 C C   . LEU B 42 ? 0.0657 0.0404 0.0323 0.0203  0.0098  0.0053  42   LEU B C   
696 O O   . LEU B 42 ? 0.0754 0.0556 0.0470 0.0182  0.0106  0.0067  42   LEU B O   
697 C CB  . LEU B 42 ? 0.0761 0.0454 0.0367 0.0286  0.0067  0.0005  42   LEU B CB  
698 C CG  . LEU B 42 ? 0.0833 0.0507 0.0454 0.0333  0.0070  -0.0059 42   LEU B CG  
699 C CD1 . LEU B 42 ? 0.1135 0.0841 0.0668 0.0395  0.0056  -0.0103 42   LEU B CD1 
700 C CD2 . LEU B 42 ? 0.0969 0.0585 0.0718 0.0320  0.0041  -0.0131 42   LEU B CD2 
701 N N   . CYS B 43 ? 0.0571 0.0308 0.0298 0.0182  0.0078  0.0039  43   CYS B N   
702 C CA  . CYS B 43 ? 0.0626 0.0416 0.0372 0.0165  0.0097  0.0054  43   CYS B CA  
703 C C   . CYS B 43 ? 0.0681 0.0485 0.0461 0.0178  0.0071  0.0038  43   CYS B C   
704 O O   . CYS B 43 ? 0.0882 0.0603 0.0662 0.0202  0.0037  0.0006  43   CYS B O   
705 C CB  . CYS B 43 ? 0.0612 0.0374 0.0420 0.0144  0.0079  0.0082  43   CYS B CB  
706 S SG  . CYS B 43 ? 0.0743 0.0494 0.0548 0.0158  0.0070  0.0092  43   CYS B SG  
707 N N   . THR B 44 ? 0.0625 0.0510 0.0426 0.0188  0.0083  0.0048  44   THR B N   
708 C CA  . THR B 44 ? 0.0634 0.0605 0.0482 0.0234  0.0070  0.0010  44   THR B CA  
709 C C   . THR B 44 ? 0.0472 0.0612 0.0421 0.0212  0.0114  -0.0006 44   THR B C   
710 O O   . THR B 44 ? 0.0421 0.0562 0.0383 0.0171  0.0128  0.0000  44   THR B O   
711 C CB  . THR B 44 ? 0.0761 0.0749 0.0568 0.0261  0.0042  0.0012  44   THR B CB  
712 O OG1 . THR B 44 ? 0.0944 0.0913 0.0729 0.0259  0.0072  0.0051  44   THR B OG1 
713 C CG2 . THR B 44 ? 0.1091 0.1000 0.0770 0.0289  0.0027  0.0018  44   THR B CG2 
714 N N   . LYS B 45 ? 0.0404 0.0726 0.0458 0.0192  0.0107  -0.0049 45   LYS B N   
715 C CA  . LYS B 45 ? 0.0369 0.0942 0.0566 0.0146  0.0153  -0.0083 45   LYS B CA  
716 C C   . LYS B 45 ? 0.0559 0.1328 0.0922 0.0144  0.0090  -0.0160 45   LYS B C   
717 O O   . LYS B 45 ? 0.0471 0.1160 0.0820 0.0132  0.0006  -0.0184 45   LYS B O   
718 C CB  . LYS B 45 ? 0.0423 0.1068 0.0615 -0.0002 0.0225  -0.0020 45   LYS B CB  
719 C CG  . LYS B 45 ? 0.0733 0.1296 0.0980 -0.0139 0.0193  0.0028  45   LYS B CG  
720 C CD  . LYS B 45 ? 0.1076 0.1672 0.1302 -0.0287 0.0272  0.0150  45   LYS B CD  
721 C CE  . LYS B 45 ? 0.1800 0.2302 0.2165 -0.0442 0.0248  0.0198  45   LYS B CE  
722 N NZ  . LYS B 45 ? 0.1602 0.2145 0.1976 -0.0549 0.0337  0.0308  45   LYS B NZ  
723 N N   . PRO B 46 ? 0.0410 0.1333 0.0886 0.0139  0.0103  -0.0200 46   PRO B N   
724 C CA  . PRO B 46 ? 0.0453 0.1600 0.1122 0.0110  0.0048  -0.0279 46   PRO B CA  
725 C C   . PRO B 46 ? 0.1072 0.2333 0.1881 -0.0084 0.0085  -0.0272 46   PRO B C   
726 O O   . PRO B 46 ? 0.1150 0.2381 0.1906 -0.0187 0.0189  -0.0187 46   PRO B O   
727 C CB  . PRO B 46 ? 0.0921 0.2174 0.1666 0.0137  0.0085  -0.0309 46   PRO B CB  
728 C CG  . PRO B 46 ? 0.1121 0.2174 0.1722 0.0198  0.0124  -0.0263 46   PRO B CG  
729 C CD  . PRO B 46 ? 0.0668 0.1546 0.1113 0.0155  0.0154  -0.0192 46   PRO B CD  
730 N N   . CYS B 47 ? 0.1434 0.2743 0.2382 -0.0145 -0.0011 -0.0345 47   CYS B N   
731 C CA  . CYS B 47 ? 0.1540 0.2825 0.2631 -0.0363 0.0023  -0.0317 47   CYS B CA  
732 C C   . CYS B 47 ? 0.2042 0.3520 0.3272 -0.0448 0.0119  -0.0279 47   CYS B C   
733 O O   . CYS B 47 ? 0.2340 0.4016 0.3655 -0.0356 0.0103  -0.0356 47   CYS B O   
734 C CB  . CYS B 47 ? 0.1422 0.2659 0.2630 -0.0393 -0.0118 -0.0437 47   CYS B CB  
735 S SG  . CYS B 47 ? 0.1661 0.2539 0.2578 -0.0257 -0.0231 -0.0466 47   CYS B SG  
736 O OXT . CYS B 47 ? 0.3075 0.4498 0.4337 -0.0601 0.0210  -0.0163 47   CYS B OXT 
737 C C1  . EDO C .  ? 0.1371 0.0865 0.0978 0.0254  -0.0274 0.0157  1048 EDO A C1  
738 O O1  . EDO C .  ? 0.1468 0.0799 0.0907 0.0332  -0.0286 0.0047  1048 EDO A O1  
739 C C2  . EDO C .  ? 0.1367 0.0848 0.0650 0.0208  -0.0115 0.0271  1048 EDO A C2  
740 O O2  . EDO C .  ? 0.1175 0.0699 0.0657 0.0103  -0.0011 0.0272  1048 EDO A O2  
741 C C1  . EDO D .  ? 0.3496 0.2785 0.3467 -0.0023 -0.0214 -0.0036 1049 EDO A C1  
742 O O1  . EDO D .  ? 0.3498 0.2906 0.3575 -0.0017 -0.0228 -0.0046 1049 EDO A O1  
743 C C2  . EDO D .  ? 0.3530 0.2695 0.3360 -0.0047 -0.0240 0.0040  1049 EDO A C2  
744 O O2  . EDO D .  ? 0.3592 0.2759 0.3283 -0.0112 -0.0248 0.0074  1049 EDO A O2  
745 C C1  . EDO E .  ? 0.2657 0.2059 0.3655 -0.0165 -0.0576 0.0100  1050 EDO A C1  
746 O O1  . EDO E .  ? 0.2790 0.2323 0.3720 -0.0172 -0.0559 0.0038  1050 EDO A O1  
747 C C2  . EDO E .  ? 0.2495 0.1511 0.3619 -0.0083 -0.0479 -0.0063 1050 EDO A C2  
748 O O2  . EDO E .  ? 0.2414 0.1175 0.3915 -0.0121 -0.0376 -0.0125 1050 EDO A O2  
749 P P   . PO4 F .  ? 0.0889 0.1342 0.1090 0.0194  0.0057  0.0435  1051 PO4 A P   
750 O O1  . PO4 F .  ? 0.1018 0.1330 0.0918 0.0219  0.0078  0.0424  1051 PO4 A O1  
751 O O2  . PO4 F .  ? 0.1235 0.1488 0.1013 -0.0025 0.0006  0.0356  1051 PO4 A O2  
752 O O3  . PO4 F .  ? 0.1043 0.1557 0.1973 0.0119  0.0004  0.0475  1051 PO4 A O3  
753 O O4  . PO4 F .  ? 0.1391 0.1474 0.1474 -0.0085 0.0111  0.0484  1051 PO4 A O4  
754 C C1  . EDO G .  ? 0.4799 0.2887 0.3897 -0.0419 0.0147  0.0203  1048 EDO B C1  
755 O O1  . EDO G .  ? 0.4841 0.2643 0.3962 -0.0499 0.0200  0.0200  1048 EDO B O1  
756 C C2  . EDO G .  ? 0.4778 0.2998 0.4058 -0.0384 0.0057  0.0188  1048 EDO B C2  
757 O O2  . EDO G .  ? 0.4762 0.3192 0.4249 -0.0430 -0.0043 0.0180  1048 EDO B O2  
763 O O   . HOH I .  ? 0.2961 0.6695 0.2732 0.1907  -0.0410 0.0296  2002 HOH A O   
764 O O   . HOH I .  ? 0.4111 0.1886 0.2872 -0.0337 0.0381  0.0463  2003 HOH A O   
770 O O   . HOH I .  ? 0.2270 0.1492 0.1034 -0.0314 -0.0353 -0.0172 2009 HOH A O   
775 O O   . HOH I .  ? 0.1257 0.0752 0.0804 -0.0180 0.0101  -0.0183 2014 HOH A O   
776 O O   . HOH I .  ? 0.2026 0.1624 0.2901 0.0413  -0.0838 -0.0819 2015 HOH A O   
777 O O   . HOH I .  ? 0.1573 0.1386 0.1776 -0.0360 -0.0115 0.0354  2016 HOH A O   
778 O O   . HOH I .  ? 0.4261 0.1495 0.4696 0.0676  0.0771  0.0130  2017 HOH A O   
779 O O   . HOH I .  ? 0.1962 0.1980 0.1718 -0.0260 -0.0100 -0.0002 2018 HOH A O   
781 O O   . HOH I .  ? 0.5142 0.4241 0.3188 0.1212  -0.0599 0.1222  2020 HOH A O   
782 O O   . HOH I .  ? 0.1112 0.1165 0.1040 -0.0127 0.0040  0.0138  2021 HOH A O   
783 O O   . HOH I .  ? 0.3075 0.1735 0.3475 -0.0854 0.1538  -0.0849 2022 HOH A O   
785 O O   . HOH I .  ? 0.3675 0.3498 0.2556 -0.0972 0.0906  -0.0553 2024 HOH A O   
786 O O   . HOH I .  ? 0.3216 0.3914 0.2819 0.0622  0.0854  0.1025  2025 HOH A O   
787 O O   . HOH I .  ? 0.1195 0.1432 0.1622 0.0343  0.0285  0.0035  2026 HOH A O   
789 O O   . HOH I .  ? 0.4299 0.6081 0.3755 -0.2627 -0.1497 0.2271  2028 HOH A O   
791 O O   . HOH I .  ? 0.1213 0.1622 0.2109 0.0223  0.0769  -0.0313 2030 HOH A O   
792 O O   . HOH I .  ? 0.0752 0.1558 0.1633 0.0412  0.0151  0.0577  2031 HOH A O   
793 O O   . HOH I .  ? 0.1664 0.2619 0.2491 0.0596  0.0009  -0.0588 2032 HOH A O   
794 O O   . HOH I .  ? 0.0934 0.0343 0.0943 0.0044  0.0052  0.0121  2033 HOH A O   
795 O O   . HOH I .  ? 0.1118 0.1946 0.1361 0.0279  0.0307  0.0018  2034 HOH A O   
797 O O   . HOH I .  ? 0.0967 0.1719 0.1220 0.0508  -0.0165 -0.0704 2036 HOH A O   
798 O O   . HOH I .  ? 0.1350 0.2080 0.4135 0.0204  0.0116  0.0517  2037 HOH A O   
799 O O   . HOH I .  ? 0.3536 0.3030 0.2030 -0.0747 0.1243  -0.0428 2038 HOH A O   
800 O O   . HOH I .  ? 0.2000 0.2225 0.3798 0.0869  0.1324  0.1493  2039 HOH A O   
801 O O   . HOH I .  ? 0.0745 0.0949 0.1087 0.0037  0.0024  -0.0065 2040 HOH A O   
802 O O   . HOH I .  ? 0.0932 0.1837 0.1743 0.0142  0.0098  0.0089  2041 HOH A O   
804 O O   . HOH I .  ? 0.1899 0.1320 0.1052 -0.0131 -0.0148 -0.0015 2043 HOH A O   
807 O O   . HOH I .  ? 0.2802 0.2354 0.1015 -0.0296 -0.0296 0.0287  2046 HOH A O   
808 O O   . HOH I .  ? 0.0920 0.0822 0.0887 0.0201  0.0106  0.0021  2047 HOH A O   
809 O O   . HOH I .  ? 0.4906 0.2983 0.2532 0.1020  0.0850  0.1270  2048 HOH A O   
811 O O   . HOH I .  ? 0.3581 0.4302 0.3107 -0.0433 0.0713  -0.1284 2050 HOH A O   
813 O O   . HOH I .  ? 0.3072 0.3480 0.3218 -0.0265 0.0211  0.0186  2052 HOH A O   
814 O O   . HOH I .  ? 0.3030 0.3731 0.1718 -0.1308 -0.0673 0.1001  2053 HOH A O   
815 O O   . HOH I .  ? 0.1568 0.0930 0.0835 0.0116  -0.0188 -0.0033 2054 HOH A O   
816 O O   . HOH I .  ? 0.0979 0.0512 0.0698 -0.0132 0.0202  -0.0113 2055 HOH A O   
817 O O   . HOH I .  ? 0.4266 0.2123 0.4047 -0.0848 0.1916  -0.0410 2056 HOH A O   
818 O O   . HOH I .  ? 0.2990 0.3501 0.1926 -0.0594 -0.0545 0.1319  2057 HOH A O   
819 O O   . HOH I .  ? 0.2798 0.2910 0.0787 -0.0015 0.0296  -0.0155 2058 HOH A O   
820 O O   . HOH I .  ? 0.1457 0.1741 0.1086 -0.0126 0.0272  0.0065  2059 HOH A O   
821 O O   . HOH I .  ? 0.4791 0.2446 0.4758 -0.1077 -0.0260 0.0336  2060 HOH A O   
824 O O   . HOH I .  ? 0.1560 0.5146 0.2695 0.0734  0.0216  -0.0509 2063 HOH A O   
825 O O   . HOH I .  ? 0.3649 0.4022 0.3974 0.1241  -0.2021 -0.1520 2064 HOH A O   
826 O O   . HOH I .  ? 0.1883 0.2633 0.2588 -0.0447 0.0714  0.0122  2065 HOH A O   
829 O O   . HOH I .  ? 0.3442 0.2527 0.2391 -0.0161 0.0207  -0.0447 2068 HOH A O   
830 O O   . HOH I .  ? 0.1395 0.1472 0.3343 0.0282  0.0529  0.1058  2069 HOH A O   
831 O O   . HOH I .  ? 0.0903 0.1052 0.0473 -0.0410 0.0187  -0.0255 2070 HOH A O   
832 O O   . HOH I .  ? 0.2778 0.2338 0.2807 -0.0489 -0.0595 0.1299  2071 HOH A O   
833 O O   . HOH I .  ? 0.1685 0.3590 0.1396 0.0639  0.0504  0.0661  2072 HOH A O   
834 O O   . HOH I .  ? 0.6895 0.3348 0.3329 0.1877  -0.0639 -0.1145 2073 HOH A O   
837 O O   . HOH I .  ? 0.1898 0.2363 0.3412 -0.0159 -0.0070 -0.0607 2076 HOH A O   
838 O O   . HOH I .  ? 0.1020 0.3100 0.1611 -0.0626 0.0077  -0.0028 2077 HOH A O   
839 O O   . HOH I .  ? 0.0862 0.1063 0.0934 -0.0247 -0.0324 0.0058  2078 HOH A O   
841 O O   . HOH J .  ? 0.1654 0.6434 0.2564 0.0103  0.0151  -0.0468 2001 HOH B O   
842 O O   . HOH J .  ? 0.2287 0.2700 0.2048 -0.0645 -0.0086 0.0120  2002 HOH B O   
845 O O   . HOH J .  ? 0.1466 0.1441 0.1814 0.0209  0.0200  -0.0013 2005 HOH B O   
848 O O   . HOH J .  ? 0.3236 0.2824 0.1071 0.0648  -0.0443 -0.0246 2008 HOH B O   
850 O O   . HOH J .  ? 0.2879 0.5566 0.3199 -0.0896 0.0975  -0.1871 2010 HOH B O   
852 O O   . HOH J .  ? 0.2673 0.2513 0.3034 -0.0288 -0.0508 -0.1485 2012 HOH B O   
853 O O   . HOH J .  ? 0.3282 0.0875 0.1478 -0.0228 -0.0294 0.0124  2013 HOH B O   
854 O O   . HOH J .  ? 0.1192 0.1430 0.1045 0.0288  -0.0012 0.0176  2014 HOH B O   
856 O O   . HOH J .  ? 0.1076 0.0814 0.1382 0.0325  0.0040  0.0372  2016 HOH B O   
858 O O   . HOH J .  ? 0.1368 0.1772 0.4325 -0.0050 -0.0842 -0.0081 2018 HOH B O   
859 O O   . HOH J .  ? 0.0969 0.0549 0.1412 0.0122  0.0293  -0.0140 2019 HOH B O   
860 O O   . HOH J .  ? 0.2855 0.4197 0.1717 -0.1050 -0.0574 -0.0507 2020 HOH B O   
861 O O   . HOH J .  ? 0.3945 0.1489 0.1894 0.0587  -0.1387 -0.0289 2021 HOH B O   
862 O O   . HOH J .  ? 0.1622 0.1315 0.1581 -0.0506 -0.0132 0.0196  2022 HOH B O   
863 O O   . HOH J .  ? 0.5310 0.2458 0.4430 -0.0042 -0.2663 -0.0475 2023 HOH B O   
864 O O   . HOH J .  ? 0.1588 0.5612 0.1623 -0.0335 -0.0161 0.0618  2024 HOH B O   
865 O O   . HOH J .  ? 0.1890 0.2533 0.2737 -0.0572 -0.0389 0.0854  2025 HOH B O   
866 O O   . HOH J .  ? 0.0554 0.0599 0.0352 -0.0102 -0.0103 0.0236  2026 HOH B O   
868 O O   . HOH J .  ? 0.1850 0.1952 0.2882 -0.0049 -0.0205 -0.1039 2028 HOH B O   
869 O O   . HOH J .  ? 0.4580 0.1504 0.3817 -0.0152 0.1624  -0.0273 2029 HOH B O   
871 O O   . HOH J .  ? 0.2447 0.4737 0.1754 -0.0706 -0.0557 0.1021  2031 HOH B O   
872 O O   . HOH J .  ? 0.1832 0.1764 0.1087 -0.0609 0.0592  -0.0559 2032 HOH B O   
873 O O   . HOH J .  ? 0.1335 0.0573 0.0545 -0.0139 -0.0026 0.0004  2033 HOH B O   
874 O O   . HOH J .  ? 0.1645 0.1260 0.1700 -0.0004 0.0054  0.0335  2034 HOH B O   
875 O O   . HOH J .  ? 0.2050 0.1861 0.3153 0.0700  0.1313  0.0750  2035 HOH B O   
876 O O   . HOH J .  ? 0.0832 0.0915 0.0699 0.0337  0.0166  -0.0184 2036 HOH B O   
877 O O   . HOH J .  ? 0.2003 0.1351 0.2646 0.0026  0.0230  -0.0989 2037 HOH B O   
878 O O   . HOH J .  ? 0.1800 0.4411 0.1715 0.1041  -0.0487 -0.0866 2038 HOH B O   
879 O O   . HOH J .  ? 0.4853 0.3817 0.6388 -0.1386 -0.3111 0.1723  2039 HOH B O   
880 O O   . HOH J .  ? 0.2600 0.2472 0.2173 -0.0371 0.0209  0.1064  2040 HOH B O   
881 O O   . HOH J .  ? 0.2475 0.2888 0.5031 0.0721  0.0140  -0.0569 2041 HOH B O   
883 O O   . HOH J .  ? 0.2276 0.1184 0.0885 0.0326  0.0559  0.0261  2043 HOH B O   
884 O O   . HOH J .  ? 0.3257 0.2965 0.3994 -0.1623 -0.0515 -0.0746 2044 HOH B O   
885 O O   . HOH J .  ? 0.3678 0.5429 0.3494 -0.0187 -0.0344 0.1639  2045 HOH B O   
# 
